data_6UMX
#
_entry.id   6UMX
#
_cell.length_a   59.620
_cell.length_b   110.010
_cell.length_c   293.270
_cell.angle_alpha   90.000
_cell.angle_beta   90.000
_cell.angle_gamma   90.000
#
_symmetry.space_group_name_H-M   'P 21 21 21'
#
loop_
_entity.id
_entity.type
_entity.pdbx_description
1 polymer 'Growth/differentiation factor 8'
2 polymer 'GL29H4-16 Fab Light Chain,GL29H4-16 Fab Light Chain'
3 polymer 'GL29H4-16 Fab Heavy Chain,GL29H4-16 Fab Heavy Chain'
4 non-polymer GLYCEROL
5 water water
#
loop_
_entity_poly.entity_id
_entity_poly.type
_entity_poly.pdbx_seq_one_letter_code
_entity_poly.pdbx_strand_id
1 'polypeptide(L)'
;HHHHHHENLYFQSNENSEQKENVEKEGLCNACTWRQNTKSSRIEAIKIQILSKLRLETAPNISKDVIRQLLPKAPPLREL
IDQYDVQRADSSDGSLEDDDYHATTETIITMPTESDFLMQVDGKPKCCFFKFSSKIQYNKVVKAQLWIYLRPVETPTTVF
VQILRLIKPMKDGTRYTGIRSLKLDMNPGTGIWQSIDVKTVLQNWLKQPESNLGIEIKALDENGHDLAVTFPGPGEDGLN
PFLEVKVTDTPKASRADFGLDCDEHSTESRCCRYPLTVDFEAFGWDWIIAPKRYKANYCSGECEFVFLQKYPHTHLVHQA
NPRGSAGPCCTPTKMSPINMLYFNGKEQIIYGKIPAMVVDRCGCS
;
A,B
2 'polypeptide(L)'
;QPVLTQPPSASGTPGQRVTISCSGSSSNIGSNPVHWYQQLPGTAPKLLIYDDNQRPSGVPDRFSGSKSGTSASLVISGLQ
SDDEADYYCAAWDDSLNSVFGGGTKLTVLGQPKAAPSVTLFPPSSEELQANKATLVCLISDFYPGAVTVAWKADSSPVKA
GVETTTPSKQSNNKYAASSYLSLTPEQWKSHRSYSCQVTHEGSTVEKTVAPTECS
;
L,l
3 'polypeptide(L)'
;QIQLVQSGGGVVQPGRSLRLSCAASGFTFSSYGMHWVRQAPGKGLEWVAVISYDGSRKYYADSVKGRFTISRDNSKNTLY
LQMNSLRAEDTAVYYCARDLLVRFLYWSHYYGMDVWGQGTTVTVSSASTKGPSVFPLAPSSKSTSGGTAALGCLVKDYFP
EPVTVSWNSGALTSGVHTFPAVLQSSGLYSLSSVVTVPSSSLGTQTYICNVNHKPSNTKVDKKVEPKSC
;
H,h
#
loop_
_chem_comp.id
_chem_comp.type
_chem_comp.name
_chem_comp.formula
GOL non-polymer GLYCEROL 'C3 H8 O3'
#
# COMPACT_ATOMS: atom_id res chain seq x y z
N CYS A 32 -9.39 41.50 -56.45
CA CYS A 32 -10.86 41.43 -56.73
C CYS A 32 -11.81 40.72 -55.71
N THR A 33 -13.10 41.00 -55.93
CA THR A 33 -14.22 40.50 -55.11
C THR A 33 -15.28 39.74 -55.97
N TRP A 34 -14.77 38.79 -56.73
CA TRP A 34 -15.49 37.54 -57.07
C TRP A 34 -16.10 36.88 -55.80
N ARG A 35 -15.35 36.94 -54.70
CA ARG A 35 -15.69 36.31 -53.45
C ARG A 35 -17.02 36.72 -52.89
N GLN A 36 -17.36 38.02 -52.97
CA GLN A 36 -18.59 38.54 -52.36
C GLN A 36 -19.87 37.83 -52.88
N ASN A 37 -19.90 37.57 -54.18
CA ASN A 37 -21.01 36.81 -54.80
C ASN A 37 -21.14 35.37 -54.22
N THR A 38 -19.99 34.73 -54.04
CA THR A 38 -19.93 33.38 -53.47
C THR A 38 -20.23 33.33 -51.97
N LYS A 39 -19.95 34.44 -51.30
CA LYS A 39 -20.10 34.58 -49.84
C LYS A 39 -21.48 34.15 -49.29
N SER A 40 -22.56 34.60 -49.91
CA SER A 40 -23.89 34.20 -49.47
C SER A 40 -24.11 32.69 -49.60
N SER A 41 -23.59 32.07 -50.65
CA SER A 41 -23.74 30.61 -50.88
C SER A 41 -22.81 29.78 -49.97
N ARG A 42 -21.70 30.36 -49.51
CA ARG A 42 -20.91 29.69 -48.45
C ARG A 42 -21.64 29.63 -47.11
N ILE A 43 -22.34 30.71 -46.80
CA ILE A 43 -23.17 30.77 -45.61
C ILE A 43 -24.30 29.77 -45.69
N GLU A 44 -24.93 29.60 -46.85
CA GLU A 44 -25.99 28.62 -47.02
C GLU A 44 -25.46 27.19 -46.87
N ALA A 45 -24.23 26.97 -47.31
CA ALA A 45 -23.57 25.67 -47.15
C ALA A 45 -23.26 25.34 -45.70
N ILE A 46 -22.75 26.33 -44.95
CA ILE A 46 -22.45 26.12 -43.52
C ILE A 46 -23.73 25.85 -42.74
N LYS A 47 -24.82 26.54 -43.09
CA LYS A 47 -26.13 26.24 -42.49
C LYS A 47 -26.51 24.78 -42.63
N ILE A 48 -26.36 24.26 -43.85
CA ILE A 48 -26.66 22.87 -44.17
C ILE A 48 -25.77 21.92 -43.39
N GLN A 49 -24.48 22.27 -43.29
CA GLN A 49 -23.53 21.41 -42.62
C GLN A 49 -23.82 21.36 -41.13
N ILE A 50 -24.23 22.49 -40.54
CA ILE A 50 -24.56 22.55 -39.09
C ILE A 50 -25.72 21.64 -38.75
N LEU A 51 -26.80 21.73 -39.51
CA LEU A 51 -27.93 20.82 -39.36
C LEU A 51 -27.52 19.35 -39.46
N SER A 52 -26.69 19.02 -40.45
CA SER A 52 -26.18 17.66 -40.61
C SER A 52 -25.30 17.22 -39.45
N LYS A 53 -24.41 18.04 -38.97
CA LYS A 53 -23.61 17.63 -37.79
C LYS A 53 -24.41 17.45 -36.49
N LEU A 54 -25.44 18.26 -36.31
CA LEU A 54 -26.38 18.10 -35.17
C LEU A 54 -27.47 17.02 -35.36
N ARG A 55 -27.48 16.37 -36.51
CA ARG A 55 -28.43 15.29 -36.78
C ARG A 55 -29.88 15.74 -36.85
N LEU A 56 -30.12 16.92 -37.41
CA LEU A 56 -31.46 17.48 -37.49
C LEU A 56 -31.81 17.64 -38.95
N GLU A 57 -32.94 17.08 -39.36
CA GLU A 57 -33.40 17.13 -40.75
C GLU A 57 -33.80 18.56 -41.08
N THR A 58 -34.43 19.25 -40.13
CA THR A 58 -34.77 20.64 -40.33
C THR A 58 -34.37 21.53 -39.14
N ALA A 59 -34.21 22.83 -39.37
CA ALA A 59 -34.05 23.79 -38.27
C ALA A 59 -35.32 23.83 -37.42
N PRO A 60 -35.19 23.71 -36.09
CA PRO A 60 -36.33 23.84 -35.20
C PRO A 60 -37.08 25.17 -35.33
N ASN A 61 -38.40 25.08 -35.28
CA ASN A 61 -39.30 26.22 -35.28
C ASN A 61 -39.66 26.42 -33.81
N ILE A 62 -38.97 27.36 -33.14
CA ILE A 62 -39.34 27.77 -31.78
C ILE A 62 -39.44 29.29 -31.73
N SER A 63 -40.57 29.86 -31.27
CA SER A 63 -40.71 31.33 -31.21
C SER A 63 -39.76 31.92 -30.16
N LYS A 64 -39.38 33.21 -30.31
CA LYS A 64 -38.52 33.84 -29.30
C LYS A 64 -39.19 33.93 -27.94
N ASP A 65 -40.52 34.08 -27.96
CA ASP A 65 -41.34 34.08 -26.74
C ASP A 65 -41.25 32.78 -25.95
N VAL A 66 -41.42 31.67 -26.66
CA VAL A 66 -41.26 30.33 -26.09
C VAL A 66 -39.84 30.07 -25.58
N ILE A 67 -38.82 30.52 -26.29
CA ILE A 67 -37.45 30.45 -25.79
C ILE A 67 -37.34 31.15 -24.45
N ARG A 68 -37.94 32.32 -24.36
CA ARG A 68 -37.89 33.12 -23.13
C ARG A 68 -38.53 32.35 -21.94
N GLN A 69 -39.68 31.74 -22.20
CA GLN A 69 -40.36 30.89 -21.23
C GLN A 69 -39.51 29.70 -20.76
N LEU A 70 -38.87 29.00 -21.70
CA LEU A 70 -38.19 27.75 -21.41
C LEU A 70 -36.74 27.90 -20.97
N LEU A 71 -36.00 28.85 -21.52
CA LEU A 71 -34.59 28.98 -21.16
C LEU A 71 -34.53 29.19 -19.66
N PRO A 72 -33.86 28.30 -18.90
CA PRO A 72 -33.78 28.47 -17.46
C PRO A 72 -32.79 29.49 -17.02
N LYS A 73 -33.16 30.32 -16.03
CA LYS A 73 -32.28 31.38 -15.53
C LYS A 73 -31.44 30.89 -14.36
N ALA A 74 -30.77 29.77 -14.53
CA ALA A 74 -30.19 29.00 -13.43
C ALA A 74 -28.68 28.85 -13.59
N PRO A 75 -27.93 28.61 -12.50
CA PRO A 75 -26.47 28.52 -12.58
C PRO A 75 -25.84 27.70 -13.71
N PRO A 76 -26.31 26.48 -13.99
CA PRO A 76 -25.67 25.69 -15.05
C PRO A 76 -25.78 26.34 -16.43
N LEU A 77 -26.89 27.03 -16.70
CA LEU A 77 -27.04 27.73 -17.98
C LEU A 77 -26.30 29.04 -18.01
N ARG A 78 -26.28 29.79 -16.91
CA ARG A 78 -25.43 31.00 -16.85
C ARG A 78 -23.94 30.66 -17.05
N GLU A 79 -23.48 29.58 -16.44
CA GLU A 79 -22.15 29.03 -16.73
C GLU A 79 -21.92 28.75 -18.20
N LEU A 80 -22.77 27.95 -18.83
CA LEU A 80 -22.59 27.65 -20.26
C LEU A 80 -22.67 28.90 -21.21
N ILE A 81 -23.55 29.86 -20.90
CA ILE A 81 -23.73 31.06 -21.71
C ILE A 81 -22.59 32.06 -21.50
N ASP A 82 -22.27 32.33 -20.24
CA ASP A 82 -21.21 33.33 -19.87
C ASP A 82 -19.77 32.92 -20.37
N GLN A 83 -19.53 31.61 -20.56
CA GLN A 83 -18.29 31.03 -21.13
C GLN A 83 -17.93 31.60 -22.47
N TYR A 84 -18.93 31.90 -23.32
CA TYR A 84 -18.67 32.46 -24.63
C TYR A 84 -17.99 33.84 -24.66
N ASP A 85 -18.20 34.68 -23.64
CA ASP A 85 -17.35 35.89 -23.45
C ASP A 85 -16.56 35.82 -22.14
N GLU A 97 -14.98 2.17 -35.95
CA GLU A 97 -15.63 3.10 -36.90
C GLU A 97 -15.90 4.56 -36.31
N ASP A 98 -14.88 5.10 -35.63
CA ASP A 98 -15.02 6.33 -34.80
C ASP A 98 -15.59 7.58 -35.58
N ASP A 99 -16.53 8.34 -34.97
CA ASP A 99 -17.10 9.56 -35.61
C ASP A 99 -16.45 10.91 -35.19
N ASP A 100 -15.80 11.55 -36.16
CA ASP A 100 -15.19 12.89 -36.05
C ASP A 100 -16.03 13.95 -36.80
N TYR A 101 -17.08 13.53 -37.52
CA TYR A 101 -17.93 14.47 -38.27
C TYR A 101 -19.06 15.04 -37.41
N HIS A 102 -19.81 14.14 -36.76
CA HIS A 102 -21.04 14.49 -36.06
C HIS A 102 -20.75 15.07 -34.68
N ALA A 103 -21.70 15.88 -34.21
CA ALA A 103 -21.50 16.61 -32.96
C ALA A 103 -21.69 15.68 -31.75
N THR A 104 -20.91 15.91 -30.71
CA THR A 104 -20.92 15.11 -29.51
C THR A 104 -21.60 15.86 -28.32
N THR A 105 -22.70 15.29 -27.81
CA THR A 105 -23.47 15.80 -26.69
C THR A 105 -22.74 15.70 -25.33
N GLU A 106 -22.45 16.82 -24.68
CA GLU A 106 -21.86 16.82 -23.33
C GLU A 106 -22.94 16.89 -22.22
N THR A 107 -23.94 17.75 -22.41
CA THR A 107 -24.99 17.96 -21.41
C THR A 107 -26.38 17.90 -22.06
N ILE A 108 -27.37 17.40 -21.35
CA ILE A 108 -28.76 17.44 -21.81
C ILE A 108 -29.64 18.02 -20.71
N ILE A 109 -30.41 19.02 -21.07
CA ILE A 109 -31.29 19.72 -20.17
C ILE A 109 -32.71 19.35 -20.57
N THR A 110 -33.51 18.71 -19.73
CA THR A 110 -34.88 18.33 -20.11
C THR A 110 -35.88 19.08 -19.26
N MET A 111 -36.78 19.84 -19.88
CA MET A 111 -37.90 20.45 -19.12
C MET A 111 -39.06 19.50 -19.05
N PRO A 112 -39.97 19.75 -18.11
CA PRO A 112 -41.06 18.79 -17.94
C PRO A 112 -42.07 18.76 -19.08
N THR A 113 -42.44 17.56 -19.52
CA THR A 113 -43.63 17.33 -20.34
C THR A 113 -44.89 17.74 -19.57
N GLU A 114 -45.84 18.38 -20.24
CA GLU A 114 -47.09 18.89 -19.61
C GLU A 114 -48.08 17.74 -19.18
N LYS A 126 -49.94 19.76 -9.63
CA LYS A 126 -49.19 18.54 -9.90
C LYS A 126 -48.39 18.68 -11.21
N CYS A 127 -47.05 18.57 -11.10
CA CYS A 127 -46.17 18.62 -12.27
C CYS A 127 -44.85 17.81 -12.13
N CYS A 128 -44.21 17.67 -13.26
CA CYS A 128 -42.86 17.19 -13.46
C CYS A 128 -42.87 15.70 -13.82
N PHE A 129 -43.17 15.42 -15.09
CA PHE A 129 -42.74 14.19 -15.77
C PHE A 129 -41.67 14.61 -16.81
N PHE A 130 -40.61 13.81 -16.94
CA PHE A 130 -39.52 14.10 -17.86
C PHE A 130 -39.46 12.99 -18.92
N LYS A 131 -39.30 13.38 -20.19
CA LYS A 131 -39.48 12.47 -21.34
C LYS A 131 -38.17 12.24 -22.06
N PHE A 132 -37.86 10.97 -22.30
CA PHE A 132 -36.58 10.59 -22.89
C PHE A 132 -36.60 9.62 -24.10
N SER A 133 -36.27 10.17 -25.25
CA SER A 133 -35.89 9.40 -26.44
C SER A 133 -34.35 9.13 -26.42
N SER A 134 -33.65 9.65 -25.40
CA SER A 134 -32.29 9.25 -25.03
C SER A 134 -32.15 7.74 -25.06
N LYS A 135 -31.07 7.25 -25.65
CA LYS A 135 -30.87 5.83 -25.84
C LYS A 135 -29.97 5.21 -24.76
N ILE A 136 -30.57 4.59 -23.73
CA ILE A 136 -29.87 3.76 -22.72
C ILE A 136 -28.65 4.55 -22.16
N GLN A 137 -27.45 3.97 -22.21
CA GLN A 137 -26.18 4.60 -21.76
C GLN A 137 -26.18 5.02 -20.28
N TYR A 138 -26.81 4.19 -19.43
CA TYR A 138 -26.89 4.51 -18.00
C TYR A 138 -25.52 4.58 -17.29
N ASN A 139 -24.63 3.65 -17.59
CA ASN A 139 -23.20 3.73 -17.18
C ASN A 139 -22.47 5.06 -17.60
N LYS A 140 -22.78 5.54 -18.80
CA LYS A 140 -22.18 6.76 -19.35
C LYS A 140 -22.70 8.09 -18.70
N VAL A 141 -23.91 8.07 -18.13
CA VAL A 141 -24.50 9.20 -17.45
C VAL A 141 -23.62 9.58 -16.27
N VAL A 142 -22.75 10.56 -16.47
CA VAL A 142 -21.77 11.01 -15.44
C VAL A 142 -22.44 11.68 -14.21
N LYS A 143 -23.51 12.43 -14.45
CA LYS A 143 -24.18 13.21 -13.40
C LYS A 143 -25.60 13.49 -13.85
N ALA A 144 -26.50 13.57 -12.88
CA ALA A 144 -27.88 13.93 -13.12
C ALA A 144 -28.33 14.76 -11.94
N GLN A 145 -28.81 15.97 -12.20
CA GLN A 145 -29.27 16.87 -11.15
C GLN A 145 -30.61 17.48 -11.51
N LEU A 146 -31.58 17.46 -10.60
CA LEU A 146 -32.85 18.14 -10.79
C LEU A 146 -32.65 19.53 -10.21
N TRP A 147 -32.89 20.58 -11.01
CA TRP A 147 -32.75 21.96 -10.55
C TRP A 147 -34.14 22.52 -10.28
N ILE A 148 -34.37 23.10 -9.09
CA ILE A 148 -35.65 23.76 -8.78
C ILE A 148 -35.40 25.08 -8.13
N TYR A 149 -36.28 26.04 -8.41
CA TYR A 149 -36.11 27.39 -7.85
C TYR A 149 -37.12 27.60 -6.78
N LEU A 150 -36.69 27.99 -5.60
CA LEU A 150 -37.57 28.21 -4.44
C LEU A 150 -37.81 29.71 -4.38
N ARG A 151 -39.07 30.12 -4.41
CA ARG A 151 -39.39 31.54 -4.53
C ARG A 151 -38.98 32.27 -3.24
N PRO A 152 -38.83 33.61 -3.32
CA PRO A 152 -38.52 34.40 -2.15
C PRO A 152 -39.54 34.28 -1.06
N VAL A 153 -39.10 34.35 0.18
CA VAL A 153 -40.01 34.44 1.33
C VAL A 153 -39.98 35.86 1.92
N GLU A 154 -40.98 36.20 2.74
CA GLU A 154 -41.08 37.55 3.26
C GLU A 154 -40.60 37.66 4.70
N THR A 155 -40.44 36.54 5.40
CA THR A 155 -39.84 36.51 6.75
C THR A 155 -38.76 35.49 6.74
N PRO A 156 -37.77 35.60 7.65
CA PRO A 156 -36.80 34.46 7.66
C PRO A 156 -37.52 33.16 7.99
N THR A 157 -37.46 32.15 7.13
CA THR A 157 -38.19 30.88 7.35
C THR A 157 -37.34 29.72 6.86
N THR A 158 -37.52 28.55 7.46
CA THR A 158 -36.83 27.36 7.11
C THR A 158 -37.74 26.65 6.13
N VAL A 159 -37.16 26.13 5.05
CA VAL A 159 -37.90 25.53 3.97
C VAL A 159 -37.50 24.07 3.85
N PHE A 160 -38.50 23.21 3.84
CA PHE A 160 -38.30 21.80 3.82
C PHE A 160 -38.67 21.38 2.45
N VAL A 161 -37.74 20.75 1.75
CA VAL A 161 -37.97 20.24 0.37
C VAL A 161 -37.96 18.74 0.40
N GLN A 162 -38.95 18.13 -0.24
CA GLN A 162 -38.96 16.67 -0.46
C GLN A 162 -39.27 16.35 -1.94
N ILE A 163 -38.48 15.44 -2.49
CA ILE A 163 -38.62 15.03 -3.85
C ILE A 163 -38.91 13.57 -3.81
N LEU A 164 -40.02 13.17 -4.42
CA LEU A 164 -40.51 11.79 -4.39
C LEU A 164 -40.57 11.19 -5.77
N ARG A 165 -40.03 9.99 -5.96
CA ARG A 165 -40.25 9.25 -7.20
C ARG A 165 -41.63 8.59 -7.10
N LEU A 166 -42.51 8.76 -8.11
CA LEU A 166 -43.77 8.03 -8.10
C LEU A 166 -43.53 6.56 -8.42
N ILE A 167 -44.27 5.66 -7.76
CA ILE A 167 -44.16 4.22 -8.02
C ILE A 167 -45.58 3.70 -8.36
N LYS A 168 -45.68 2.53 -9.00
CA LYS A 168 -46.98 1.81 -9.10
C LYS A 168 -47.60 1.62 -7.69
N PRO A 169 -48.90 2.05 -7.52
CA PRO A 169 -49.57 1.95 -6.22
C PRO A 169 -49.50 0.55 -5.60
N MET A 170 -49.20 0.49 -4.30
CA MET A 170 -49.34 -0.74 -3.50
C MET A 170 -50.32 -0.48 -2.35
N LYS A 171 -50.79 -1.56 -1.70
CA LYS A 171 -51.75 -1.40 -0.55
C LYS A 171 -51.12 -0.52 0.58
N ASP A 172 -49.91 -0.92 0.96
CA ASP A 172 -49.08 -0.23 1.96
C ASP A 172 -47.94 0.53 1.25
N GLY A 173 -47.62 1.73 1.76
CA GLY A 173 -46.60 2.62 1.15
C GLY A 173 -46.94 2.93 -0.29
N THR A 174 -48.17 3.37 -0.53
CA THR A 174 -48.67 3.61 -1.88
C THR A 174 -47.97 4.77 -2.60
N ARG A 175 -47.49 4.47 -3.81
CA ARG A 175 -47.07 5.44 -4.85
C ARG A 175 -45.92 6.46 -4.62
N TYR A 176 -45.14 6.37 -3.53
CA TYR A 176 -44.00 7.28 -3.33
C TYR A 176 -42.80 6.58 -2.75
N THR A 177 -41.61 6.94 -3.21
CA THR A 177 -40.40 6.22 -2.77
C THR A 177 -39.38 7.10 -2.01
N GLY A 178 -39.28 8.38 -2.33
CA GLY A 178 -38.27 9.21 -1.63
C GLY A 178 -36.92 9.18 -2.33
N ILE A 179 -36.39 10.36 -2.65
CA ILE A 179 -35.14 10.53 -3.41
C ILE A 179 -34.15 11.44 -2.68
N ARG A 180 -34.68 12.57 -2.20
CA ARG A 180 -33.92 13.49 -1.40
C ARG A 180 -34.92 14.32 -0.60
N SER A 181 -34.53 14.63 0.64
CA SER A 181 -35.24 15.55 1.52
C SER A 181 -34.19 16.55 2.01
N LEU A 182 -34.52 17.83 2.02
CA LEU A 182 -33.61 18.90 2.43
C LEU A 182 -34.30 19.87 3.36
N LYS A 183 -33.50 20.66 4.04
CA LYS A 183 -33.97 21.71 4.88
C LYS A 183 -33.02 22.84 4.66
N LEU A 184 -33.53 24.00 4.38
CA LEU A 184 -32.74 25.12 4.01
C LEU A 184 -33.24 26.35 4.79
N ASP A 185 -32.39 27.32 5.06
CA ASP A 185 -32.83 28.57 5.74
C ASP A 185 -32.87 29.68 4.75
N MET A 186 -34.01 30.35 4.55
CA MET A 186 -34.09 31.46 3.58
C MET A 186 -34.41 32.76 4.27
N ASN A 187 -33.84 33.80 3.65
CA ASN A 187 -34.01 35.18 4.07
C ASN A 187 -34.78 35.95 2.98
N PRO A 188 -35.46 37.05 3.39
CA PRO A 188 -36.33 37.69 2.45
C PRO A 188 -35.62 38.31 1.29
N GLY A 189 -36.36 38.35 0.17
CA GLY A 189 -35.98 39.12 -1.00
C GLY A 189 -35.23 38.37 -2.06
N THR A 190 -34.67 37.26 -1.66
CA THR A 190 -33.94 36.36 -2.54
C THR A 190 -34.65 34.97 -2.54
N GLY A 191 -34.80 34.43 -3.74
CA GLY A 191 -35.16 33.06 -3.93
C GLY A 191 -33.88 32.35 -4.31
N ILE A 192 -33.85 31.03 -4.26
CA ILE A 192 -32.63 30.30 -4.45
C ILE A 192 -32.84 29.04 -5.26
N TRP A 193 -31.84 28.72 -6.08
CA TRP A 193 -31.87 27.52 -6.92
C TRP A 193 -31.23 26.31 -6.21
N GLN A 194 -31.89 25.16 -6.24
CA GLN A 194 -31.47 23.98 -5.50
C GLN A 194 -31.25 22.85 -6.47
N SER A 195 -30.12 22.16 -6.33
CA SER A 195 -29.70 21.12 -7.25
C SER A 195 -29.70 19.77 -6.53
N ILE A 196 -30.52 18.83 -6.99
CA ILE A 196 -30.74 17.58 -6.28
C ILE A 196 -30.22 16.44 -7.12
N ASP A 197 -29.34 15.62 -6.54
CA ASP A 197 -28.76 14.48 -7.24
C ASP A 197 -29.83 13.40 -7.46
N VAL A 198 -30.02 13.01 -8.71
CA VAL A 198 -30.97 11.99 -9.10
C VAL A 198 -30.35 11.03 -10.12
N LYS A 199 -29.01 10.90 -10.10
CA LYS A 199 -28.31 9.96 -10.99
C LYS A 199 -28.81 8.52 -10.84
N THR A 200 -28.90 7.98 -9.61
CA THR A 200 -29.33 6.57 -9.46
C THR A 200 -30.79 6.40 -9.90
N VAL A 201 -31.64 7.40 -9.62
CA VAL A 201 -33.05 7.38 -10.07
C VAL A 201 -33.17 7.36 -11.60
N LEU A 202 -32.50 8.32 -12.24
CA LEU A 202 -32.53 8.43 -13.70
C LEU A 202 -32.02 7.16 -14.41
N GLN A 203 -30.95 6.55 -13.89
CA GLN A 203 -30.46 5.24 -14.38
C GLN A 203 -31.50 4.10 -14.33
N ASN A 204 -32.17 3.94 -13.19
CA ASN A 204 -33.35 3.03 -13.11
C ASN A 204 -34.37 3.33 -14.19
N TRP A 205 -34.62 4.59 -14.53
CA TRP A 205 -35.61 4.94 -15.56
C TRP A 205 -35.15 4.47 -16.92
N LEU A 206 -33.87 4.67 -17.23
CA LEU A 206 -33.33 4.19 -18.50
C LEU A 206 -33.33 2.66 -18.56
N LYS A 207 -32.87 2.05 -17.47
CA LYS A 207 -32.80 0.59 -17.36
C LYS A 207 -34.18 -0.05 -17.56
N GLN A 208 -35.24 0.58 -17.02
CA GLN A 208 -36.61 0.07 -17.08
C GLN A 208 -37.55 1.21 -17.34
N PRO A 209 -37.90 1.45 -18.63
CA PRO A 209 -38.93 2.52 -18.83
C PRO A 209 -40.27 1.93 -18.43
N GLU A 210 -41.25 2.80 -18.17
CA GLU A 210 -42.51 2.43 -17.44
C GLU A 210 -42.33 2.38 -15.89
N SER A 211 -41.07 2.36 -15.39
CA SER A 211 -40.75 2.66 -13.98
C SER A 211 -40.60 4.19 -13.76
N ASN A 212 -40.60 4.99 -14.84
CA ASN A 212 -40.68 6.44 -14.75
C ASN A 212 -42.13 6.95 -14.86
N LEU A 213 -42.70 7.22 -13.69
CA LEU A 213 -44.08 7.71 -13.51
C LEU A 213 -44.07 9.13 -13.00
N GLY A 214 -42.92 9.81 -13.09
CA GLY A 214 -42.81 11.23 -12.83
C GLY A 214 -42.17 11.43 -11.47
N ILE A 215 -42.19 12.67 -11.02
CA ILE A 215 -41.80 12.99 -9.67
C ILE A 215 -42.75 14.02 -9.14
N GLU A 216 -42.84 14.04 -7.81
CA GLU A 216 -43.62 14.99 -7.05
C GLU A 216 -42.61 15.89 -6.29
N ILE A 217 -42.86 17.20 -6.24
CA ILE A 217 -41.96 18.11 -5.52
C ILE A 217 -42.74 18.86 -4.46
N LYS A 218 -42.33 18.75 -3.19
CA LYS A 218 -42.93 19.51 -2.11
C LYS A 218 -41.91 20.39 -1.40
N ALA A 219 -42.35 21.60 -1.09
CA ALA A 219 -41.56 22.61 -0.49
C ALA A 219 -42.46 23.31 0.49
N LEU A 220 -42.10 23.40 1.75
CA LEU A 220 -43.00 24.00 2.71
C LEU A 220 -42.27 24.51 3.92
N ASP A 221 -42.93 25.40 4.66
CA ASP A 221 -42.34 26.01 5.85
C ASP A 221 -42.63 25.15 7.07
N GLU A 222 -42.19 25.56 8.25
CA GLU A 222 -42.35 24.73 9.47
C GLU A 222 -43.83 24.42 9.79
N ASN A 223 -44.72 25.34 9.45
CA ASN A 223 -46.12 25.19 9.84
C ASN A 223 -46.95 24.66 8.68
N GLY A 224 -46.35 24.20 7.60
CA GLY A 224 -47.05 23.40 6.64
C GLY A 224 -47.41 24.14 5.38
N HIS A 225 -47.28 25.47 5.36
CA HIS A 225 -47.76 26.30 4.24
C HIS A 225 -46.91 26.00 3.01
N ASP A 226 -47.51 26.06 1.83
CA ASP A 226 -47.02 25.35 0.66
C ASP A 226 -46.22 26.49 0.03
N LEU A 227 -45.13 26.30 -0.66
CA LEU A 227 -44.42 27.53 -1.19
C LEU A 227 -44.22 26.68 -2.51
N ALA A 228 -45.04 26.96 -3.50
CA ALA A 228 -44.95 26.34 -4.85
C ALA A 228 -43.64 26.62 -5.62
N VAL A 229 -43.16 25.58 -6.29
CA VAL A 229 -41.92 25.59 -7.09
C VAL A 229 -42.05 25.79 -8.64
N THR A 230 -43.27 25.68 -9.20
CA THR A 230 -43.54 25.85 -10.65
C THR A 230 -44.18 27.25 -10.87
N PHE A 231 -43.60 28.07 -11.73
CA PHE A 231 -43.98 29.48 -11.83
C PHE A 231 -44.80 29.72 -13.08
N PRO A 232 -46.14 29.93 -12.95
CA PRO A 232 -46.94 30.28 -14.13
C PRO A 232 -47.15 31.78 -14.36
N GLY A 233 -46.51 32.67 -13.59
CA GLY A 233 -46.76 34.13 -13.70
C GLY A 233 -46.32 34.77 -15.03
N PRO A 234 -46.89 35.96 -15.36
CA PRO A 234 -46.48 36.65 -16.62
C PRO A 234 -45.00 37.02 -16.62
N GLY A 235 -44.53 37.52 -15.48
CA GLY A 235 -43.14 37.93 -15.30
C GLY A 235 -42.18 36.75 -15.27
N GLU A 236 -42.66 35.60 -14.82
CA GLU A 236 -41.82 34.50 -14.33
C GLU A 236 -41.40 33.56 -15.46
N ASP A 237 -40.14 33.73 -15.90
CA ASP A 237 -39.53 33.06 -17.00
C ASP A 237 -38.28 32.33 -16.55
N GLY A 238 -38.12 31.11 -17.02
CA GLY A 238 -36.92 30.37 -16.76
C GLY A 238 -36.82 29.85 -15.36
N LEU A 239 -37.93 29.88 -14.63
CA LEU A 239 -37.94 29.50 -13.22
C LEU A 239 -38.55 28.13 -12.99
N ASN A 240 -38.98 27.42 -14.04
CA ASN A 240 -39.47 26.08 -13.83
C ASN A 240 -38.39 25.08 -13.50
N PRO A 241 -38.78 23.92 -13.00
CA PRO A 241 -37.81 22.85 -12.81
C PRO A 241 -37.22 22.35 -14.10
N PHE A 242 -36.06 21.72 -14.00
CA PHE A 242 -35.44 21.04 -15.11
C PHE A 242 -34.39 20.01 -14.66
N LEU A 243 -34.05 19.11 -15.56
CA LEU A 243 -33.14 18.03 -15.29
C LEU A 243 -31.83 18.26 -16.06
N GLU A 244 -30.71 18.32 -15.38
CA GLU A 244 -29.41 18.53 -16.02
C GLU A 244 -28.69 17.16 -16.00
N VAL A 245 -28.49 16.56 -17.15
CA VAL A 245 -27.76 15.29 -17.25
C VAL A 245 -26.46 15.45 -18.03
N LYS A 246 -25.34 15.15 -17.39
CA LYS A 246 -24.03 15.17 -18.08
C LYS A 246 -23.65 13.78 -18.55
N VAL A 247 -23.28 13.64 -19.83
CA VAL A 247 -23.01 12.35 -20.44
C VAL A 247 -21.65 12.36 -21.16
N THR A 248 -21.01 11.19 -21.24
CA THR A 248 -19.71 11.05 -21.88
C THR A 248 -19.83 10.27 -23.20
N ASP A 249 -21.05 10.07 -23.69
CA ASP A 249 -21.34 8.98 -24.61
C ASP A 249 -21.34 9.47 -26.06
N THR A 250 -21.95 8.67 -26.96
CA THR A 250 -22.03 8.91 -28.43
C THR A 250 -20.66 8.93 -29.16
N PRO A 251 -19.73 8.01 -28.76
CA PRO A 251 -18.47 7.98 -29.50
C PRO A 251 -18.64 7.60 -31.00
N LYS A 252 -19.54 6.67 -31.33
CA LYS A 252 -19.92 6.32 -32.72
C LYS A 252 -18.75 5.90 -33.63
N GLY A 259 -18.99 9.89 -46.95
CA GLY A 259 -18.73 10.28 -48.35
C GLY A 259 -18.90 9.18 -49.41
N LEU A 260 -18.37 9.38 -50.62
CA LEU A 260 -18.53 8.47 -51.78
C LEU A 260 -17.22 7.89 -52.31
N ASP A 261 -17.12 6.57 -52.47
CA ASP A 261 -15.90 5.88 -53.03
C ASP A 261 -16.32 5.05 -54.22
N CYS A 262 -15.48 4.96 -55.25
CA CYS A 262 -15.84 4.44 -56.58
C CYS A 262 -14.76 3.58 -57.18
N ASP A 263 -15.12 2.78 -58.18
CA ASP A 263 -14.14 2.09 -59.07
C ASP A 263 -13.47 3.06 -60.02
N GLU A 264 -12.25 2.75 -60.45
CA GLU A 264 -11.55 3.57 -61.46
C GLU A 264 -12.35 3.81 -62.75
N HIS A 265 -13.11 2.80 -63.17
CA HIS A 265 -13.90 2.85 -64.41
C HIS A 265 -15.37 3.17 -64.15
N SER A 266 -15.81 3.29 -62.89
CA SER A 266 -17.22 3.54 -62.59
C SER A 266 -17.62 4.97 -63.07
N THR A 267 -18.85 5.11 -63.57
CA THR A 267 -19.21 6.27 -64.39
C THR A 267 -19.51 7.57 -63.66
N GLU A 268 -19.85 7.56 -62.37
CA GLU A 268 -20.33 8.78 -61.66
C GLU A 268 -19.37 9.97 -61.68
N SER A 269 -19.84 11.16 -62.08
CA SER A 269 -19.04 12.39 -62.03
C SER A 269 -19.35 13.19 -60.76
N ARG A 270 -20.35 12.77 -59.94
CA ARG A 270 -20.40 13.16 -58.52
C ARG A 270 -18.98 12.97 -57.90
N CYS A 271 -18.39 13.97 -57.24
CA CYS A 271 -17.04 13.77 -56.73
C CYS A 271 -16.97 12.73 -55.62
N CYS A 272 -16.07 11.77 -55.84
CA CYS A 272 -15.92 10.59 -55.01
C CYS A 272 -14.43 10.15 -54.90
N ARG A 273 -14.18 9.20 -53.99
CA ARG A 273 -12.85 8.62 -53.73
C ARG A 273 -12.48 7.56 -54.76
N TYR A 274 -11.29 7.67 -55.31
CA TYR A 274 -10.75 6.75 -56.33
C TYR A 274 -9.54 6.07 -55.76
N PRO A 275 -9.35 4.75 -55.98
CA PRO A 275 -8.15 4.05 -55.48
C PRO A 275 -6.86 4.48 -56.17
N LEU A 276 -5.78 4.61 -55.40
CA LEU A 276 -4.43 4.81 -55.92
C LEU A 276 -3.46 4.09 -55.00
N THR A 277 -2.69 3.14 -55.55
CA THR A 277 -1.69 2.40 -54.80
C THR A 277 -0.30 3.00 -55.17
N VAL A 278 0.48 3.34 -54.15
CA VAL A 278 1.80 3.88 -54.35
C VAL A 278 2.77 2.75 -54.09
N ASP A 279 3.54 2.39 -55.11
CA ASP A 279 4.53 1.32 -55.01
C ASP A 279 5.92 1.94 -55.16
N PHE A 280 6.62 2.05 -54.02
CA PHE A 280 7.90 2.68 -53.98
C PHE A 280 8.98 1.92 -54.76
N GLU A 281 8.82 0.59 -54.81
CA GLU A 281 9.74 -0.28 -55.55
C GLU A 281 9.66 -0.05 -57.05
N ALA A 282 8.45 0.28 -57.51
CA ALA A 282 8.19 0.69 -58.89
C ALA A 282 8.91 1.98 -59.30
N PHE A 283 9.07 2.93 -58.39
CA PHE A 283 9.80 4.16 -58.68
C PHE A 283 11.28 3.96 -58.54
N GLY A 284 11.75 2.82 -58.03
CA GLY A 284 13.16 2.69 -57.64
C GLY A 284 13.57 3.47 -56.40
N TRP A 285 12.62 3.68 -55.50
CA TRP A 285 12.83 4.29 -54.21
C TRP A 285 13.00 3.16 -53.22
N ASP A 286 14.12 2.47 -53.37
CA ASP A 286 14.38 1.27 -52.58
C ASP A 286 14.81 1.59 -51.17
N TRP A 287 15.27 2.80 -50.94
CA TRP A 287 15.50 3.31 -49.59
C TRP A 287 14.36 3.17 -48.57
N ILE A 288 13.13 3.06 -49.04
CA ILE A 288 12.02 2.89 -48.13
C ILE A 288 11.88 1.41 -47.82
N ILE A 289 12.10 1.01 -46.58
CA ILE A 289 12.10 -0.42 -46.22
C ILE A 289 10.70 -0.93 -46.05
N ALA A 290 9.89 -0.14 -45.39
CA ALA A 290 8.53 -0.52 -45.16
C ALA A 290 7.66 0.72 -45.20
N PRO A 291 6.35 0.45 -45.28
CA PRO A 291 5.71 -0.26 -46.38
C PRO A 291 6.29 -0.16 -47.79
N LYS A 292 6.35 -1.31 -48.47
CA LYS A 292 6.67 -1.36 -49.90
C LYS A 292 5.62 -0.60 -50.71
N ARG A 293 4.35 -0.81 -50.32
CA ARG A 293 3.23 -0.21 -50.99
C ARG A 293 2.18 0.23 -50.01
N TYR A 294 1.34 1.16 -50.42
CA TYR A 294 0.21 1.55 -49.61
C TYR A 294 -0.87 2.20 -50.47
N LYS A 295 -2.10 2.18 -49.98
CA LYS A 295 -3.22 2.84 -50.64
C LYS A 295 -3.31 4.30 -50.25
N ALA A 296 -2.96 5.18 -51.19
CA ALA A 296 -3.00 6.61 -50.95
C ALA A 296 -4.37 7.16 -51.28
N ASN A 297 -4.93 6.76 -52.42
CA ASN A 297 -6.21 7.29 -52.95
C ASN A 297 -6.20 8.76 -53.48
N TYR A 298 -7.28 9.20 -54.12
CA TYR A 298 -7.48 10.61 -54.52
C TYR A 298 -8.96 10.96 -54.71
N CYS A 299 -9.26 12.22 -55.01
CA CYS A 299 -10.63 12.68 -55.21
C CYS A 299 -10.88 13.18 -56.63
N SER A 300 -12.02 12.80 -57.24
CA SER A 300 -12.55 13.52 -58.44
C SER A 300 -14.05 13.32 -58.66
N PRO A 328 -15.18 25.80 -53.54
CA PRO A 328 -16.18 24.98 -54.21
C PRO A 328 -15.46 23.83 -54.93
N CYS A 329 -14.79 22.96 -54.16
CA CYS A 329 -13.72 22.09 -54.66
C CYS A 329 -13.71 20.64 -54.11
N CYS A 330 -13.62 19.66 -55.01
CA CYS A 330 -13.64 18.27 -54.51
C CYS A 330 -12.27 17.75 -54.20
N THR A 331 -11.98 17.68 -52.89
CA THR A 331 -10.67 17.43 -52.28
C THR A 331 -10.87 16.64 -50.95
N PRO A 332 -9.77 16.17 -50.33
CA PRO A 332 -9.99 15.25 -49.19
C PRO A 332 -10.40 15.90 -47.89
N THR A 333 -11.49 15.41 -47.31
CA THR A 333 -12.02 15.94 -46.05
C THR A 333 -11.44 15.23 -44.84
N LYS A 334 -11.00 13.99 -45.01
CA LYS A 334 -10.31 13.27 -43.93
C LYS A 334 -9.15 12.46 -44.50
N MET A 335 -8.01 12.55 -43.83
CA MET A 335 -6.83 11.80 -44.19
C MET A 335 -6.26 11.03 -42.99
N SER A 336 -5.45 10.00 -43.23
CA SER A 336 -4.76 9.34 -42.13
C SER A 336 -3.24 9.28 -42.40
N PRO A 337 -2.48 9.05 -41.34
CA PRO A 337 -1.05 8.98 -41.47
C PRO A 337 -0.63 7.56 -41.77
N ILE A 338 0.62 7.37 -42.13
CA ILE A 338 1.23 6.04 -42.13
C ILE A 338 2.57 6.11 -41.43
N ASN A 339 3.02 4.96 -40.94
CA ASN A 339 4.34 4.83 -40.37
C ASN A 339 5.26 4.37 -41.48
N MET A 340 6.49 4.85 -41.52
CA MET A 340 7.42 4.47 -42.59
C MET A 340 8.81 4.23 -42.02
N LEU A 341 9.42 3.12 -42.45
CA LEU A 341 10.77 2.78 -42.07
C LEU A 341 11.60 3.03 -43.26
N TYR A 342 12.55 3.96 -43.21
CA TYR A 342 13.37 4.28 -44.37
C TYR A 342 14.81 4.67 -44.11
N PHE A 343 15.68 4.52 -45.10
CA PHE A 343 17.03 5.06 -45.05
C PHE A 343 16.98 6.54 -45.38
N ASN A 344 17.64 7.41 -44.63
CA ASN A 344 17.72 8.84 -45.00
C ASN A 344 18.94 9.15 -45.84
N GLY A 345 19.76 8.14 -46.13
CA GLY A 345 21.01 8.33 -46.88
C GLY A 345 22.17 8.98 -46.12
N LYS A 346 22.06 9.02 -44.80
CA LYS A 346 23.09 9.54 -43.89
C LYS A 346 23.56 8.41 -42.95
N GLU A 347 23.66 7.17 -43.43
CA GLU A 347 23.94 6.00 -42.57
C GLU A 347 22.94 5.80 -41.39
N GLN A 348 21.71 6.30 -41.53
CA GLN A 348 20.65 6.09 -40.53
C GLN A 348 19.38 5.51 -41.16
N ILE A 349 18.73 4.59 -40.47
CA ILE A 349 17.41 4.12 -40.80
C ILE A 349 16.48 4.84 -39.85
N ILE A 350 15.42 5.45 -40.32
CA ILE A 350 14.46 6.13 -39.44
C ILE A 350 13.11 5.46 -39.49
N TYR A 351 12.45 5.36 -38.37
CA TYR A 351 11.08 4.96 -38.31
C TYR A 351 10.27 6.15 -37.85
N GLY A 352 9.28 6.57 -38.62
CA GLY A 352 8.48 7.76 -38.29
C GLY A 352 7.03 7.64 -38.66
N LYS A 353 6.24 8.57 -38.17
CA LYS A 353 4.82 8.71 -38.49
C LYS A 353 4.70 9.90 -39.44
N ILE A 354 4.21 9.63 -40.66
CA ILE A 354 3.99 10.66 -41.66
C ILE A 354 2.51 10.99 -41.73
N PRO A 355 2.12 12.20 -41.30
CA PRO A 355 0.69 12.63 -41.36
C PRO A 355 0.13 12.85 -42.78
N ALA A 356 -1.19 12.70 -42.95
CA ALA A 356 -1.89 12.98 -44.22
C ALA A 356 -1.27 12.33 -45.50
N MET A 357 -1.11 11.01 -45.42
CA MET A 357 -0.62 10.19 -46.53
C MET A 357 -1.73 9.47 -47.30
N VAL A 358 -2.80 9.10 -46.60
CA VAL A 358 -3.91 8.36 -47.16
C VAL A 358 -5.17 9.20 -47.13
N VAL A 359 -5.87 9.32 -48.26
CA VAL A 359 -7.21 9.94 -48.27
C VAL A 359 -8.30 8.93 -47.83
N ASP A 360 -9.01 9.26 -46.77
CA ASP A 360 -10.10 8.41 -46.24
C ASP A 360 -11.48 8.79 -46.82
N ARG A 361 -11.76 10.10 -46.92
CA ARG A 361 -13.02 10.61 -47.47
C ARG A 361 -12.74 11.85 -48.29
N CYS A 362 -13.51 12.00 -49.37
CA CYS A 362 -13.56 13.22 -50.24
C CYS A 362 -15.00 13.71 -50.17
N GLY A 363 -15.29 15.03 -50.20
CA GLY A 363 -16.72 15.34 -50.07
C GLY A 363 -17.20 16.70 -50.54
N CYS A 364 -16.39 17.46 -51.28
CA CYS A 364 -16.69 18.82 -51.81
C CYS A 364 -16.61 19.89 -50.70
N SER A 365 -15.84 20.93 -50.96
CA SER A 365 -15.45 21.95 -49.94
C SER A 365 -14.77 23.17 -50.59
N GLN B 1 -32.46 -7.27 17.64
CA GLN B 1 -32.07 -5.87 17.42
C GLN B 1 -30.89 -5.81 16.41
N PRO B 2 -31.15 -5.35 15.11
CA PRO B 2 -30.16 -5.35 13.97
C PRO B 2 -29.12 -4.17 13.80
N VAL B 3 -27.97 -4.24 14.51
CA VAL B 3 -27.07 -3.10 14.78
C VAL B 3 -26.15 -2.84 13.57
N LEU B 4 -25.60 -1.63 13.54
CA LEU B 4 -24.66 -1.21 12.53
C LEU B 4 -23.22 -1.36 13.05
N THR B 5 -22.29 -1.71 12.16
CA THR B 5 -20.93 -2.02 12.60
C THR B 5 -19.97 -0.94 12.17
N GLN B 6 -19.24 -0.44 13.12
CA GLN B 6 -18.28 0.63 12.90
C GLN B 6 -17.03 0.17 13.60
N PRO B 7 -15.89 0.34 12.97
CA PRO B 7 -14.67 0.16 13.64
C PRO B 7 -14.67 0.89 14.97
N PRO B 8 -14.28 0.22 16.03
CA PRO B 8 -14.09 0.82 17.34
C PRO B 8 -13.24 2.10 17.39
N SER B 9 -12.23 2.20 16.52
CA SER B 9 -11.26 3.25 16.60
C SER B 9 -10.77 3.81 15.23
N ALA B 10 -10.22 5.04 15.31
CA ALA B 10 -9.66 5.74 14.19
C ALA B 10 -8.73 6.84 14.65
N SER B 11 -7.73 7.13 13.82
CA SER B 11 -6.82 8.23 14.07
C SER B 11 -6.24 8.81 12.80
N GLY B 12 -5.81 10.06 12.95
CA GLY B 12 -5.26 10.86 11.89
C GLY B 12 -4.34 11.87 12.55
N THR B 13 -3.57 12.55 11.69
CA THR B 13 -2.62 13.61 12.06
C THR B 13 -3.30 14.92 11.75
N PRO B 14 -2.96 16.00 12.48
CA PRO B 14 -3.72 17.24 12.15
C PRO B 14 -3.49 17.65 10.70
N GLY B 15 -4.53 17.90 9.92
CA GLY B 15 -4.42 18.21 8.47
C GLY B 15 -4.64 17.02 7.53
N GLN B 16 -4.48 15.81 8.06
CA GLN B 16 -4.73 14.57 7.29
C GLN B 16 -6.27 14.37 7.07
N ARG B 17 -6.61 13.33 6.32
CA ARG B 17 -7.99 13.00 6.00
C ARG B 17 -8.32 11.60 6.57
N VAL B 18 -9.14 11.53 7.64
CA VAL B 18 -9.66 10.22 8.10
C VAL B 18 -10.97 9.78 7.48
N THR B 19 -11.22 8.50 7.52
CA THR B 19 -12.46 7.90 7.04
C THR B 19 -13.03 6.95 8.14
N ILE B 20 -14.28 7.17 8.54
CA ILE B 20 -15.02 6.30 9.48
C ILE B 20 -16.00 5.51 8.69
N SER B 21 -16.06 4.20 8.90
CA SER B 21 -16.88 3.28 8.11
C SER B 21 -18.09 2.79 8.87
N CYS B 22 -19.11 2.39 8.11
CA CYS B 22 -20.35 1.86 8.71
C CYS B 22 -20.90 0.76 7.82
N SER B 23 -20.93 -0.45 8.35
CA SER B 23 -21.58 -1.55 7.68
C SER B 23 -22.93 -1.88 8.33
N GLY B 24 -23.93 -2.04 7.46
CA GLY B 24 -25.27 -2.37 7.87
C GLY B 24 -25.89 -3.53 7.10
N SER B 25 -27.21 -3.52 7.00
CA SER B 25 -28.02 -4.56 6.37
C SER B 25 -28.88 -3.88 5.34
N SER B 26 -29.51 -4.63 4.44
CA SER B 26 -30.35 -4.02 3.40
C SER B 26 -31.62 -3.43 4.02
N SER B 27 -32.09 -4.05 5.11
CA SER B 27 -33.22 -3.50 5.89
C SER B 27 -32.99 -2.04 6.39
N ASN B 28 -31.77 -1.69 6.74
CA ASN B 28 -31.49 -0.33 7.17
C ASN B 28 -30.74 0.48 6.12
N ILE B 29 -29.41 0.44 6.14
CA ILE B 29 -28.60 1.35 5.30
C ILE B 29 -28.92 1.21 3.84
N GLY B 30 -29.23 0.02 3.41
CA GLY B 30 -29.36 -0.26 2.00
C GLY B 30 -30.49 0.46 1.40
N SER B 31 -31.59 0.57 2.12
CA SER B 31 -32.81 1.21 1.61
C SER B 31 -33.06 2.61 2.18
N ASN B 32 -32.35 3.00 3.24
CA ASN B 32 -32.74 4.14 4.04
C ASN B 32 -31.59 5.13 4.27
N PRO B 33 -31.93 6.41 4.44
CA PRO B 33 -30.93 7.44 4.56
C PRO B 33 -30.15 7.37 5.81
N VAL B 34 -28.86 7.62 5.72
CA VAL B 34 -27.97 7.49 6.81
C VAL B 34 -27.73 8.84 7.41
N HIS B 35 -27.64 8.92 8.73
CA HIS B 35 -27.25 10.13 9.40
C HIS B 35 -26.06 9.87 10.30
N TRP B 36 -25.22 10.89 10.54
CA TRP B 36 -24.02 10.72 11.35
C TRP B 36 -24.02 11.72 12.46
N TYR B 37 -23.52 11.31 13.62
CA TYR B 37 -23.42 12.22 14.78
C TYR B 37 -21.97 12.38 15.28
N GLN B 38 -21.65 13.57 15.75
CA GLN B 38 -20.45 13.77 16.52
C GLN B 38 -20.83 13.84 18.01
N GLN B 39 -20.06 13.20 18.87
CA GLN B 39 -20.20 13.39 20.32
C GLN B 39 -18.86 13.68 21.07
N LEU B 40 -18.74 14.89 21.57
CA LEU B 40 -17.67 15.24 22.52
C LEU B 40 -17.99 14.64 23.88
N PRO B 41 -16.96 14.28 24.66
CA PRO B 41 -17.13 13.83 26.04
C PRO B 41 -18.22 14.56 26.83
N GLY B 42 -19.21 13.82 27.37
CA GLY B 42 -20.29 14.42 28.23
C GLY B 42 -21.13 15.61 27.70
N THR B 43 -21.29 15.68 26.38
CA THR B 43 -22.26 16.53 25.64
C THR B 43 -23.20 15.63 24.80
N ALA B 44 -24.28 16.24 24.33
CA ALA B 44 -25.21 15.51 23.52
C ALA B 44 -24.61 15.34 22.18
N PRO B 45 -25.07 14.35 21.41
CA PRO B 45 -24.68 14.30 20.02
C PRO B 45 -25.11 15.52 19.18
N LYS B 46 -24.45 15.67 18.03
CA LYS B 46 -24.67 16.71 17.07
C LYS B 46 -24.65 16.07 15.70
N LEU B 47 -25.69 16.33 14.93
CA LEU B 47 -25.85 15.74 13.61
C LEU B 47 -24.87 16.44 12.68
N LEU B 48 -24.04 15.65 12.01
CA LEU B 48 -23.13 16.14 10.96
C LEU B 48 -23.66 15.93 9.54
N ILE B 49 -24.33 14.83 9.29
CA ILE B 49 -24.64 14.44 7.94
C ILE B 49 -26.02 13.78 7.97
N TYR B 50 -26.85 14.07 6.98
CA TYR B 50 -28.12 13.39 6.78
C TYR B 50 -28.39 13.16 5.29
N ASP B 51 -29.35 12.31 5.01
CA ASP B 51 -29.60 11.77 3.66
C ASP B 51 -28.36 11.33 2.94
N ASP B 52 -27.51 10.63 3.67
CA ASP B 52 -26.25 10.10 3.14
C ASP B 52 -25.06 11.14 3.05
N ASN B 53 -25.32 12.30 2.44
CA ASN B 53 -24.26 13.21 1.99
C ASN B 53 -24.54 14.70 2.22
N GLN B 54 -25.51 15.05 3.06
CA GLN B 54 -25.97 16.42 3.21
C GLN B 54 -25.63 16.89 4.59
N ARG B 55 -25.15 18.12 4.69
CA ARG B 55 -24.78 18.74 5.94
C ARG B 55 -25.84 19.70 6.43
N PRO B 56 -26.21 19.62 7.71
CA PRO B 56 -27.09 20.67 8.17
C PRO B 56 -26.31 21.96 8.26
N SER B 57 -27.00 23.07 8.47
CA SER B 57 -26.34 24.36 8.60
C SER B 57 -25.31 24.28 9.70
N GLY B 58 -24.24 25.08 9.56
CA GLY B 58 -23.18 25.19 10.57
C GLY B 58 -22.20 24.02 10.57
N VAL B 59 -22.08 23.28 9.49
CA VAL B 59 -21.20 22.15 9.49
C VAL B 59 -20.30 22.30 8.29
N PRO B 60 -18.98 22.41 8.52
CA PRO B 60 -17.94 22.58 7.49
C PRO B 60 -17.99 21.54 6.38
N ASP B 61 -17.67 21.91 5.13
CA ASP B 61 -17.63 20.91 4.02
C ASP B 61 -16.45 19.94 4.09
N ARG B 62 -15.56 20.11 5.06
CA ARG B 62 -14.52 19.10 5.25
C ARG B 62 -15.08 17.78 5.73
N PHE B 63 -16.21 17.90 6.48
CA PHE B 63 -17.12 16.78 6.78
C PHE B 63 -17.97 16.48 5.55
N SER B 64 -17.75 15.31 4.97
CA SER B 64 -18.55 14.82 3.87
C SER B 64 -18.89 13.38 4.18
N GLY B 65 -19.92 12.84 3.54
CA GLY B 65 -20.24 11.41 3.70
C GLY B 65 -20.94 10.82 2.51
N SER B 66 -20.85 9.51 2.35
CA SER B 66 -21.37 8.83 1.16
C SER B 66 -21.97 7.48 1.55
N LYS B 67 -22.68 6.85 0.61
CA LYS B 67 -23.34 5.58 0.85
C LYS B 67 -23.29 4.73 -0.41
N SER B 68 -22.75 3.53 -0.30
CA SER B 68 -22.74 2.54 -1.37
C SER B 68 -23.24 1.19 -0.80
N GLY B 69 -24.28 0.66 -1.44
CA GLY B 69 -24.89 -0.61 -1.07
C GLY B 69 -25.36 -0.57 0.36
N THR B 70 -24.67 -1.36 1.18
CA THR B 70 -25.06 -1.66 2.52
C THR B 70 -24.06 -1.01 3.50
N SER B 71 -23.33 -0.01 3.02
CA SER B 71 -22.25 0.64 3.79
C SER B 71 -22.26 2.14 3.57
N ALA B 72 -21.71 2.84 4.55
CA ALA B 72 -21.58 4.27 4.51
C ALA B 72 -20.25 4.71 5.10
N SER B 73 -19.88 5.93 4.74
CA SER B 73 -18.59 6.48 5.10
C SER B 73 -18.78 7.90 5.51
N LEU B 74 -18.12 8.25 6.59
CA LEU B 74 -17.98 9.64 7.00
C LEU B 74 -16.50 9.94 6.80
N VAL B 75 -16.18 10.97 6.03
CA VAL B 75 -14.77 11.36 5.81
C VAL B 75 -14.55 12.82 6.21
N ILE B 76 -13.64 12.98 7.19
CA ILE B 76 -13.20 14.28 7.72
C ILE B 76 -11.84 14.67 7.11
N SER B 77 -11.88 15.50 6.06
CA SER B 77 -10.69 16.22 5.53
C SER B 77 -10.26 17.34 6.45
N GLY B 78 -9.00 17.69 6.36
CA GLY B 78 -8.49 18.89 7.02
C GLY B 78 -8.59 18.73 8.50
N LEU B 79 -8.09 17.61 8.99
CA LEU B 79 -8.41 17.14 10.34
C LEU B 79 -7.91 18.04 11.46
N GLN B 80 -8.82 18.76 12.11
CA GLN B 80 -8.42 19.60 13.25
C GLN B 80 -8.48 18.78 14.51
N SER B 81 -8.00 19.33 15.60
CA SER B 81 -7.86 18.57 16.84
C SER B 81 -9.08 18.71 17.76
N ASP B 82 -10.00 19.60 17.41
CA ASP B 82 -11.36 19.64 17.97
C ASP B 82 -12.20 18.48 17.47
N ASP B 83 -11.79 17.84 16.37
CA ASP B 83 -12.49 16.68 15.83
C ASP B 83 -12.31 15.44 16.71
N GLU B 84 -11.50 15.54 17.76
CA GLU B 84 -11.31 14.41 18.66
C GLU B 84 -12.60 14.17 19.38
N ALA B 85 -13.24 13.05 19.07
CA ALA B 85 -14.57 12.75 19.59
C ALA B 85 -15.02 11.38 19.17
N ASP B 86 -16.20 10.95 19.66
CA ASP B 86 -16.80 9.72 19.14
C ASP B 86 -17.71 10.06 18.00
N TYR B 87 -17.73 9.21 16.95
CA TYR B 87 -18.57 9.41 15.77
C TYR B 87 -19.49 8.21 15.61
N TYR B 88 -20.80 8.44 15.39
CA TYR B 88 -21.82 7.36 15.25
C TYR B 88 -22.50 7.47 13.92
N CYS B 89 -22.77 6.36 13.23
CA CYS B 89 -23.68 6.28 12.09
C CYS B 89 -25.04 5.82 12.57
N ALA B 90 -26.04 5.95 11.71
CA ALA B 90 -27.42 5.67 12.08
C ALA B 90 -28.24 5.59 10.87
N ALA B 91 -29.33 4.86 10.99
CA ALA B 91 -30.31 4.72 9.91
C ALA B 91 -31.53 4.06 10.50
N TRP B 92 -32.63 4.21 9.80
CA TRP B 92 -33.86 3.54 10.17
C TRP B 92 -33.90 2.15 9.56
N ASP B 93 -34.12 1.16 10.43
CA ASP B 93 -34.36 -0.23 10.04
C ASP B 93 -35.84 -0.47 9.70
N ASP B 94 -36.10 -1.39 8.79
CA ASP B 94 -37.46 -1.63 8.34
C ASP B 94 -38.38 -2.30 9.41
N SER B 95 -37.80 -3.06 10.34
CA SER B 95 -38.51 -3.52 11.53
C SER B 95 -39.08 -2.42 12.45
N LEU B 96 -39.16 -1.18 12.00
CA LEU B 96 -39.68 0.00 12.76
C LEU B 96 -38.92 0.41 14.03
N ASN B 97 -37.63 0.61 13.86
CA ASN B 97 -36.77 1.18 14.88
C ASN B 97 -35.54 1.91 14.24
N SER B 98 -35.19 3.06 14.82
CA SER B 98 -33.98 3.79 14.43
C SER B 98 -32.78 3.02 15.04
N VAL B 99 -31.71 2.85 14.29
CA VAL B 99 -30.56 2.09 14.77
C VAL B 99 -29.27 2.90 14.69
N PHE B 100 -28.57 3.08 15.80
CA PHE B 100 -27.18 3.49 15.80
C PHE B 100 -26.13 2.37 15.61
N GLY B 101 -24.95 2.72 15.04
CA GLY B 101 -23.76 1.91 15.13
C GLY B 101 -23.10 2.03 16.50
N GLY B 102 -22.03 1.29 16.67
CA GLY B 102 -21.40 1.14 17.98
C GLY B 102 -20.52 2.29 18.40
N GLY B 103 -20.29 3.23 17.48
CA GLY B 103 -19.36 4.31 17.81
C GLY B 103 -17.88 4.01 17.47
N THR B 104 -17.19 5.07 16.97
CA THR B 104 -15.79 5.08 16.59
C THR B 104 -15.05 6.17 17.35
N LYS B 105 -14.07 5.83 18.20
CA LYS B 105 -13.26 6.86 18.91
C LYS B 105 -12.24 7.34 17.85
N LEU B 106 -12.23 8.64 17.59
CA LEU B 106 -11.33 9.21 16.67
C LEU B 106 -10.33 10.03 17.47
N THR B 107 -9.05 9.67 17.24
CA THR B 107 -7.96 10.27 17.90
C THR B 107 -7.29 11.23 16.94
N VAL B 108 -7.04 12.45 17.40
CA VAL B 108 -6.27 13.41 16.68
C VAL B 108 -4.89 13.45 17.32
N LEU B 109 -3.97 12.73 16.68
CA LEU B 109 -2.62 12.45 17.16
C LEU B 109 -1.81 13.74 17.51
N GLY B 110 -1.56 13.90 18.81
CA GLY B 110 -0.69 14.94 19.34
C GLY B 110 0.52 14.33 20.02
N GLN B 111 0.79 13.05 19.75
CA GLN B 111 1.99 12.39 20.25
C GLN B 111 2.26 11.11 19.48
N PRO B 112 3.42 10.53 19.70
CA PRO B 112 3.70 9.28 18.95
C PRO B 112 3.07 8.03 19.59
N LYS B 113 2.74 7.09 18.71
CA LYS B 113 1.94 5.90 19.01
C LYS B 113 2.70 4.99 19.90
N ALA B 114 2.31 4.94 21.18
CA ALA B 114 2.92 4.08 22.23
C ALA B 114 2.19 2.76 22.42
N ALA B 115 2.93 1.64 22.51
CA ALA B 115 2.34 0.29 22.76
C ALA B 115 2.05 0.11 24.24
N PRO B 116 1.01 -0.70 24.59
CA PRO B 116 0.68 -0.92 26.00
C PRO B 116 1.66 -1.83 26.64
N SER B 117 2.13 -1.54 27.84
CA SER B 117 2.73 -2.62 28.66
C SER B 117 1.58 -3.27 29.41
N VAL B 118 1.77 -4.51 29.77
CA VAL B 118 0.77 -5.40 30.29
C VAL B 118 1.35 -6.13 31.49
N THR B 119 0.58 -6.21 32.57
CA THR B 119 0.95 -6.92 33.80
C THR B 119 -0.23 -7.81 34.10
N LEU B 120 0.01 -9.11 34.27
CA LEU B 120 -1.01 -10.08 34.49
C LEU B 120 -0.75 -10.77 35.79
N PHE B 121 -1.61 -10.52 36.80
CA PHE B 121 -1.46 -11.17 38.09
C PHE B 121 -2.41 -12.33 38.22
N PRO B 122 -1.95 -13.41 38.76
CA PRO B 122 -2.84 -14.51 39.05
C PRO B 122 -3.61 -14.34 40.32
N PRO B 123 -4.59 -15.22 40.55
CA PRO B 123 -5.27 -15.22 41.83
C PRO B 123 -4.29 -15.38 42.92
N SER B 124 -4.39 -14.59 43.98
CA SER B 124 -3.66 -14.78 45.22
C SER B 124 -4.16 -16.00 45.96
N SER B 125 -3.25 -16.51 46.76
CA SER B 125 -3.48 -17.59 47.66
C SER B 125 -4.73 -17.21 48.52
N GLU B 126 -4.70 -16.00 49.07
CA GLU B 126 -5.75 -15.50 49.92
C GLU B 126 -7.12 -15.59 49.27
N GLU B 127 -7.24 -15.11 48.03
CA GLU B 127 -8.52 -15.15 47.39
C GLU B 127 -8.96 -16.56 47.09
N LEU B 128 -8.04 -17.49 46.77
CA LEU B 128 -8.44 -18.86 46.46
C LEU B 128 -8.99 -19.50 47.67
N GLN B 129 -8.43 -19.16 48.81
CA GLN B 129 -8.83 -19.76 50.08
C GLN B 129 -10.21 -19.18 50.50
N ALA B 130 -10.58 -18.06 49.89
CA ALA B 130 -11.90 -17.48 49.98
C ALA B 130 -12.89 -18.07 48.96
N ASN B 131 -12.48 -19.11 48.27
CA ASN B 131 -13.29 -19.69 47.22
C ASN B 131 -13.59 -18.82 46.00
N LYS B 132 -12.70 -17.87 45.69
CA LYS B 132 -12.82 -17.16 44.44
C LYS B 132 -11.47 -17.09 43.74
N ALA B 133 -11.45 -16.46 42.59
CA ALA B 133 -10.25 -16.40 41.79
C ALA B 133 -10.33 -15.35 40.72
N THR B 134 -9.52 -14.32 40.83
CA THR B 134 -9.55 -13.26 39.90
C THR B 134 -8.18 -13.06 39.25
N LEU B 135 -8.18 -13.08 37.92
CA LEU B 135 -7.01 -12.73 37.10
C LEU B 135 -7.07 -11.27 36.74
N VAL B 136 -6.01 -10.54 37.02
CA VAL B 136 -6.00 -9.10 36.82
C VAL B 136 -4.96 -8.72 35.77
N CYS B 137 -5.43 -8.20 34.65
CA CYS B 137 -4.59 -7.79 33.53
C CYS B 137 -4.60 -6.30 33.50
N LEU B 138 -3.52 -5.67 33.87
CA LEU B 138 -3.41 -4.23 33.83
C LEU B 138 -2.63 -3.78 32.60
N ILE B 139 -3.17 -2.78 31.94
CA ILE B 139 -2.70 -2.25 30.66
C ILE B 139 -2.29 -0.78 30.86
N SER B 140 -1.05 -0.42 30.57
CA SER B 140 -0.57 0.93 30.94
C SER B 140 0.06 1.66 29.78
N ASP B 141 -0.09 2.98 29.85
CA ASP B 141 0.63 3.93 29.01
C ASP B 141 0.69 3.55 27.52
N PHE B 142 -0.50 3.61 26.91
CA PHE B 142 -0.65 3.43 25.45
C PHE B 142 -1.34 4.61 24.78
N TYR B 143 -0.92 4.93 23.55
CA TYR B 143 -1.53 6.01 22.75
C TYR B 143 -1.62 5.51 21.35
N PRO B 144 -2.73 5.69 20.63
CA PRO B 144 -3.97 6.33 21.06
C PRO B 144 -4.78 5.41 22.03
N GLY B 145 -5.77 5.96 22.75
CA GLY B 145 -6.40 5.18 23.84
C GLY B 145 -7.47 4.19 23.44
N ALA B 146 -7.11 3.12 22.78
CA ALA B 146 -8.06 2.15 22.31
C ALA B 146 -7.38 0.78 22.13
N VAL B 147 -7.93 -0.22 22.79
CA VAL B 147 -7.44 -1.59 22.75
C VAL B 147 -8.61 -2.56 22.80
N THR B 148 -8.33 -3.79 22.48
CA THR B 148 -9.26 -4.86 22.71
C THR B 148 -8.47 -5.91 23.49
N VAL B 149 -9.20 -6.69 24.31
CA VAL B 149 -8.59 -7.64 25.22
C VAL B 149 -9.16 -9.04 24.98
N ALA B 150 -8.34 -10.06 25.02
CA ALA B 150 -8.80 -11.40 24.64
C ALA B 150 -8.12 -12.42 25.56
N TRP B 151 -8.94 -13.25 26.19
CA TRP B 151 -8.42 -14.14 27.21
C TRP B 151 -8.44 -15.58 26.69
N LYS B 152 -7.41 -16.35 27.06
CA LYS B 152 -7.28 -17.69 26.61
C LYS B 152 -7.07 -18.54 27.85
N ALA B 153 -7.79 -19.66 27.95
CA ALA B 153 -7.61 -20.65 28.96
C ALA B 153 -6.91 -21.78 28.22
N ASP B 154 -5.70 -22.11 28.71
CA ASP B 154 -4.66 -22.77 27.90
C ASP B 154 -4.56 -22.03 26.56
N SER B 155 -4.77 -22.71 25.44
CA SER B 155 -4.80 -22.03 24.14
C SER B 155 -6.20 -21.78 23.57
N SER B 156 -7.28 -21.93 24.36
CA SER B 156 -8.64 -21.75 23.83
C SER B 156 -9.18 -20.46 24.33
N PRO B 157 -9.76 -19.66 23.44
CA PRO B 157 -10.35 -18.40 23.92
C PRO B 157 -11.47 -18.65 24.92
N VAL B 158 -11.73 -17.68 25.78
CA VAL B 158 -12.82 -17.77 26.72
C VAL B 158 -13.47 -16.46 26.88
N LYS B 159 -14.75 -16.33 26.52
CA LYS B 159 -15.54 -15.07 26.74
C LYS B 159 -16.18 -14.97 28.15
N ALA B 160 -16.63 -16.12 28.69
CA ALA B 160 -17.25 -16.17 30.03
C ALA B 160 -16.33 -15.72 31.16
N GLY B 161 -16.76 -14.70 31.90
CA GLY B 161 -16.10 -14.25 33.11
C GLY B 161 -15.30 -12.98 32.96
N VAL B 162 -15.40 -12.35 31.82
CA VAL B 162 -14.55 -11.22 31.51
C VAL B 162 -15.23 -9.88 31.72
N GLU B 163 -14.61 -8.97 32.42
CA GLU B 163 -15.06 -7.59 32.58
C GLU B 163 -13.86 -6.66 32.26
N THR B 164 -14.04 -5.71 31.34
CA THR B 164 -12.99 -4.87 30.92
C THR B 164 -13.38 -3.41 30.90
N THR B 165 -12.90 -2.68 31.88
CA THR B 165 -12.74 -1.22 31.87
C THR B 165 -12.55 -0.57 30.55
N THR B 166 -12.89 0.72 30.47
CA THR B 166 -12.67 1.51 29.27
C THR B 166 -11.41 2.33 29.56
N PRO B 167 -10.73 2.80 28.50
CA PRO B 167 -9.46 3.41 28.85
C PRO B 167 -9.65 4.72 29.54
N SER B 168 -8.61 5.25 30.15
CA SER B 168 -8.63 6.49 30.86
C SER B 168 -7.26 7.23 30.85
N LYS B 169 -7.31 8.55 30.78
CA LYS B 169 -6.11 9.36 30.66
C LYS B 169 -5.33 9.33 31.97
N GLN B 170 -4.01 9.16 31.92
CA GLN B 170 -3.17 9.21 33.11
C GLN B 170 -2.50 10.62 33.31
N SER B 171 -1.65 10.72 34.35
CA SER B 171 -0.80 11.91 34.59
C SER B 171 0.06 12.27 33.39
N ASN B 172 0.70 11.26 32.78
CA ASN B 172 1.59 11.49 31.63
C ASN B 172 0.86 11.60 30.25
N ASN B 173 -0.46 11.64 30.24
CA ASN B 173 -1.26 11.74 29.01
C ASN B 173 -1.26 10.50 28.08
N LYS B 174 -0.77 9.36 28.58
CA LYS B 174 -1.00 8.11 27.92
C LYS B 174 -2.16 7.33 28.59
N TYR B 175 -2.95 6.65 27.79
CA TYR B 175 -4.11 5.93 28.29
C TYR B 175 -3.77 4.61 29.02
N ALA B 176 -4.69 4.21 29.92
CA ALA B 176 -4.59 2.95 30.72
C ALA B 176 -5.91 2.21 30.75
N ALA B 177 -5.89 0.92 31.07
CA ALA B 177 -7.13 0.11 31.20
C ALA B 177 -6.92 -1.18 31.97
N SER B 178 -8.00 -1.94 32.25
CA SER B 178 -7.96 -3.16 33.10
C SER B 178 -8.97 -4.20 32.58
N SER B 179 -8.62 -5.48 32.67
CA SER B 179 -9.53 -6.56 32.33
C SER B 179 -9.36 -7.55 33.46
N TYR B 180 -10.48 -8.15 33.89
CA TYR B 180 -10.58 -9.07 35.03
C TYR B 180 -11.15 -10.31 34.42
N LEU B 181 -10.62 -11.48 34.80
CA LEU B 181 -11.24 -12.75 34.44
C LEU B 181 -11.57 -13.44 35.76
N SER B 182 -12.83 -13.80 35.90
CA SER B 182 -13.33 -14.39 37.14
C SER B 182 -13.50 -15.80 36.94
N LEU B 183 -12.80 -16.58 37.70
CA LEU B 183 -12.92 -18.02 37.61
C LEU B 183 -13.25 -18.56 38.97
N THR B 184 -13.65 -19.81 38.98
CA THR B 184 -13.73 -20.54 40.21
C THR B 184 -12.32 -21.06 40.47
N PRO B 185 -12.02 -21.42 41.72
CA PRO B 185 -10.74 -22.03 41.96
C PRO B 185 -10.57 -23.34 41.20
N GLU B 186 -11.67 -24.08 40.97
CA GLU B 186 -11.61 -25.37 40.27
C GLU B 186 -11.14 -25.12 38.86
N GLN B 187 -11.82 -24.20 38.18
CA GLN B 187 -11.46 -23.79 36.81
C GLN B 187 -9.97 -23.37 36.73
N TRP B 188 -9.49 -22.61 37.70
CA TRP B 188 -8.11 -22.14 37.69
C TRP B 188 -7.11 -23.30 37.80
N LYS B 189 -7.45 -24.31 38.62
CA LYS B 189 -6.63 -25.53 38.82
C LYS B 189 -6.60 -26.40 37.55
N SER B 190 -7.72 -26.45 36.85
CA SER B 190 -7.92 -27.35 35.75
C SER B 190 -7.06 -27.07 34.50
N HIS B 191 -6.72 -25.83 34.17
CA HIS B 191 -6.02 -25.55 32.89
C HIS B 191 -4.55 -25.37 33.22
N ARG B 192 -3.68 -25.66 32.28
CA ARG B 192 -2.24 -25.57 32.55
C ARG B 192 -1.85 -24.09 32.62
N SER B 193 -2.50 -23.24 31.85
CA SER B 193 -2.20 -21.80 31.85
C SER B 193 -3.41 -20.93 31.48
N TYR B 194 -3.30 -19.65 31.84
CA TYR B 194 -4.23 -18.63 31.40
C TYR B 194 -3.43 -17.44 30.85
N SER B 195 -4.05 -16.75 29.90
CA SER B 195 -3.36 -15.75 29.13
C SER B 195 -4.26 -14.56 28.84
N CYS B 196 -3.64 -13.36 28.90
CA CYS B 196 -4.26 -12.07 28.58
C CYS B 196 -3.61 -11.45 27.36
N GLN B 197 -4.38 -11.29 26.28
CA GLN B 197 -3.91 -10.77 24.99
C GLN B 197 -4.53 -9.39 24.67
N VAL B 198 -3.68 -8.35 24.62
CA VAL B 198 -4.18 -7.06 24.21
C VAL B 198 -3.64 -6.67 22.85
N THR B 199 -4.55 -6.13 22.04
CA THR B 199 -4.28 -5.66 20.71
C THR B 199 -4.45 -4.13 20.60
N HIS B 200 -3.41 -3.50 20.05
CA HIS B 200 -3.28 -2.05 19.93
C HIS B 200 -2.59 -1.75 18.63
N GLU B 201 -3.34 -1.17 17.71
CA GLU B 201 -2.90 -0.83 16.36
C GLU B 201 -2.36 -2.01 15.59
N GLY B 202 -3.04 -3.17 15.66
CA GLY B 202 -2.60 -4.40 14.94
C GLY B 202 -1.56 -5.25 15.68
N SER B 203 -0.66 -4.58 16.41
CA SER B 203 0.37 -5.25 17.23
C SER B 203 -0.31 -5.79 18.49
N THR B 204 0.08 -6.99 18.88
CA THR B 204 -0.48 -7.69 20.03
C THR B 204 0.60 -8.07 21.02
N VAL B 205 0.31 -7.76 22.27
CA VAL B 205 1.08 -8.06 23.45
C VAL B 205 0.28 -9.10 24.28
N GLU B 206 0.95 -10.07 24.88
CA GLU B 206 0.27 -11.19 25.51
C GLU B 206 1.04 -11.61 26.76
N LYS B 207 0.32 -11.91 27.86
CA LYS B 207 0.95 -12.50 29.04
C LYS B 207 0.21 -13.68 29.52
N THR B 208 0.93 -14.51 30.30
CA THR B 208 0.49 -15.82 30.74
C THR B 208 0.87 -16.05 32.20
N VAL B 209 -0.01 -16.73 32.94
CA VAL B 209 0.24 -17.13 34.33
C VAL B 209 -0.28 -18.54 34.41
N ALA B 210 0.22 -19.28 35.40
CA ALA B 210 -0.13 -20.67 35.55
C ALA B 210 -0.31 -21.00 37.00
N PRO B 211 -1.14 -21.99 37.30
CA PRO B 211 -1.26 -22.52 38.62
C PRO B 211 0.04 -22.90 39.27
N THR B 212 1.10 -23.21 38.53
CA THR B 212 2.48 -23.21 39.08
C THR B 212 2.73 -21.79 39.71
N GLU B 213 2.92 -21.66 41.04
CA GLU B 213 2.86 -20.33 41.77
C GLU B 213 4.06 -20.06 42.70
N CYS B 214 4.80 -18.94 42.54
CA CYS B 214 6.13 -18.73 43.26
C CYS B 214 5.93 -18.48 44.78
N ILE C 2 -34.41 28.15 20.53
CA ILE C 2 -34.39 26.69 20.08
C ILE C 2 -33.70 25.75 21.05
N GLN C 3 -34.47 24.98 21.78
CA GLN C 3 -33.98 24.39 22.97
C GLN C 3 -34.90 23.27 23.40
N LEU C 4 -34.29 22.29 24.05
CA LEU C 4 -34.96 21.21 24.69
C LEU C 4 -34.36 21.13 26.07
N VAL C 5 -35.18 21.31 27.09
CA VAL C 5 -34.70 21.35 28.44
C VAL C 5 -35.33 20.20 29.20
N GLN C 6 -34.49 19.26 29.61
CA GLN C 6 -34.91 18.03 30.26
C GLN C 6 -35.04 18.19 31.73
N SER C 7 -35.77 17.24 32.35
CA SER C 7 -36.10 17.21 33.80
C SER C 7 -36.37 15.81 34.21
N GLY C 8 -36.18 15.56 35.50
CA GLY C 8 -36.47 14.29 36.11
C GLY C 8 -35.18 13.53 36.27
N GLY C 9 -35.31 12.23 36.45
CA GLY C 9 -34.14 11.35 36.54
C GLY C 9 -33.91 11.07 37.99
N GLY C 10 -32.82 10.36 38.31
CA GLY C 10 -32.47 10.00 39.70
C GLY C 10 -31.91 8.60 39.88
N VAL C 11 -31.80 8.16 41.14
CA VAL C 11 -31.46 6.76 41.43
C VAL C 11 -32.73 6.05 41.84
N VAL C 12 -32.84 4.79 41.52
CA VAL C 12 -34.01 4.06 41.84
C VAL C 12 -33.75 2.58 41.88
N GLN C 13 -34.54 1.88 42.65
CA GLN C 13 -34.42 0.45 42.80
C GLN C 13 -35.05 -0.24 41.59
N PRO C 14 -34.61 -1.45 41.28
CA PRO C 14 -35.21 -2.18 40.19
C PRO C 14 -36.66 -2.53 40.49
N GLY C 15 -37.44 -2.63 39.40
CA GLY C 15 -38.86 -2.77 39.47
C GLY C 15 -39.66 -1.48 39.69
N ARG C 16 -38.99 -0.40 40.12
CA ARG C 16 -39.61 0.88 40.27
C ARG C 16 -39.65 1.70 39.00
N SER C 17 -40.28 2.87 39.11
CA SER C 17 -40.68 3.66 37.95
C SER C 17 -40.23 5.13 38.06
N LEU C 18 -40.04 5.74 36.89
CA LEU C 18 -39.59 7.12 36.78
C LEU C 18 -40.18 7.72 35.56
N ARG C 19 -40.36 9.03 35.58
CA ARG C 19 -40.90 9.74 34.41
C ARG C 19 -39.96 10.86 34.04
N LEU C 20 -39.47 10.89 32.79
CA LEU C 20 -38.65 12.01 32.28
C LEU C 20 -39.46 13.00 31.51
N SER C 21 -39.07 14.26 31.58
CA SER C 21 -39.72 15.36 30.86
C SER C 21 -38.70 16.06 29.97
N CYS C 22 -39.17 16.61 28.85
CA CYS C 22 -38.38 17.35 27.90
C CYS C 22 -39.26 18.48 27.41
N ALA C 23 -38.90 19.72 27.75
CA ALA C 23 -39.72 20.88 27.33
C ALA C 23 -39.08 21.64 26.20
N ALA C 24 -39.87 21.89 25.16
CA ALA C 24 -39.36 22.45 23.96
C ALA C 24 -39.77 23.85 23.88
N SER C 25 -38.90 24.69 23.31
CA SER C 25 -39.23 26.08 22.94
C SER C 25 -38.45 26.49 21.70
N GLY C 26 -38.87 27.54 21.03
CA GLY C 26 -38.13 28.05 19.86
C GLY C 26 -38.63 27.61 18.52
N PHE C 27 -39.54 26.64 18.53
CA PHE C 27 -40.05 26.13 17.27
C PHE C 27 -41.43 25.59 17.48
N THR C 28 -42.17 25.33 16.41
CA THR C 28 -43.53 24.80 16.60
C THR C 28 -43.43 23.28 16.88
N PHE C 29 -43.50 22.95 18.16
CA PHE C 29 -43.33 21.60 18.69
C PHE C 29 -44.16 20.56 17.98
N SER C 30 -45.36 20.94 17.56
CA SER C 30 -46.27 19.96 16.88
C SER C 30 -46.02 19.80 15.39
N SER C 31 -44.94 20.39 14.88
CA SER C 31 -44.55 20.14 13.52
C SER C 31 -43.53 18.98 13.44
N TYR C 32 -43.21 18.34 14.57
CA TYR C 32 -42.09 17.39 14.59
C TYR C 32 -42.22 16.11 15.35
N GLY C 33 -41.64 15.04 14.76
CA GLY C 33 -41.49 13.78 15.49
C GLY C 33 -40.42 13.99 16.54
N MET C 34 -40.51 13.24 17.62
CA MET C 34 -39.61 13.40 18.78
C MET C 34 -39.10 12.05 19.26
N HIS C 35 -37.86 12.05 19.74
CA HIS C 35 -37.26 10.77 20.12
C HIS C 35 -36.70 10.82 21.48
N TRP C 36 -36.50 9.65 22.08
CA TRP C 36 -35.57 9.49 23.22
C TRP C 36 -34.41 8.55 22.82
N VAL C 37 -33.24 8.88 23.25
CA VAL C 37 -32.05 8.10 22.98
C VAL C 37 -31.31 8.02 24.28
N ARG C 38 -30.64 6.91 24.53
CA ARG C 38 -29.80 6.82 25.72
C ARG C 38 -28.41 6.23 25.47
N GLN C 39 -27.60 6.35 26.51
CA GLN C 39 -26.20 5.94 26.53
C GLN C 39 -25.79 5.45 27.93
N ALA C 40 -25.50 4.15 28.02
CA ALA C 40 -24.99 3.59 29.30
C ALA C 40 -23.56 4.11 29.52
N PRO C 41 -23.18 4.28 30.80
CA PRO C 41 -21.80 4.65 31.15
C PRO C 41 -20.76 3.88 30.29
N GLY C 42 -19.93 4.71 29.61
CA GLY C 42 -19.01 4.31 28.56
C GLY C 42 -19.43 3.32 27.48
N LYS C 43 -20.69 3.31 27.01
CA LYS C 43 -21.07 2.51 25.79
C LYS C 43 -21.69 3.39 24.70
N GLY C 44 -22.19 2.77 23.66
CA GLY C 44 -22.75 3.58 22.57
C GLY C 44 -24.14 4.18 22.83
N LEU C 45 -24.62 4.86 21.82
CA LEU C 45 -25.96 5.42 21.79
C LEU C 45 -26.92 4.26 21.49
N GLU C 46 -28.09 4.25 22.15
CA GLU C 46 -29.18 3.34 21.90
C GLU C 46 -30.50 4.14 21.78
N TRP C 47 -31.14 4.01 20.63
CA TRP C 47 -32.42 4.68 20.44
C TRP C 47 -33.48 3.90 21.26
N VAL C 48 -34.35 4.62 21.98
CA VAL C 48 -35.35 3.95 22.81
C VAL C 48 -36.74 4.08 22.24
N ALA C 49 -37.11 5.26 21.74
CA ALA C 49 -38.44 5.39 21.10
C ALA C 49 -38.58 6.61 20.24
N VAL C 50 -39.65 6.61 19.44
CA VAL C 50 -40.08 7.83 18.74
C VAL C 50 -41.58 7.96 18.88
N ILE C 51 -42.07 9.17 18.76
CA ILE C 51 -43.46 9.50 18.76
C ILE C 51 -43.75 10.49 17.62
N SER C 52 -44.89 10.35 16.99
CA SER C 52 -45.37 11.29 15.96
C SER C 52 -45.72 12.61 16.48
N TYR C 53 -45.95 13.54 15.56
CA TYR C 53 -46.33 14.91 15.91
C TYR C 53 -47.49 15.05 16.88
N ASP C 54 -48.50 14.23 16.73
CA ASP C 54 -49.77 14.40 17.44
C ASP C 54 -49.98 13.36 18.48
N GLY C 55 -49.05 12.40 18.56
CA GLY C 55 -49.08 11.34 19.55
C GLY C 55 -49.65 10.00 19.11
N SER C 56 -50.10 9.88 17.88
CA SER C 56 -50.84 8.72 17.47
C SER C 56 -50.04 7.51 17.07
N ARG C 57 -48.74 7.66 16.80
CA ARG C 57 -47.88 6.49 16.57
C ARG C 57 -46.68 6.56 17.46
N LYS C 58 -46.28 5.41 17.96
CA LYS C 58 -45.21 5.29 18.91
C LYS C 58 -44.47 4.04 18.51
N TYR C 59 -43.12 4.11 18.41
CA TYR C 59 -42.35 2.92 18.15
C TYR C 59 -41.31 2.84 19.18
N TYR C 60 -40.93 1.63 19.56
CA TYR C 60 -39.99 1.39 20.62
C TYR C 60 -38.94 0.38 20.26
N ALA C 61 -37.74 0.60 20.74
CA ALA C 61 -36.71 -0.43 20.76
C ALA C 61 -37.18 -1.68 21.54
N ASP C 62 -36.83 -2.86 21.00
CA ASP C 62 -37.19 -4.13 21.67
C ASP C 62 -36.73 -4.21 23.12
N SER C 63 -35.58 -3.69 23.42
CA SER C 63 -35.11 -3.65 24.78
C SER C 63 -35.99 -2.95 25.83
N VAL C 64 -36.84 -2.00 25.43
CA VAL C 64 -37.73 -1.31 26.40
C VAL C 64 -39.21 -1.57 26.13
N LYS C 65 -39.49 -2.36 25.10
CA LYS C 65 -40.84 -2.63 24.58
C LYS C 65 -41.63 -3.26 25.68
N GLY C 66 -42.83 -2.70 25.96
CA GLY C 66 -43.66 -3.17 27.04
C GLY C 66 -43.38 -2.54 28.41
N ARG C 67 -42.19 -1.96 28.67
CA ARG C 67 -41.90 -1.34 29.97
C ARG C 67 -41.78 0.20 29.98
N PHE C 68 -41.47 0.80 28.85
CA PHE C 68 -41.34 2.24 28.74
C PHE C 68 -42.41 2.72 27.80
N THR C 69 -42.82 3.93 28.05
CA THR C 69 -43.84 4.57 27.26
C THR C 69 -43.47 5.97 26.90
N ILE C 70 -43.62 6.30 25.63
CA ILE C 70 -43.40 7.66 25.18
C ILE C 70 -44.70 8.37 25.02
N SER C 71 -44.72 9.65 25.30
CA SER C 71 -45.90 10.42 25.06
C SER C 71 -45.58 11.89 25.06
N ARG C 72 -46.59 12.69 24.68
CA ARG C 72 -46.42 14.12 24.54
C ARG C 72 -47.71 14.84 24.73
N ASP C 73 -47.56 16.08 25.21
CA ASP C 73 -48.65 17.00 25.42
C ASP C 73 -48.32 18.22 24.63
N ASN C 74 -48.79 18.28 23.39
CA ASN C 74 -48.43 19.42 22.53
C ASN C 74 -48.85 20.76 23.14
N SER C 75 -49.78 20.78 24.11
CA SER C 75 -50.26 22.06 24.66
C SER C 75 -49.27 22.59 25.69
N LYS C 76 -48.53 21.72 26.34
CA LYS C 76 -47.51 22.18 27.23
C LYS C 76 -46.13 22.12 26.55
N ASN C 77 -46.09 21.93 25.23
CA ASN C 77 -44.80 21.80 24.52
C ASN C 77 -43.77 20.79 25.15
N THR C 78 -44.25 19.63 25.58
CA THR C 78 -43.50 18.75 26.44
C THR C 78 -43.55 17.31 25.99
N LEU C 79 -42.40 16.66 26.06
CA LEU C 79 -42.25 15.28 25.66
C LEU C 79 -41.98 14.53 26.92
N TYR C 80 -42.53 13.33 27.01
CA TYR C 80 -42.50 12.55 28.24
C TYR C 80 -41.90 11.18 27.88
N LEU C 81 -41.26 10.57 28.85
CA LEU C 81 -40.94 9.14 28.79
C LEU C 81 -41.26 8.56 30.17
N GLN C 82 -42.06 7.52 30.20
CA GLN C 82 -42.46 6.89 31.41
C GLN C 82 -41.70 5.58 31.50
N MET C 83 -40.90 5.38 32.54
CA MET C 83 -40.05 4.18 32.67
C MET C 83 -40.48 3.30 33.84
N ASN C 84 -40.90 2.07 33.54
CA ASN C 84 -41.49 1.15 34.57
C ASN C 84 -40.71 -0.14 34.49
N SER C 85 -40.80 -0.93 35.56
CA SER C 85 -40.05 -2.16 35.68
C SER C 85 -38.55 -1.94 35.38
N LEU C 86 -38.00 -0.85 35.94
CA LEU C 86 -36.62 -0.50 35.66
C LEU C 86 -35.65 -1.60 36.05
N ARG C 87 -34.68 -1.81 35.20
CA ARG C 87 -33.65 -2.73 35.51
C ARG C 87 -32.32 -1.97 35.62
N ALA C 88 -31.31 -2.70 36.06
CA ALA C 88 -29.96 -2.19 36.14
C ALA C 88 -29.41 -1.88 34.74
N GLU C 89 -29.73 -2.67 33.72
CA GLU C 89 -29.21 -2.35 32.39
C GLU C 89 -29.92 -1.15 31.73
N ASP C 90 -30.90 -0.56 32.39
CA ASP C 90 -31.53 0.66 31.93
C ASP C 90 -30.78 1.92 32.35
N THR C 91 -29.72 1.72 33.12
CA THR C 91 -29.01 2.84 33.69
C THR C 91 -28.24 3.51 32.58
N ALA C 92 -28.43 4.81 32.42
CA ALA C 92 -27.80 5.52 31.33
C ALA C 92 -28.13 6.97 31.41
N VAL C 93 -27.55 7.74 30.51
CA VAL C 93 -28.03 9.11 30.34
C VAL C 93 -29.08 9.06 29.24
N TYR C 94 -30.23 9.69 29.48
CA TYR C 94 -31.38 9.75 28.54
C TYR C 94 -31.45 11.11 27.90
N TYR C 95 -31.46 11.12 26.57
CA TYR C 95 -31.45 12.40 25.85
C TYR C 95 -32.74 12.48 25.06
N CYS C 96 -33.39 13.64 25.05
CA CYS C 96 -34.51 13.79 24.14
C CYS C 96 -33.99 14.48 22.89
N ALA C 97 -34.56 14.14 21.73
CA ALA C 97 -34.16 14.74 20.51
C ALA C 97 -35.31 14.93 19.55
N ARG C 98 -35.24 16.00 18.76
CA ARG C 98 -36.24 16.34 17.76
C ARG C 98 -35.76 16.04 16.35
N ASP C 99 -36.65 15.52 15.50
CA ASP C 99 -36.46 15.35 14.09
C ASP C 99 -36.03 16.63 13.41
N LEU C 100 -35.03 16.51 12.54
CA LEU C 100 -34.54 17.58 11.63
C LEU C 100 -35.61 18.00 10.60
N LEU C 101 -36.44 17.07 10.14
CA LEU C 101 -37.55 17.35 9.24
C LEU C 101 -38.92 17.31 9.92
N VAL C 102 -39.78 18.18 9.41
CA VAL C 102 -41.12 18.28 9.88
C VAL C 102 -41.98 17.18 9.30
N ARG C 103 -43.01 16.86 10.07
CA ARG C 103 -43.99 15.82 9.72
C ARG C 103 -44.82 16.00 8.44
N PHE C 104 -44.87 17.21 7.87
CA PHE C 104 -45.40 17.40 6.55
C PHE C 104 -44.57 16.76 5.43
N LEU C 105 -43.39 16.20 5.71
CA LEU C 105 -42.76 15.33 4.77
C LEU C 105 -42.96 13.88 5.16
N TYR C 106 -42.88 13.02 4.17
CA TYR C 106 -42.91 11.62 4.39
C TYR C 106 -41.59 11.18 5.02
N TRP C 107 -41.64 10.10 5.76
CA TRP C 107 -40.50 9.48 6.38
C TRP C 107 -39.66 10.44 7.17
N SER C 108 -40.28 11.43 7.81
CA SER C 108 -39.50 12.43 8.44
C SER C 108 -38.54 11.89 9.51
N HIS C 109 -38.99 10.95 10.25
CA HIS C 109 -38.18 10.30 11.31
C HIS C 109 -37.03 9.34 10.77
N TYR C 110 -37.06 9.02 9.49
CA TYR C 110 -35.98 8.27 8.88
C TYR C 110 -34.62 9.04 8.84
N TYR C 111 -34.68 10.40 8.81
CA TYR C 111 -33.60 11.20 8.33
C TYR C 111 -32.62 11.72 9.37
N GLY C 112 -33.01 11.71 10.64
CA GLY C 112 -32.15 12.17 11.72
C GLY C 112 -32.67 13.38 12.56
N MET C 113 -31.87 13.75 13.55
CA MET C 113 -32.30 14.55 14.63
C MET C 113 -31.26 15.60 14.93
N ASP C 114 -31.58 16.85 14.65
CA ASP C 114 -30.69 17.90 14.88
C ASP C 114 -30.90 18.70 16.14
N VAL C 115 -31.82 18.35 17.07
CA VAL C 115 -31.94 19.17 18.26
C VAL C 115 -31.46 18.65 19.60
N TRP C 116 -31.98 17.70 20.25
CA TRP C 116 -31.14 17.25 21.50
C TRP C 116 -31.12 18.11 22.78
N GLY C 117 -31.55 17.54 23.88
CA GLY C 117 -31.49 18.16 25.18
C GLY C 117 -30.18 17.79 25.87
N GLN C 118 -30.07 18.25 27.10
CA GLN C 118 -28.82 18.25 27.78
C GLN C 118 -28.58 16.88 28.33
N GLY C 119 -29.62 16.10 28.55
CA GLY C 119 -29.46 14.72 29.06
C GLY C 119 -29.95 14.66 30.50
N THR C 120 -30.40 13.50 30.92
CA THR C 120 -30.86 13.28 32.27
C THR C 120 -30.29 11.92 32.68
N THR C 121 -29.71 11.84 33.86
CA THR C 121 -29.08 10.63 34.32
C THR C 121 -30.11 9.85 35.08
N VAL C 122 -30.27 8.55 34.75
CA VAL C 122 -30.94 7.64 35.66
C VAL C 122 -30.08 6.42 35.94
N THR C 123 -30.07 6.05 37.22
CA THR C 123 -29.13 5.10 37.77
C THR C 123 -29.95 4.08 38.50
N VAL C 124 -29.88 2.83 38.04
CA VAL C 124 -30.76 1.82 38.62
C VAL C 124 -29.95 0.71 39.25
N SER C 125 -29.95 0.60 40.56
CA SER C 125 -29.09 -0.41 41.20
C SER C 125 -29.85 -1.08 42.31
N SER C 126 -29.68 -2.39 42.40
CA SER C 126 -30.20 -3.12 43.62
C SER C 126 -29.08 -3.36 44.63
N ALA C 127 -27.97 -2.66 44.50
CA ALA C 127 -26.89 -2.75 45.46
C ALA C 127 -27.09 -1.83 46.69
N SER C 128 -26.93 -2.44 47.84
CA SER C 128 -26.75 -1.76 49.11
C SER C 128 -25.24 -1.61 49.35
N THR C 129 -24.96 -0.51 50.02
CA THR C 129 -23.73 -0.28 50.71
C THR C 129 -23.01 -1.50 51.22
N LYS C 130 -21.72 -1.53 50.90
CA LYS C 130 -20.86 -2.67 51.18
C LYS C 130 -19.37 -2.29 51.01
N GLY C 131 -18.58 -2.61 52.04
CA GLY C 131 -17.15 -2.40 52.04
C GLY C 131 -16.36 -3.41 51.19
N PRO C 132 -15.13 -3.06 50.81
CA PRO C 132 -14.37 -3.91 49.88
C PRO C 132 -13.63 -5.03 50.55
N SER C 133 -13.43 -6.12 49.84
CA SER C 133 -12.46 -7.15 50.20
C SER C 133 -11.15 -6.75 49.59
N VAL C 134 -10.06 -6.93 50.30
CA VAL C 134 -8.77 -6.50 49.79
C VAL C 134 -7.82 -7.67 49.64
N PHE C 135 -7.34 -7.87 48.42
CA PHE C 135 -6.37 -8.96 48.18
C PHE C 135 -5.06 -8.41 47.67
N PRO C 136 -3.96 -8.90 48.18
CA PRO C 136 -2.63 -8.54 47.66
C PRO C 136 -2.40 -8.98 46.20
N LEU C 137 -1.73 -8.13 45.42
CA LEU C 137 -1.17 -8.55 44.12
C LEU C 137 0.29 -8.51 44.29
N ALA C 138 0.82 -9.63 44.74
CA ALA C 138 2.28 -9.79 45.04
C ALA C 138 3.19 -9.58 43.84
N PRO C 139 4.32 -8.86 44.02
CA PRO C 139 5.35 -8.79 42.90
C PRO C 139 5.92 -10.17 42.75
N SER C 140 5.96 -10.63 41.51
CA SER C 140 6.38 -12.03 41.22
C SER C 140 7.80 -11.92 40.53
N SER C 141 8.28 -12.95 39.80
CA SER C 141 9.30 -12.66 38.75
C SER C 141 8.69 -11.77 37.64
N LYS C 142 7.36 -11.69 37.60
CA LYS C 142 6.55 -10.68 36.83
C LYS C 142 6.55 -9.21 37.45
N SER C 143 7.77 -8.71 37.27
CA SER C 143 8.19 -7.37 37.18
C SER C 143 7.96 -6.84 35.74
N THR C 144 8.13 -5.53 35.56
CA THR C 144 8.16 -4.80 34.26
C THR C 144 9.59 -4.61 33.64
N SER C 145 10.56 -5.38 34.13
CA SER C 145 11.98 -5.35 33.72
C SER C 145 12.71 -4.05 34.09
N GLY C 146 13.94 -3.93 33.62
CA GLY C 146 14.77 -2.71 33.80
C GLY C 146 14.90 -2.32 35.26
N GLY C 147 14.98 -3.35 36.14
CA GLY C 147 15.13 -3.19 37.58
C GLY C 147 13.89 -2.79 38.35
N THR C 148 12.71 -2.83 37.70
CA THR C 148 11.43 -2.40 38.27
C THR C 148 10.36 -3.52 38.28
N ALA C 149 9.55 -3.51 39.37
CA ALA C 149 8.49 -4.52 39.70
C ALA C 149 7.17 -3.86 39.98
N ALA C 150 6.10 -4.43 39.47
CA ALA C 150 4.73 -4.02 39.85
C ALA C 150 4.28 -4.86 41.01
N LEU C 151 3.70 -4.22 42.01
CA LEU C 151 2.96 -4.93 43.03
C LEU C 151 1.67 -4.15 43.20
N GLY C 152 0.69 -4.75 43.82
CA GLY C 152 -0.51 -3.96 44.11
C GLY C 152 -1.54 -4.57 45.00
N CYS C 153 -2.72 -3.99 44.98
CA CYS C 153 -3.84 -4.68 45.65
C CYS C 153 -5.18 -4.48 44.97
N LEU C 154 -5.95 -5.56 45.04
CA LEU C 154 -7.18 -5.79 44.29
C LEU C 154 -8.24 -5.53 45.36
N VAL C 155 -9.15 -4.60 45.04
CA VAL C 155 -10.18 -4.05 45.92
C VAL C 155 -11.52 -4.46 45.35
N LYS C 156 -12.10 -5.46 45.95
CA LYS C 156 -13.17 -6.20 45.33
C LYS C 156 -14.54 -5.98 46.00
N ASP C 157 -15.56 -5.94 45.17
CA ASP C 157 -16.93 -6.12 45.61
C ASP C 157 -17.41 -5.05 46.64
N TYR C 158 -17.42 -3.78 46.27
CA TYR C 158 -17.85 -2.68 47.13
C TYR C 158 -18.88 -1.81 46.44
N PHE C 159 -19.63 -1.06 47.20
CA PHE C 159 -20.70 -0.17 46.69
C PHE C 159 -21.00 0.85 47.76
N PRO C 160 -21.18 2.13 47.40
CA PRO C 160 -21.07 2.76 46.10
C PRO C 160 -19.63 3.17 45.73
N GLU C 161 -19.51 3.90 44.58
CA GLU C 161 -18.31 3.95 43.80
C GLU C 161 -17.06 4.60 44.40
N PRO C 162 -17.17 5.73 45.09
CA PRO C 162 -15.78 6.27 45.46
C PRO C 162 -15.01 5.40 46.51
N VAL C 163 -13.92 4.72 46.08
CA VAL C 163 -12.99 4.11 47.00
C VAL C 163 -11.67 4.80 46.72
N THR C 164 -10.78 4.80 47.70
CA THR C 164 -9.56 5.59 47.65
C THR C 164 -8.32 4.83 48.10
N VAL C 165 -7.28 4.87 47.27
CA VAL C 165 -6.07 4.09 47.63
C VAL C 165 -4.80 4.92 47.71
N SER C 166 -4.14 4.81 48.84
CA SER C 166 -2.87 5.38 49.05
C SER C 166 -1.89 4.23 49.38
N TRP C 167 -0.59 4.53 49.26
CA TRP C 167 0.46 3.57 49.56
C TRP C 167 1.32 4.12 50.68
N ASN C 168 1.80 3.25 51.57
CA ASN C 168 2.57 3.62 52.77
C ASN C 168 2.17 4.94 53.46
N SER C 169 0.91 5.02 53.87
CA SER C 169 0.31 6.23 54.40
C SER C 169 0.51 7.50 53.61
N GLY C 170 0.66 7.43 52.27
CA GLY C 170 0.88 8.64 51.43
C GLY C 170 2.35 8.99 51.17
N ALA C 171 3.28 8.28 51.82
CA ALA C 171 4.73 8.47 51.68
C ALA C 171 5.31 7.94 50.38
N LEU C 172 4.50 7.24 49.62
CA LEU C 172 4.85 6.66 48.37
C LEU C 172 3.72 7.04 47.40
N THR C 173 3.90 8.14 46.69
CA THR C 173 2.97 8.52 45.61
C THR C 173 3.58 8.29 44.24
N SER C 174 4.86 7.91 44.18
CA SER C 174 5.53 7.84 42.92
C SER C 174 5.48 6.44 42.30
N GLY C 175 5.13 6.35 41.02
CA GLY C 175 4.83 5.06 40.39
C GLY C 175 3.44 4.46 40.64
N VAL C 176 2.57 5.13 41.34
CA VAL C 176 1.24 4.61 41.68
C VAL C 176 0.26 4.82 40.55
N HIS C 177 -0.43 3.82 40.04
CA HIS C 177 -1.66 4.05 39.21
C HIS C 177 -2.83 3.29 39.85
N THR C 178 -3.91 4.02 40.11
CA THR C 178 -5.13 3.42 40.55
C THR C 178 -6.13 3.47 39.42
N PHE C 179 -6.57 2.31 38.99
CA PHE C 179 -7.34 2.21 37.76
C PHE C 179 -8.77 2.51 38.12
N PRO C 180 -9.58 3.00 37.15
CA PRO C 180 -11.01 2.98 37.31
C PRO C 180 -11.51 1.68 37.66
N ALA C 181 -12.56 1.71 38.49
CA ALA C 181 -13.37 0.56 38.85
C ALA C 181 -13.98 -0.08 37.65
N VAL C 182 -14.39 -1.30 37.81
CA VAL C 182 -15.23 -1.99 36.89
C VAL C 182 -16.47 -2.30 37.70
N LEU C 183 -17.60 -2.43 37.02
CA LEU C 183 -18.89 -2.55 37.66
C LEU C 183 -19.44 -3.86 37.20
N GLN C 184 -19.81 -4.71 38.12
CA GLN C 184 -20.12 -6.09 37.82
C GLN C 184 -21.63 -6.36 37.57
N SER C 185 -21.97 -7.52 36.99
CA SER C 185 -23.36 -7.95 36.91
C SER C 185 -24.03 -8.02 38.29
N SER C 186 -23.25 -8.24 39.36
CA SER C 186 -23.82 -8.08 40.73
C SER C 186 -24.12 -6.64 41.12
N GLY C 187 -23.68 -5.63 40.37
CA GLY C 187 -23.73 -4.27 40.80
C GLY C 187 -22.76 -3.82 41.84
N LEU C 188 -21.72 -4.62 42.09
CA LEU C 188 -20.65 -4.16 42.96
C LEU C 188 -19.45 -3.65 42.13
N TYR C 189 -18.70 -2.70 42.67
CA TYR C 189 -17.54 -2.16 41.97
C TYR C 189 -16.31 -2.96 42.40
N SER C 190 -15.31 -3.06 41.51
CA SER C 190 -13.95 -3.53 41.90
C SER C 190 -12.84 -2.72 41.25
N LEU C 191 -11.71 -2.63 41.92
CA LEU C 191 -10.61 -1.86 41.35
C LEU C 191 -9.21 -2.35 41.77
N SER C 192 -8.19 -1.94 41.03
CA SER C 192 -6.82 -2.37 41.37
C SER C 192 -5.95 -1.17 41.52
N SER C 193 -5.01 -1.20 42.44
CA SER C 193 -4.11 -0.12 42.50
C SER C 193 -2.73 -0.76 42.53
N VAL C 194 -1.89 -0.21 41.66
CA VAL C 194 -0.60 -0.78 41.38
C VAL C 194 0.43 0.33 41.56
N VAL C 195 1.51 -0.06 42.16
CA VAL C 195 2.63 0.80 42.31
C VAL C 195 3.88 0.08 41.69
N THR C 196 4.48 0.78 40.72
CA THR C 196 5.79 0.41 40.06
C THR C 196 6.88 0.83 40.97
N VAL C 197 7.65 -0.13 41.47
CA VAL C 197 8.85 0.16 42.26
C VAL C 197 10.13 -0.50 41.66
N PRO C 198 11.32 -0.10 42.15
CA PRO C 198 12.54 -0.88 41.92
C PRO C 198 12.50 -2.29 42.55
N SER C 199 12.77 -3.31 41.75
CA SER C 199 12.83 -4.70 42.24
C SER C 199 13.91 -4.99 43.30
N SER C 200 14.98 -4.21 43.28
CA SER C 200 16.04 -4.31 44.32
C SER C 200 15.51 -4.09 45.75
N SER C 201 14.59 -3.12 45.92
CA SER C 201 14.01 -2.74 47.25
C SER C 201 13.09 -3.80 47.95
N LEU C 202 12.42 -4.66 47.16
CA LEU C 202 11.66 -5.82 47.68
C LEU C 202 12.51 -6.58 48.66
N GLY C 203 11.92 -7.14 49.71
CA GLY C 203 12.73 -7.87 50.69
C GLY C 203 13.31 -7.02 51.81
N THR C 204 13.41 -5.69 51.61
CA THR C 204 13.61 -4.72 52.72
C THR C 204 12.48 -3.69 52.88
N GLN C 205 12.31 -2.76 51.92
CA GLN C 205 11.20 -1.81 52.02
C GLN C 205 9.78 -2.49 51.99
N THR C 206 8.98 -2.22 53.03
CA THR C 206 7.65 -2.80 53.13
C THR C 206 6.66 -1.87 52.42
N TYR C 207 5.75 -2.46 51.64
CA TYR C 207 4.69 -1.75 50.92
C TYR C 207 3.29 -2.04 51.49
N ILE C 208 2.53 -1.00 51.81
CA ILE C 208 1.17 -1.19 52.40
C ILE C 208 0.16 -0.39 51.59
N CYS C 209 -0.83 -1.03 50.99
CA CYS C 209 -1.95 -0.22 50.49
C CYS C 209 -2.95 0.06 51.61
N ASN C 210 -3.31 1.32 51.71
CA ASN C 210 -4.31 1.84 52.60
C ASN C 210 -5.53 2.13 51.72
N VAL C 211 -6.58 1.29 51.89
CA VAL C 211 -7.83 1.49 51.18
C VAL C 211 -8.86 2.18 52.08
N ASN C 212 -9.59 3.15 51.52
CA ASN C 212 -10.62 3.86 52.29
C ASN C 212 -11.86 3.83 51.46
N HIS C 213 -12.96 3.32 52.03
CA HIS C 213 -14.30 3.41 51.40
C HIS C 213 -15.16 4.13 52.45
N LYS C 214 -15.31 5.47 52.33
CA LYS C 214 -16.17 6.25 53.24
C LYS C 214 -17.63 5.87 53.20
N PRO C 215 -18.19 5.65 52.04
CA PRO C 215 -19.60 5.29 52.03
C PRO C 215 -20.02 4.07 52.88
N SER C 216 -19.09 3.25 53.33
CA SER C 216 -19.39 2.17 54.28
C SER C 216 -18.60 2.26 55.56
N ASN C 217 -17.86 3.32 55.73
CA ASN C 217 -16.95 3.48 56.87
C ASN C 217 -15.95 2.33 57.08
N THR C 218 -15.31 1.93 55.98
CA THR C 218 -14.41 0.80 55.99
C THR C 218 -13.04 1.26 55.58
N LYS C 219 -12.06 0.95 56.45
CA LYS C 219 -10.66 1.21 56.11
C LYS C 219 -9.87 -0.11 56.17
N VAL C 220 -9.16 -0.40 55.10
CA VAL C 220 -8.25 -1.50 55.13
C VAL C 220 -6.80 -1.12 54.86
N ASP C 221 -5.91 -1.67 55.67
CA ASP C 221 -4.48 -1.54 55.47
C ASP C 221 -3.94 -2.95 55.20
N LYS C 222 -3.29 -3.15 54.05
CA LYS C 222 -2.71 -4.47 53.68
C LYS C 222 -1.26 -4.42 53.20
N LYS C 223 -0.44 -5.30 53.77
CA LYS C 223 0.99 -5.40 53.35
C LYS C 223 1.01 -6.30 52.21
N VAL C 224 1.70 -5.88 51.18
CA VAL C 224 2.01 -6.68 50.02
C VAL C 224 3.49 -7.05 50.12
N GLU C 225 3.72 -8.33 50.03
CA GLU C 225 4.98 -8.98 50.15
C GLU C 225 5.20 -9.85 48.90
N PRO C 226 6.47 -10.18 48.58
CA PRO C 226 6.71 -11.06 47.43
C PRO C 226 6.40 -12.47 47.88
N LYS C 227 6.28 -13.38 46.93
CA LYS C 227 5.94 -14.79 47.23
C LYS C 227 7.22 -15.63 47.38
N VAL D 3 32.39 0.68 3.72
CA VAL D 3 31.09 -0.09 3.88
C VAL D 3 30.00 0.50 2.94
N LEU D 4 29.14 -0.38 2.45
CA LEU D 4 27.92 -0.06 1.72
C LEU D 4 26.75 -0.36 2.67
N THR D 5 25.63 0.37 2.53
CA THR D 5 24.57 0.27 3.51
C THR D 5 23.37 -0.46 2.94
N GLN D 6 22.92 -1.47 3.66
CA GLN D 6 21.79 -2.26 3.24
C GLN D 6 20.91 -2.34 4.46
N PRO D 7 19.61 -2.24 4.29
CA PRO D 7 18.73 -2.56 5.36
C PRO D 7 19.03 -3.90 5.93
N PRO D 8 19.13 -4.00 7.25
CA PRO D 8 19.35 -5.29 7.92
C PRO D 8 18.36 -6.40 7.59
N SER D 9 17.11 -6.05 7.32
CA SER D 9 16.09 -7.09 7.06
C SER D 9 15.08 -6.81 5.90
N ALA D 10 14.43 -7.90 5.50
CA ALA D 10 13.35 -7.90 4.53
C ALA D 10 12.52 -9.20 4.65
N SER D 11 11.26 -9.09 4.23
CA SER D 11 10.38 -10.26 4.13
C SER D 11 9.31 -10.11 3.07
N GLY D 12 8.79 -11.27 2.69
CA GLY D 12 7.74 -11.39 1.72
C GLY D 12 6.99 -12.70 2.00
N THR D 13 5.88 -12.85 1.26
CA THR D 13 5.05 -14.05 1.22
C THR D 13 5.39 -14.76 -0.10
N PRO D 14 5.18 -16.09 -0.18
CA PRO D 14 5.49 -16.74 -1.45
C PRO D 14 4.74 -16.14 -2.62
N GLY D 15 5.43 -15.73 -3.69
CA GLY D 15 4.80 -15.06 -4.83
C GLY D 15 4.88 -13.54 -4.84
N GLN D 16 5.13 -12.94 -3.67
CA GLN D 16 5.36 -11.49 -3.53
C GLN D 16 6.69 -11.03 -4.24
N ARG D 17 6.87 -9.71 -4.33
CA ARG D 17 8.05 -9.14 -4.98
C ARG D 17 8.82 -8.28 -3.96
N VAL D 18 9.97 -8.78 -3.45
CA VAL D 18 10.81 -7.99 -2.53
C VAL D 18 11.90 -7.19 -3.21
N THR D 19 12.34 -6.13 -2.53
CA THR D 19 13.37 -5.25 -3.03
C THR D 19 14.43 -5.04 -1.93
N ILE D 20 15.70 -5.39 -2.22
CA ILE D 20 16.82 -5.16 -1.32
C ILE D 20 17.59 -3.96 -1.85
N SER D 21 17.97 -3.07 -0.97
CA SER D 21 18.55 -1.76 -1.38
C SER D 21 20.00 -1.71 -0.99
N CYS D 22 20.76 -0.89 -1.70
CA CYS D 22 22.17 -0.71 -1.39
C CYS D 22 22.54 0.75 -1.62
N SER D 23 22.94 1.42 -0.54
CA SER D 23 23.45 2.77 -0.65
C SER D 23 24.97 2.79 -0.46
N GLY D 24 25.62 3.50 -1.37
CA GLY D 24 27.07 3.67 -1.33
C GLY D 24 27.49 5.04 -1.85
N SER D 25 28.79 5.17 -2.09
CA SER D 25 29.48 6.43 -2.33
C SER D 25 29.82 6.54 -3.79
N SER D 26 30.21 7.72 -4.25
CA SER D 26 30.56 7.92 -5.66
C SER D 26 31.85 7.17 -6.00
N SER D 27 32.75 7.08 -5.02
CA SER D 27 33.99 6.28 -5.19
C SER D 27 33.72 4.78 -5.53
N ASN D 28 32.65 4.19 -5.00
CA ASN D 28 32.33 2.84 -5.33
C ASN D 28 31.15 2.70 -6.27
N ILE D 29 29.94 2.62 -5.77
CA ILE D 29 28.77 2.30 -6.61
C ILE D 29 28.58 3.29 -7.72
N GLY D 30 28.91 4.53 -7.49
CA GLY D 30 28.61 5.57 -8.43
C GLY D 30 29.38 5.44 -9.68
N SER D 31 30.61 4.98 -9.59
CA SER D 31 31.47 4.84 -10.79
C SER D 31 31.64 3.39 -11.25
N ASN D 32 31.26 2.43 -10.40
CA ASN D 32 31.70 1.06 -10.59
C ASN D 32 30.57 0.04 -10.54
N PRO D 33 30.76 -1.10 -11.21
CA PRO D 33 29.71 -2.10 -11.33
C PRO D 33 29.42 -2.77 -10.04
N VAL D 34 28.15 -3.01 -9.82
CA VAL D 34 27.69 -3.60 -8.59
C VAL D 34 27.49 -5.07 -8.82
N HIS D 35 27.87 -5.90 -7.84
CA HIS D 35 27.55 -7.31 -7.91
C HIS D 35 26.81 -7.73 -6.69
N TRP D 36 25.93 -8.72 -6.82
CA TRP D 36 25.10 -9.15 -5.70
C TRP D 36 25.31 -10.62 -5.40
N TYR D 37 25.29 -10.99 -4.13
CA TYR D 37 25.44 -12.41 -3.75
C TYR D 37 24.24 -12.92 -2.94
N GLN D 38 23.92 -14.19 -3.11
CA GLN D 38 23.01 -14.87 -2.21
C GLN D 38 23.86 -15.78 -1.30
N GLN D 39 23.54 -15.80 -0.01
CA GLN D 39 24.17 -16.79 0.89
C GLN D 39 23.17 -17.54 1.79
N LEU D 40 23.00 -18.82 1.49
CA LEU D 40 22.19 -19.70 2.33
C LEU D 40 23.01 -20.06 3.56
N PRO D 41 22.35 -20.27 4.71
CA PRO D 41 22.98 -20.81 5.90
C PRO D 41 24.06 -21.86 5.64
N GLY D 42 25.28 -21.61 6.14
CA GLY D 42 26.41 -22.59 6.05
C GLY D 42 26.90 -23.07 4.68
N THR D 43 26.65 -22.28 3.61
CA THR D 43 27.23 -22.45 2.25
C THR D 43 27.97 -21.15 1.83
N ALA D 44 28.73 -21.24 0.76
CA ALA D 44 29.45 -20.11 0.25
C ALA D 44 28.48 -19.21 -0.42
N PRO D 45 28.82 -17.94 -0.60
CA PRO D 45 28.06 -17.11 -1.50
C PRO D 45 27.94 -17.60 -2.95
N LYS D 46 26.90 -17.09 -3.63
CA LYS D 46 26.57 -17.38 -5.02
C LYS D 46 26.26 -16.03 -5.66
N LEU D 47 26.93 -15.75 -6.77
CA LEU D 47 26.79 -14.50 -7.47
C LEU D 47 25.48 -14.52 -8.21
N LEU D 48 24.61 -13.53 -7.95
CA LEU D 48 23.35 -13.35 -8.66
C LEU D 48 23.39 -12.33 -9.78
N ILE D 49 24.12 -11.25 -9.59
CA ILE D 49 24.02 -10.13 -10.53
C ILE D 49 25.41 -9.52 -10.67
N TYR D 50 25.74 -9.09 -11.88
CA TYR D 50 26.97 -8.30 -12.10
C TYR D 50 26.74 -7.23 -13.17
N ASP D 51 27.67 -6.28 -13.27
CA ASP D 51 27.52 -5.07 -14.07
C ASP D 51 26.16 -4.39 -13.85
N ASP D 52 25.73 -4.35 -12.60
CA ASP D 52 24.46 -3.73 -12.23
C ASP D 52 23.17 -4.58 -12.47
N ASN D 53 23.04 -5.13 -13.68
CA ASN D 53 21.78 -5.71 -14.17
C ASN D 53 21.91 -6.99 -15.00
N GLN D 54 23.05 -7.68 -14.93
CA GLN D 54 23.26 -8.90 -15.70
C GLN D 54 23.37 -10.08 -14.78
N ARG D 55 22.82 -11.20 -15.23
CA ARG D 55 22.82 -12.44 -14.47
C ARG D 55 23.84 -13.42 -15.01
N PRO D 56 24.61 -14.06 -14.14
CA PRO D 56 25.46 -15.11 -14.69
C PRO D 56 24.59 -16.28 -15.09
N SER D 57 25.21 -17.27 -15.75
CA SER D 57 24.52 -18.50 -16.08
C SER D 57 23.82 -19.10 -14.87
N GLY D 58 22.68 -19.74 -15.09
CA GLY D 58 21.95 -20.49 -14.07
C GLY D 58 21.14 -19.64 -13.11
N VAL D 59 20.78 -18.43 -13.50
CA VAL D 59 20.13 -17.56 -12.54
C VAL D 59 18.86 -17.07 -13.18
N PRO D 60 17.69 -17.41 -12.58
CA PRO D 60 16.36 -17.02 -13.06
C PRO D 60 16.19 -15.51 -13.27
N ASP D 61 15.44 -15.10 -14.29
CA ASP D 61 15.19 -13.65 -14.51
C ASP D 61 14.22 -13.04 -13.48
N ARG D 62 13.69 -13.83 -12.55
CA ARG D 62 12.95 -13.20 -11.43
C ARG D 62 13.85 -12.35 -10.54
N PHE D 63 15.13 -12.77 -10.48
CA PHE D 63 16.24 -11.95 -9.97
C PHE D 63 16.65 -10.93 -11.03
N SER D 64 16.41 -9.66 -10.74
CA SER D 64 16.83 -8.56 -11.57
C SER D 64 17.47 -7.52 -10.66
N GLY D 65 18.27 -6.63 -11.22
CA GLY D 65 18.82 -5.52 -10.44
C GLY D 65 19.20 -4.34 -11.26
N SER D 66 19.27 -3.19 -10.62
CA SER D 66 19.49 -1.91 -11.31
C SER D 66 20.41 -1.02 -10.49
N LYS D 67 20.84 0.08 -11.11
CA LYS D 67 21.68 1.06 -10.44
C LYS D 67 21.29 2.48 -10.86
N SER D 68 20.96 3.31 -9.88
CA SER D 68 20.79 4.75 -10.10
C SER D 68 21.71 5.54 -9.15
N GLY D 69 22.57 6.37 -9.76
CA GLY D 69 23.51 7.21 -9.04
C GLY D 69 24.39 6.42 -8.12
N THR D 70 24.14 6.56 -6.83
CA THR D 70 24.99 6.10 -5.77
C THR D 70 24.28 4.94 -5.01
N SER D 71 23.27 4.37 -5.66
CA SER D 71 22.45 3.31 -5.07
C SER D 71 22.17 2.20 -6.07
N ALA D 72 21.88 1.03 -5.53
CA ALA D 72 21.51 -0.11 -6.33
C ALA D 72 20.40 -0.91 -5.66
N SER D 73 19.76 -1.73 -6.47
CA SER D 73 18.58 -2.46 -6.03
C SER D 73 18.66 -3.85 -6.59
N LEU D 74 18.37 -4.81 -5.73
CA LEU D 74 18.18 -6.19 -6.14
C LEU D 74 16.71 -6.45 -5.90
N VAL D 75 15.98 -6.88 -6.93
CA VAL D 75 14.54 -7.19 -6.79
C VAL D 75 14.27 -8.63 -7.22
N ILE D 76 13.73 -9.39 -6.25
CA ILE D 76 13.31 -10.78 -6.40
C ILE D 76 11.76 -10.84 -6.60
N SER D 77 11.32 -10.90 -7.87
CA SER D 77 9.94 -11.28 -8.23
C SER D 77 9.65 -12.76 -7.99
N GLY D 78 8.38 -13.07 -7.76
CA GLY D 78 7.95 -14.45 -7.75
C GLY D 78 8.62 -15.19 -6.63
N LEU D 79 8.48 -14.62 -5.44
CA LEU D 79 9.30 -15.01 -4.32
C LEU D 79 9.07 -16.44 -3.83
N GLN D 80 10.03 -17.34 -4.08
CA GLN D 80 9.95 -18.69 -3.55
C GLN D 80 10.55 -18.74 -2.16
N SER D 81 10.39 -19.87 -1.52
CA SER D 81 10.80 -20.03 -0.13
C SER D 81 12.21 -20.56 0.03
N ASP D 82 12.81 -20.99 -1.09
CA ASP D 82 14.26 -21.21 -1.22
C ASP D 82 15.03 -19.89 -1.13
N ASP D 83 14.38 -18.78 -1.44
CA ASP D 83 15.00 -17.47 -1.42
C ASP D 83 15.33 -17.01 -0.01
N GLU D 84 14.92 -17.76 1.02
CA GLU D 84 15.27 -17.41 2.38
C GLU D 84 16.76 -17.51 2.54
N ALA D 85 17.40 -16.35 2.71
CA ALA D 85 18.85 -16.28 2.78
C ALA D 85 19.30 -14.86 3.09
N ASP D 86 20.62 -14.69 3.25
CA ASP D 86 21.19 -13.33 3.34
C ASP D 86 21.62 -12.91 1.96
N TYR D 87 21.46 -11.63 1.64
CA TYR D 87 21.73 -11.05 0.32
C TYR D 87 22.66 -9.87 0.52
N TYR D 88 23.74 -9.78 -0.29
CA TYR D 88 24.82 -8.79 -0.11
C TYR D 88 25.00 -8.08 -1.41
N CYS D 89 25.20 -6.77 -1.37
CA CYS D 89 25.72 -6.00 -2.51
C CYS D 89 27.24 -5.84 -2.33
N ALA D 90 27.88 -5.38 -3.40
CA ALA D 90 29.30 -5.23 -3.43
C ALA D 90 29.69 -4.41 -4.60
N ALA D 91 30.88 -3.84 -4.50
CA ALA D 91 31.43 -2.99 -5.56
C ALA D 91 32.84 -2.71 -5.21
N TRP D 92 33.57 -2.25 -6.22
CA TRP D 92 34.95 -1.89 -6.02
C TRP D 92 34.98 -0.41 -5.74
N ASP D 93 35.64 -0.05 -4.64
CA ASP D 93 35.96 1.33 -4.28
C ASP D 93 37.24 1.82 -4.95
N ASP D 94 37.32 3.12 -5.24
CA ASP D 94 38.47 3.63 -5.99
C ASP D 94 39.76 3.65 -5.16
N SER D 95 39.65 3.81 -3.83
CA SER D 95 40.75 3.47 -2.90
C SER D 95 40.83 1.95 -3.01
N LEU D 96 41.97 1.33 -3.34
CA LEU D 96 41.98 0.00 -4.06
C LEU D 96 41.53 -1.20 -3.14
N ASN D 97 40.22 -1.29 -2.96
CA ASN D 97 39.63 -2.34 -2.18
C ASN D 97 38.18 -2.69 -2.66
N SER D 98 37.89 -3.99 -2.67
CA SER D 98 36.52 -4.47 -2.89
C SER D 98 35.73 -4.23 -1.60
N VAL D 99 34.49 -3.79 -1.72
CA VAL D 99 33.68 -3.53 -0.54
C VAL D 99 32.36 -4.28 -0.57
N PHE D 100 32.06 -5.09 0.42
CA PHE D 100 30.67 -5.55 0.62
C PHE D 100 29.78 -4.64 1.49
N GLY D 101 28.47 -4.69 1.26
CA GLY D 101 27.47 -4.16 2.20
C GLY D 101 27.28 -5.14 3.36
N GLY D 102 26.46 -4.75 4.28
CA GLY D 102 26.35 -5.44 5.57
C GLY D 102 25.47 -6.64 5.53
N GLY D 103 24.81 -6.89 4.40
CA GLY D 103 23.86 -8.01 4.37
C GLY D 103 22.43 -7.64 4.82
N THR D 104 21.46 -8.26 4.13
CA THR D 104 20.03 -8.14 4.36
C THR D 104 19.46 -9.54 4.56
N LYS D 105 18.87 -9.83 5.75
CA LYS D 105 18.23 -11.12 5.98
C LYS D 105 16.86 -11.03 5.33
N LEU D 106 16.57 -11.96 4.44
CA LEU D 106 15.30 -12.07 3.81
C LEU D 106 14.56 -13.28 4.38
N THR D 107 13.38 -12.99 4.88
CA THR D 107 12.54 -13.99 5.47
C THR D 107 11.41 -14.32 4.48
N VAL D 108 11.22 -15.60 4.25
CA VAL D 108 10.12 -16.04 3.39
C VAL D 108 9.09 -16.67 4.28
N LEU D 109 8.08 -15.85 4.60
CA LEU D 109 6.95 -16.27 5.48
C LEU D 109 6.23 -17.54 4.95
N GLY D 110 6.46 -18.70 5.54
CA GLY D 110 6.15 -19.97 4.88
C GLY D 110 5.17 -20.82 5.66
N GLN D 111 4.69 -20.30 6.80
CA GLN D 111 3.92 -21.10 7.77
C GLN D 111 3.40 -20.19 8.88
N PRO D 112 2.58 -20.75 9.75
CA PRO D 112 2.01 -19.88 10.79
C PRO D 112 2.93 -19.62 11.98
N LYS D 113 2.73 -18.44 12.59
CA LYS D 113 3.30 -18.07 13.89
C LYS D 113 3.02 -19.10 14.99
N ALA D 114 4.01 -19.93 15.31
CA ALA D 114 4.04 -20.86 16.46
C ALA D 114 4.76 -20.25 17.67
N ALA D 115 4.23 -20.46 18.88
CA ALA D 115 4.84 -19.94 20.13
C ALA D 115 5.97 -20.91 20.58
N PRO D 116 6.98 -20.39 21.31
CA PRO D 116 8.01 -21.25 21.81
C PRO D 116 7.51 -22.05 23.00
N SER D 117 7.82 -23.34 23.09
CA SER D 117 7.85 -23.96 24.41
C SER D 117 9.26 -23.71 24.98
N VAL D 118 9.35 -23.68 26.30
CA VAL D 118 10.51 -23.29 27.04
C VAL D 118 10.66 -24.27 28.18
N THR D 119 11.89 -24.77 28.40
CA THR D 119 12.24 -25.71 29.47
C THR D 119 13.43 -25.08 30.14
N LEU D 120 13.36 -24.96 31.46
CA LEU D 120 14.45 -24.45 32.24
C LEU D 120 14.99 -25.50 33.19
N PHE D 121 16.22 -25.94 32.98
CA PHE D 121 16.81 -26.95 33.86
C PHE D 121 17.74 -26.28 34.85
N PRO D 122 17.67 -26.71 36.08
CA PRO D 122 18.57 -26.16 37.09
C PRO D 122 19.92 -26.83 37.07
N PRO D 123 20.88 -26.31 37.82
CA PRO D 123 22.15 -27.00 37.98
C PRO D 123 21.91 -28.39 38.44
N SER D 124 22.57 -29.39 37.85
CA SER D 124 22.47 -30.76 38.27
C SER D 124 23.32 -30.92 39.53
N SER D 125 22.97 -31.97 40.24
CA SER D 125 23.66 -32.45 41.38
C SER D 125 25.18 -32.55 41.06
N GLU D 126 25.48 -33.23 39.96
CA GLU D 126 26.83 -33.45 39.55
C GLU D 126 27.62 -32.16 39.37
N GLU D 127 27.03 -31.17 38.69
CA GLU D 127 27.73 -29.95 38.47
C GLU D 127 27.93 -29.17 39.76
N LEU D 128 26.97 -29.19 40.66
CA LEU D 128 27.15 -28.43 41.92
C LEU D 128 28.25 -29.03 42.73
N GLN D 129 28.39 -30.33 42.66
CA GLN D 129 29.41 -31.04 43.40
C GLN D 129 30.78 -30.80 42.77
N ALA D 130 30.78 -30.31 41.54
CA ALA D 130 31.96 -29.81 40.87
C ALA D 130 32.22 -28.34 41.18
N ASN D 131 31.52 -27.78 42.15
CA ASN D 131 31.61 -26.36 42.45
C ASN D 131 31.23 -25.35 41.33
N LYS D 132 30.32 -25.74 40.48
CA LYS D 132 29.82 -24.83 39.46
C LYS D 132 28.32 -24.98 39.35
N ALA D 133 27.72 -24.17 38.50
CA ALA D 133 26.28 -24.10 38.45
C ALA D 133 25.76 -23.41 37.22
N THR D 134 25.09 -24.14 36.38
CA THR D 134 24.65 -23.61 35.15
C THR D 134 23.15 -23.87 35.00
N LEU D 135 22.42 -22.77 34.74
CA LEU D 135 21.03 -22.84 34.39
C LEU D 135 20.86 -22.90 32.86
N VAL D 136 20.13 -23.86 32.36
CA VAL D 136 19.99 -24.04 30.96
C VAL D 136 18.51 -23.84 30.52
N CYS D 137 18.29 -22.80 29.71
CA CYS D 137 16.96 -22.46 29.22
C CYS D 137 16.86 -22.86 27.76
N LEU D 138 16.10 -23.91 27.46
CA LEU D 138 15.94 -24.31 26.10
C LEU D 138 14.59 -23.87 25.55
N ILE D 139 14.63 -23.28 24.34
CA ILE D 139 13.49 -22.69 23.66
C ILE D 139 13.27 -23.47 22.34
N SER D 140 12.08 -24.03 22.12
CA SER D 140 11.87 -24.98 21.02
C SER D 140 10.74 -24.59 20.09
N ASP D 141 10.95 -24.96 18.84
CA ASP D 141 9.94 -24.93 17.78
C ASP D 141 8.99 -23.72 17.81
N PHE D 142 9.59 -22.57 17.47
CA PHE D 142 8.88 -21.31 17.31
C PHE D 142 9.07 -20.70 15.93
N TYR D 143 8.00 -20.09 15.39
CA TYR D 143 8.07 -19.42 14.08
C TYR D 143 7.36 -18.11 14.21
N PRO D 144 7.89 -17.01 13.69
CA PRO D 144 9.20 -16.89 12.99
C PRO D 144 10.37 -16.95 13.97
N GLY D 145 11.60 -17.17 13.49
CA GLY D 145 12.78 -17.41 14.34
C GLY D 145 13.39 -16.18 14.97
N ALA D 146 12.72 -15.58 15.94
CA ALA D 146 13.24 -14.40 16.60
C ALA D 146 12.64 -14.27 18.01
N VAL D 147 13.51 -14.18 19.01
CA VAL D 147 13.16 -14.09 20.43
C VAL D 147 14.07 -13.17 21.20
N THR D 148 13.82 -12.95 22.45
CA THR D 148 14.74 -12.26 23.33
C THR D 148 14.64 -13.06 24.62
N VAL D 149 15.70 -13.06 25.43
CA VAL D 149 15.76 -13.79 26.66
C VAL D 149 16.20 -12.85 27.80
N ALA D 150 15.59 -13.00 28.97
CA ALA D 150 15.96 -12.20 30.10
C ALA D 150 15.98 -13.09 31.35
N TRP D 151 17.01 -12.97 32.20
CA TRP D 151 17.09 -13.75 33.39
C TRP D 151 16.81 -12.90 34.64
N LYS D 152 16.12 -13.49 35.60
CA LYS D 152 15.77 -12.79 36.83
C LYS D 152 16.22 -13.67 37.97
N ALA D 153 16.89 -13.08 38.96
CA ALA D 153 17.10 -13.78 40.23
C ALA D 153 16.21 -13.06 41.21
N ASP D 154 15.24 -13.76 41.77
CA ASP D 154 14.27 -13.20 42.74
C ASP D 154 13.57 -11.96 42.20
N SER D 155 13.17 -12.02 40.94
CA SER D 155 12.55 -10.89 40.27
C SER D 155 13.45 -9.65 40.03
N SER D 156 14.76 -9.74 40.24
CA SER D 156 15.69 -8.67 39.91
C SER D 156 16.41 -9.15 38.66
N PRO D 157 16.57 -8.24 37.69
CA PRO D 157 17.26 -8.66 36.46
C PRO D 157 18.69 -9.08 36.72
N VAL D 158 19.21 -9.94 35.86
CA VAL D 158 20.61 -10.35 35.94
C VAL D 158 21.16 -10.41 34.51
N LYS D 159 22.22 -9.60 34.31
CA LYS D 159 22.90 -9.54 32.96
C LYS D 159 24.24 -10.31 32.98
N ALA D 160 25.02 -10.18 34.07
CA ALA D 160 26.22 -10.98 34.36
C ALA D 160 25.97 -12.50 34.37
N GLY D 161 26.69 -13.20 33.50
CA GLY D 161 26.73 -14.65 33.47
C GLY D 161 25.93 -15.26 32.34
N VAL D 162 25.39 -14.42 31.48
CA VAL D 162 24.43 -14.89 30.50
C VAL D 162 25.10 -15.01 29.11
N GLU D 163 24.85 -16.13 28.47
CA GLU D 163 25.22 -16.36 27.14
C GLU D 163 24.02 -16.92 26.33
N THR D 164 23.68 -16.35 25.17
CA THR D 164 22.56 -16.78 24.39
C THR D 164 22.97 -17.00 22.90
N THR D 165 22.78 -18.21 22.47
CA THR D 165 22.58 -18.64 21.11
C THR D 165 21.60 -17.87 20.30
N THR D 166 21.75 -17.92 19.00
CA THR D 166 20.92 -17.24 18.01
C THR D 166 20.05 -18.38 17.44
N PRO D 167 18.91 -18.00 16.82
CA PRO D 167 18.01 -19.14 16.60
C PRO D 167 18.50 -20.00 15.48
N SER D 168 17.99 -21.21 15.33
CA SER D 168 18.54 -22.21 14.44
C SER D 168 17.38 -23.14 13.93
N LYS D 169 17.30 -23.29 12.62
CA LYS D 169 16.21 -24.06 12.01
C LYS D 169 16.35 -25.54 12.35
N GLN D 170 15.29 -26.22 12.77
CA GLN D 170 15.44 -27.63 13.13
C GLN D 170 14.81 -28.62 12.16
N SER D 171 14.72 -29.90 12.55
CA SER D 171 14.18 -30.99 11.68
C SER D 171 12.75 -30.71 11.21
N ASN D 172 11.90 -30.24 12.10
CA ASN D 172 10.52 -29.85 11.72
C ASN D 172 10.37 -28.43 11.09
N ASN D 173 11.48 -27.75 10.79
CA ASN D 173 11.47 -26.43 10.17
C ASN D 173 10.93 -25.26 11.02
N LYS D 174 10.83 -25.47 12.33
CA LYS D 174 10.63 -24.37 13.26
C LYS D 174 11.93 -24.04 14.00
N TYR D 175 12.12 -22.79 14.38
CA TYR D 175 13.36 -22.37 15.01
C TYR D 175 13.47 -22.78 16.49
N ALA D 176 14.70 -22.90 16.97
CA ALA D 176 15.08 -23.21 18.38
C ALA D 176 16.17 -22.27 18.85
N ALA D 177 16.30 -22.08 20.16
CA ALA D 177 17.41 -21.29 20.73
C ALA D 177 17.73 -21.65 22.20
N SER D 178 18.83 -21.12 22.75
CA SER D 178 19.32 -21.54 24.09
C SER D 178 19.95 -20.34 24.82
N SER D 179 19.78 -20.27 26.14
CA SER D 179 20.45 -19.27 26.95
C SER D 179 20.96 -20.01 28.17
N TYR D 180 22.12 -19.59 28.69
CA TYR D 180 22.85 -20.28 29.80
C TYR D 180 23.03 -19.17 30.82
N LEU D 181 22.87 -19.46 32.12
CA LEU D 181 23.27 -18.54 33.18
C LEU D 181 24.26 -19.23 34.11
N SER D 182 25.39 -18.60 34.36
CA SER D 182 26.50 -19.21 35.08
C SER D 182 26.56 -18.64 36.39
N LEU D 183 26.36 -19.42 37.41
CA LEU D 183 26.38 -18.94 38.78
C LEU D 183 27.39 -19.74 39.56
N THR D 184 27.75 -19.19 40.71
CA THR D 184 28.45 -19.96 41.70
C THR D 184 27.40 -20.75 42.44
N PRO D 185 27.83 -21.85 43.10
CA PRO D 185 26.83 -22.55 43.88
C PRO D 185 26.28 -21.69 45.02
N GLU D 186 27.09 -20.76 45.56
CA GLU D 186 26.67 -19.88 46.66
C GLU D 186 25.49 -19.04 46.18
N GLN D 187 25.71 -18.35 45.05
CA GLN D 187 24.69 -17.54 44.40
C GLN D 187 23.38 -18.32 44.18
N TRP D 188 23.49 -19.55 43.69
CA TRP D 188 22.32 -20.38 43.40
C TRP D 188 21.52 -20.71 44.68
N LYS D 189 22.23 -20.95 45.78
CA LYS D 189 21.63 -21.24 47.10
C LYS D 189 20.95 -20.01 47.72
N SER D 190 21.53 -18.84 47.49
CA SER D 190 21.11 -17.58 48.10
C SER D 190 20.14 -16.73 47.26
N HIS D 191 19.21 -17.33 46.55
CA HIS D 191 18.03 -16.64 46.08
C HIS D 191 16.89 -17.65 46.19
N ARG D 192 15.66 -17.17 46.35
CA ARG D 192 14.56 -18.08 46.55
C ARG D 192 14.25 -18.87 45.26
N SER D 193 14.46 -18.20 44.14
CA SER D 193 14.25 -18.74 42.80
C SER D 193 15.10 -18.01 41.74
N TYR D 194 15.20 -18.66 40.58
CA TYR D 194 15.71 -18.04 39.35
C TYR D 194 14.73 -18.30 38.20
N SER D 195 14.72 -17.38 37.24
CA SER D 195 13.73 -17.41 36.20
C SER D 195 14.34 -17.03 34.86
N CYS D 196 13.86 -17.73 33.81
CA CYS D 196 14.16 -17.49 32.39
C CYS D 196 12.91 -16.95 31.67
N GLN D 197 13.00 -15.71 31.19
CA GLN D 197 11.89 -14.96 30.58
C GLN D 197 12.10 -14.72 29.07
N VAL D 198 11.22 -15.30 28.27
CA VAL D 198 11.43 -15.36 26.83
C VAL D 198 10.28 -14.66 26.15
N THR D 199 10.60 -13.80 25.17
CA THR D 199 9.61 -13.00 24.44
C THR D 199 9.63 -13.29 22.93
N HIS D 200 8.46 -13.57 22.35
CA HIS D 200 8.29 -14.01 20.95
C HIS D 200 7.05 -13.33 20.43
N GLU D 201 7.27 -12.33 19.57
CA GLU D 201 6.23 -11.50 19.00
C GLU D 201 5.29 -10.88 20.03
N GLY D 202 5.85 -10.30 21.10
CA GLY D 202 5.07 -9.64 22.16
C GLY D 202 4.50 -10.56 23.26
N SER D 203 4.19 -11.82 22.90
CA SER D 203 3.81 -12.88 23.89
C SER D 203 5.05 -13.34 24.64
N THR D 204 4.96 -13.43 25.95
CA THR D 204 6.03 -13.73 26.87
C THR D 204 5.66 -14.91 27.75
N VAL D 205 6.62 -15.80 27.82
CA VAL D 205 6.60 -17.04 28.56
C VAL D 205 7.73 -16.88 29.60
N GLU D 206 7.56 -17.46 30.76
CA GLU D 206 8.60 -17.45 31.78
C GLU D 206 8.69 -18.83 32.45
N LYS D 207 9.89 -19.28 32.80
CA LYS D 207 10.02 -20.42 33.70
C LYS D 207 10.93 -20.15 34.83
N THR D 208 10.70 -20.91 35.90
CA THR D 208 11.34 -20.69 37.20
C THR D 208 11.80 -22.05 37.79
N VAL D 209 12.95 -22.01 38.46
CA VAL D 209 13.50 -23.14 39.18
C VAL D 209 13.99 -22.57 40.46
N ALA D 210 14.02 -23.42 41.48
CA ALA D 210 14.34 -23.02 42.84
C ALA D 210 15.20 -24.08 43.44
N PRO D 211 16.09 -23.69 44.36
CA PRO D 211 17.01 -24.65 44.95
C PRO D 211 16.25 -25.75 45.67
N THR D 212 16.51 -26.96 45.18
CA THR D 212 15.76 -28.19 45.49
C THR D 212 16.37 -29.31 44.62
N ILE E 2 35.33 -27.78 -12.51
CA ILE E 2 35.33 -26.34 -12.06
C ILE E 2 35.16 -26.23 -10.55
N GLN E 3 36.21 -25.89 -9.83
CA GLN E 3 36.24 -26.22 -8.45
C GLN E 3 37.43 -25.51 -7.80
N LEU E 4 37.26 -25.20 -6.53
CA LEU E 4 38.23 -24.59 -5.71
C LEU E 4 38.18 -25.33 -4.39
N VAL E 5 39.27 -25.99 -4.03
CA VAL E 5 39.31 -26.85 -2.90
C VAL E 5 40.34 -26.29 -1.94
N GLN E 6 39.84 -25.81 -0.80
CA GLN E 6 40.64 -25.15 0.19
C GLN E 6 41.24 -26.07 1.18
N SER E 7 42.27 -25.62 1.90
CA SER E 7 43.07 -26.41 2.83
C SER E 7 43.74 -25.52 3.84
N GLY E 8 44.11 -26.12 4.95
CA GLY E 8 45.03 -25.60 5.89
C GLY E 8 44.60 -24.62 6.93
N GLY E 9 43.36 -24.72 7.45
CA GLY E 9 43.04 -23.82 8.60
C GLY E 9 43.44 -24.40 9.96
N GLY E 10 42.77 -23.95 11.02
CA GLY E 10 43.02 -24.44 12.39
C GLY E 10 42.88 -23.43 13.48
N VAL E 11 43.36 -23.79 14.69
CA VAL E 11 43.40 -22.88 15.82
C VAL E 11 44.81 -22.39 15.97
N VAL E 12 44.98 -21.17 16.40
CA VAL E 12 46.27 -20.62 16.51
C VAL E 12 46.24 -19.46 17.50
N GLN E 13 47.38 -19.26 18.14
CA GLN E 13 47.50 -18.34 19.24
C GLN E 13 47.66 -16.94 18.69
N PRO E 14 47.20 -15.92 19.43
CA PRO E 14 47.36 -14.54 18.91
C PRO E 14 48.77 -14.12 18.76
N GLY E 15 49.06 -13.31 17.73
CA GLY E 15 50.44 -12.99 17.29
C GLY E 15 51.18 -14.03 16.45
N ARG E 16 50.69 -15.26 16.43
CA ARG E 16 51.22 -16.35 15.61
C ARG E 16 50.52 -16.29 14.22
N SER E 17 50.81 -17.33 13.43
CA SER E 17 50.71 -17.26 11.98
C SER E 17 50.10 -18.54 11.40
N LEU E 18 49.54 -18.43 10.20
CA LEU E 18 48.88 -19.55 9.53
C LEU E 18 48.93 -19.30 8.07
N ARG E 19 48.88 -20.39 7.28
CA ARG E 19 48.85 -20.25 5.85
C ARG E 19 47.71 -21.06 5.27
N LEU E 20 46.83 -20.44 4.47
CA LEU E 20 45.78 -21.14 3.74
C LEU E 20 46.13 -21.44 2.33
N SER E 21 45.58 -22.52 1.79
CA SER E 21 45.69 -22.92 0.42
C SER E 21 44.34 -23.05 -0.24
N CYS E 22 44.30 -22.84 -1.55
CA CYS E 22 43.13 -22.98 -2.36
C CYS E 22 43.56 -23.52 -3.71
N ALA E 23 43.18 -24.74 -4.04
CA ALA E 23 43.59 -25.34 -5.31
C ALA E 23 42.48 -25.38 -6.32
N ALA E 24 42.80 -24.94 -7.53
CA ALA E 24 41.83 -24.79 -8.57
C ALA E 24 41.97 -25.86 -9.54
N SER E 25 40.84 -26.24 -10.14
CA SER E 25 40.77 -27.10 -11.31
C SER E 25 39.59 -26.70 -12.20
N GLY E 26 39.61 -27.12 -13.48
CA GLY E 26 38.50 -26.94 -14.39
C GLY E 26 38.44 -25.68 -15.21
N PHE E 27 39.39 -24.81 -14.97
CA PHE E 27 39.54 -23.62 -15.76
C PHE E 27 40.99 -23.24 -15.81
N THR E 28 41.33 -22.34 -16.72
CA THR E 28 42.70 -21.83 -16.84
C THR E 28 42.98 -20.87 -15.69
N PHE E 29 43.62 -21.37 -14.64
CA PHE E 29 43.85 -20.62 -13.40
C PHE E 29 44.53 -19.28 -13.63
N SER E 30 45.43 -19.26 -14.60
CA SER E 30 46.19 -18.02 -14.86
C SER E 30 45.46 -16.98 -15.74
N SER E 31 44.21 -17.26 -16.10
CA SER E 31 43.39 -16.31 -16.82
C SER E 31 42.49 -15.57 -15.86
N TYR E 32 42.65 -15.71 -14.53
CA TYR E 32 41.80 -15.02 -13.58
C TYR E 32 42.44 -14.36 -12.37
N GLY E 33 41.82 -13.24 -11.96
CA GLY E 33 42.15 -12.64 -10.71
C GLY E 33 41.51 -13.50 -9.64
N MET E 34 42.10 -13.52 -8.43
CA MET E 34 41.66 -14.35 -7.34
C MET E 34 41.52 -13.58 -6.05
N HIS E 35 40.55 -13.98 -5.24
CA HIS E 35 40.29 -13.21 -4.02
C HIS E 35 40.25 -14.09 -2.82
N TRP E 36 40.42 -13.48 -1.64
CA TRP E 36 40.03 -14.09 -0.38
C TRP E 36 38.96 -13.23 0.30
N VAL E 37 37.95 -13.88 0.84
CA VAL E 37 36.87 -13.19 1.53
C VAL E 37 36.65 -13.97 2.80
N ARG E 38 36.32 -13.29 3.88
CA ARG E 38 35.98 -13.98 5.13
C ARG E 38 34.70 -13.49 5.83
N GLN E 39 34.33 -14.26 6.84
CA GLN E 39 33.12 -14.13 7.61
C GLN E 39 33.29 -14.57 9.07
N ALA E 40 33.23 -13.61 9.99
CA ALA E 40 33.33 -13.95 11.44
C ALA E 40 32.05 -14.69 11.87
N PRO E 41 32.16 -15.58 12.87
CA PRO E 41 30.93 -16.25 13.44
C PRO E 41 29.76 -15.27 13.58
N GLY E 42 28.66 -15.67 12.92
CA GLY E 42 27.45 -14.83 12.71
C GLY E 42 27.58 -13.39 12.24
N LYS E 43 28.58 -13.02 11.43
CA LYS E 43 28.66 -11.64 10.85
C LYS E 43 28.67 -11.66 9.32
N GLY E 44 28.89 -10.49 8.76
CA GLY E 44 28.85 -10.32 7.32
C GLY E 44 30.12 -10.79 6.62
N LEU E 45 30.10 -10.63 5.30
CA LEU E 45 31.19 -10.94 4.43
C LEU E 45 32.13 -9.76 4.54
N GLU E 46 33.43 -10.05 4.54
CA GLU E 46 34.49 -9.04 4.48
C GLU E 46 35.54 -9.47 3.46
N TRP E 47 35.72 -8.64 2.46
CA TRP E 47 36.77 -8.92 1.48
C TRP E 47 38.12 -8.63 2.13
N VAL E 48 39.10 -9.55 1.95
CA VAL E 48 40.42 -9.37 2.55
C VAL E 48 41.46 -9.00 1.54
N ALA E 49 41.48 -9.65 0.37
CA ALA E 49 42.47 -9.32 -0.66
C ALA E 49 42.15 -9.81 -2.05
N VAL E 50 42.86 -9.26 -3.04
CA VAL E 50 42.81 -9.81 -4.40
C VAL E 50 44.24 -9.82 -4.94
N ILE E 51 44.49 -10.70 -5.92
CA ILE E 51 45.73 -10.81 -6.59
C ILE E 51 45.48 -10.95 -8.09
N SER E 52 46.35 -10.35 -8.90
CA SER E 52 46.32 -10.46 -10.36
C SER E 52 46.75 -11.79 -10.86
N TYR E 53 46.62 -11.96 -12.18
CA TYR E 53 46.81 -13.28 -12.78
C TYR E 53 48.15 -13.89 -12.48
N ASP E 54 49.20 -13.08 -12.46
CA ASP E 54 50.59 -13.62 -12.42
C ASP E 54 51.23 -13.30 -11.12
N GLY E 55 50.55 -12.52 -10.30
CA GLY E 55 51.03 -12.12 -8.97
C GLY E 55 51.62 -10.76 -8.84
N SER E 56 51.65 -10.00 -9.90
CA SER E 56 52.29 -8.68 -9.87
C SER E 56 51.47 -7.54 -9.27
N ARG E 57 50.19 -7.70 -9.05
CA ARG E 57 49.45 -6.69 -8.23
C ARG E 57 48.69 -7.39 -7.12
N LYS E 58 48.66 -6.77 -5.96
CA LYS E 58 48.00 -7.30 -4.79
C LYS E 58 47.31 -6.11 -4.11
N TYR E 59 46.07 -6.23 -3.71
CA TYR E 59 45.42 -5.18 -2.98
C TYR E 59 44.82 -5.82 -1.75
N TYR E 60 44.78 -5.07 -0.66
CA TYR E 60 44.30 -5.59 0.61
C TYR E 60 43.34 -4.65 1.30
N ALA E 61 42.34 -5.20 1.97
CA ALA E 61 41.53 -4.45 2.93
C ALA E 61 42.38 -3.87 4.05
N ASP E 62 42.06 -2.63 4.45
CA ASP E 62 42.83 -1.94 5.50
C ASP E 62 42.94 -2.76 6.78
N SER E 63 41.89 -3.46 7.16
CA SER E 63 41.96 -4.33 8.33
C SER E 63 43.06 -5.41 8.37
N VAL E 64 43.57 -5.86 7.20
CA VAL E 64 44.65 -6.88 7.20
C VAL E 64 45.94 -6.37 6.56
N LYS E 65 45.93 -5.11 6.13
CA LYS E 65 47.04 -4.44 5.46
C LYS E 65 48.24 -4.50 6.33
N GLY E 66 49.37 -4.93 5.80
CA GLY E 66 50.59 -5.15 6.58
C GLY E 66 50.74 -6.51 7.26
N ARG E 67 49.65 -7.25 7.51
CA ARG E 67 49.78 -8.54 8.27
C ARG E 67 49.51 -9.83 7.48
N PHE E 68 48.70 -9.70 6.43
CA PHE E 68 48.35 -10.81 5.59
C PHE E 68 48.98 -10.60 4.23
N THR E 69 49.32 -11.70 3.60
CA THR E 69 49.93 -11.65 2.30
C THR E 69 49.32 -12.70 1.38
N ILE E 70 48.85 -12.24 0.23
CA ILE E 70 48.27 -13.11 -0.76
C ILE E 70 49.29 -13.45 -1.81
N SER E 71 49.21 -14.64 -2.36
CA SER E 71 50.12 -15.04 -3.36
C SER E 71 49.60 -16.25 -4.08
N ARG E 72 50.29 -16.63 -5.14
CA ARG E 72 49.83 -17.74 -6.01
C ARG E 72 50.98 -18.38 -6.73
N ASP E 73 50.79 -19.64 -7.08
CA ASP E 73 51.70 -20.43 -7.81
C ASP E 73 50.95 -20.94 -8.98
N ASN E 74 51.00 -20.22 -10.11
CA ASN E 74 50.19 -20.64 -11.26
C ASN E 74 50.57 -22.05 -11.73
N SER E 75 51.73 -22.58 -11.37
CA SER E 75 52.13 -23.88 -11.87
C SER E 75 51.49 -25.00 -11.07
N LYS E 76 51.18 -24.74 -9.82
CA LYS E 76 50.47 -25.72 -9.06
C LYS E 76 48.97 -25.36 -9.01
N ASN E 77 48.50 -24.42 -9.86
CA ASN E 77 47.10 -24.02 -9.85
C ASN E 77 46.51 -23.67 -8.40
N THR E 78 47.29 -22.95 -7.57
CA THR E 78 47.02 -22.81 -6.19
C THR E 78 47.14 -21.38 -5.71
N LEU E 79 46.18 -20.99 -4.85
CA LEU E 79 46.14 -19.64 -4.29
C LEU E 79 46.50 -19.78 -2.84
N TYR E 80 47.20 -18.80 -2.32
CA TYR E 80 47.77 -18.88 -0.98
C TYR E 80 47.32 -17.63 -0.21
N LEU E 81 47.22 -17.74 1.09
CA LEU E 81 47.14 -16.56 1.94
C LEU E 81 47.94 -16.89 3.19
N GLN E 82 48.83 -15.99 3.53
CA GLN E 82 49.77 -16.16 4.62
C GLN E 82 49.27 -15.13 5.66
N MET E 83 48.92 -15.60 6.85
CA MET E 83 48.36 -14.73 7.89
C MET E 83 49.36 -14.66 9.08
N ASN E 84 49.78 -13.44 9.42
CA ASN E 84 50.72 -13.21 10.53
C ASN E 84 50.10 -12.18 11.44
N SER E 85 50.68 -12.09 12.66
CA SER E 85 50.12 -11.23 13.68
C SER E 85 48.60 -11.43 13.87
N LEU E 86 48.19 -12.68 13.90
CA LEU E 86 46.76 -12.99 14.02
C LEU E 86 46.15 -12.44 15.32
N ARG E 87 44.97 -11.88 15.19
CA ARG E 87 44.26 -11.43 16.33
C ARG E 87 43.00 -12.28 16.48
N ALA E 88 42.31 -12.07 17.59
CA ALA E 88 41.05 -12.77 17.83
C ALA E 88 39.97 -12.28 16.84
N GLU E 89 39.99 -11.01 16.43
CA GLU E 89 39.03 -10.61 15.42
C GLU E 89 39.32 -11.11 13.99
N ASP E 90 40.39 -11.85 13.80
CA ASP E 90 40.64 -12.49 12.51
C ASP E 90 39.98 -13.87 12.39
N THR E 91 39.38 -14.31 13.49
CA THR E 91 38.75 -15.59 13.52
C THR E 91 37.51 -15.53 12.63
N ALA E 92 37.39 -16.48 11.72
CA ALA E 92 36.35 -16.45 10.72
C ALA E 92 36.45 -17.59 9.82
N VAL E 93 35.50 -17.74 8.93
CA VAL E 93 35.61 -18.70 7.85
C VAL E 93 36.18 -17.91 6.68
N TYR E 94 37.25 -18.44 6.05
CA TYR E 94 37.95 -17.79 4.90
C TYR E 94 37.57 -18.53 3.64
N TYR E 95 37.10 -17.79 2.66
CA TYR E 95 36.68 -18.39 1.41
C TYR E 95 37.59 -17.88 0.32
N CYS E 96 38.02 -18.74 -0.56
CA CYS E 96 38.70 -18.23 -1.74
C CYS E 96 37.69 -18.11 -2.86
N ALA E 97 37.87 -17.10 -3.70
CA ALA E 97 36.99 -16.93 -4.82
C ALA E 97 37.71 -16.45 -6.08
N ARG E 98 37.20 -16.84 -7.22
CA ARG E 98 37.69 -16.48 -8.51
C ARG E 98 36.77 -15.45 -9.17
N ASP E 99 37.40 -14.46 -9.82
CA ASP E 99 36.74 -13.53 -10.71
C ASP E 99 35.93 -14.20 -11.77
N LEU E 100 34.73 -13.65 -11.98
CA LEU E 100 33.79 -14.05 -13.07
C LEU E 100 34.41 -13.73 -14.47
N LEU E 101 35.14 -12.64 -14.61
CA LEU E 101 35.82 -12.32 -15.87
C LEU E 101 37.30 -12.56 -15.89
N VAL E 102 37.76 -12.92 -17.07
CA VAL E 102 39.18 -13.13 -17.29
C VAL E 102 39.95 -11.86 -17.38
N ARG E 103 41.20 -11.98 -16.97
CA ARG E 103 42.18 -10.86 -16.99
C ARG E 103 42.52 -10.22 -18.33
N PHE E 104 42.20 -10.85 -19.44
CA PHE E 104 42.20 -10.16 -20.73
C PHE E 104 41.16 -9.05 -20.92
N LEU E 105 40.26 -8.84 -19.98
CA LEU E 105 39.44 -7.64 -19.99
C LEU E 105 39.96 -6.68 -18.94
N TYR E 106 39.66 -5.40 -19.17
CA TYR E 106 40.02 -4.39 -18.23
C TYR E 106 39.14 -4.52 -17.01
N TRP E 107 39.64 -4.06 -15.89
CA TRP E 107 38.90 -4.04 -14.63
C TRP E 107 38.20 -5.32 -14.31
N SER E 108 38.79 -6.47 -14.65
CA SER E 108 38.08 -7.71 -14.48
C SER E 108 37.69 -7.96 -13.02
N HIS E 109 38.56 -7.57 -12.11
CA HIS E 109 38.31 -7.71 -10.69
C HIS E 109 37.21 -6.74 -10.09
N TYR E 110 36.83 -5.74 -10.85
CA TYR E 110 35.74 -4.86 -10.45
C TYR E 110 34.36 -5.54 -10.42
N TYR E 111 34.18 -6.61 -11.22
CA TYR E 111 32.86 -7.06 -11.64
C TYR E 111 32.22 -8.15 -10.81
N GLY E 112 33.02 -8.89 -10.07
CA GLY E 112 32.51 -9.92 -9.14
C GLY E 112 33.05 -11.32 -9.33
N MET E 113 32.57 -12.23 -8.48
CA MET E 113 33.21 -13.49 -8.31
C MET E 113 32.17 -14.58 -8.28
N ASP E 114 32.15 -15.39 -9.32
CA ASP E 114 31.21 -16.43 -9.40
C ASP E 114 31.71 -17.82 -9.01
N VAL E 115 32.95 -18.00 -8.50
CA VAL E 115 33.37 -19.37 -8.17
C VAL E 115 33.54 -19.78 -6.74
N TRP E 116 34.42 -19.35 -5.92
CA TRP E 116 34.15 -19.80 -4.41
C TRP E 116 34.43 -21.23 -3.98
N GLY E 117 35.32 -21.36 -2.99
CA GLY E 117 35.65 -22.62 -2.38
C GLY E 117 34.71 -22.85 -1.18
N GLN E 118 34.96 -23.96 -0.51
CA GLN E 118 34.03 -24.52 0.40
C GLN E 118 34.24 -23.75 1.71
N GLY E 119 35.39 -23.17 1.93
CA GLY E 119 35.63 -22.36 3.15
C GLY E 119 36.58 -23.08 4.08
N THR E 120 37.27 -22.32 4.92
CA THR E 120 38.23 -22.88 5.84
C THR E 120 38.07 -22.11 7.12
N THR E 121 38.01 -22.86 8.22
CA THR E 121 37.75 -22.21 9.50
C THR E 121 39.11 -21.94 10.09
N VAL E 122 39.31 -20.72 10.58
CA VAL E 122 40.43 -20.43 11.43
C VAL E 122 39.89 -19.70 12.69
N THR E 123 40.46 -20.13 13.83
CA THR E 123 40.04 -19.77 15.12
C THR E 123 41.23 -19.22 15.83
N VAL E 124 41.14 -17.98 16.29
CA VAL E 124 42.28 -17.39 16.97
C VAL E 124 41.95 -17.11 18.42
N SER E 125 42.63 -17.87 19.30
CA SER E 125 42.34 -18.04 20.71
C SER E 125 43.63 -18.44 21.42
N SER E 126 43.79 -18.02 22.67
CA SER E 126 44.80 -18.51 23.62
C SER E 126 44.42 -19.80 24.35
N ALA E 127 43.23 -20.33 24.09
CA ALA E 127 42.77 -21.53 24.75
C ALA E 127 43.61 -22.73 24.33
N SER E 128 43.85 -23.65 25.24
CA SER E 128 44.33 -24.98 24.86
C SER E 128 43.13 -25.92 24.77
N THR E 129 43.25 -26.79 23.79
CA THR E 129 42.51 -27.99 23.69
C THR E 129 42.12 -28.63 24.97
N LYS E 130 40.83 -28.97 25.06
CA LYS E 130 40.22 -29.46 26.26
C LYS E 130 38.91 -30.17 25.93
N GLY E 131 38.77 -31.40 26.47
CA GLY E 131 37.57 -32.15 26.35
C GLY E 131 36.43 -31.60 27.26
N PRO E 132 35.19 -31.95 26.92
CA PRO E 132 34.06 -31.37 27.63
C PRO E 132 33.75 -32.10 28.92
N SER E 133 33.12 -31.41 29.85
CA SER E 133 32.43 -32.05 30.95
C SER E 133 31.03 -32.31 30.42
N VAL E 134 30.47 -33.45 30.80
CA VAL E 134 29.13 -33.79 30.38
C VAL E 134 28.22 -33.91 31.59
N PHE E 135 27.18 -33.10 31.59
CA PHE E 135 26.21 -33.12 32.74
C PHE E 135 24.86 -33.44 32.23
N PRO E 136 24.15 -34.32 32.95
CA PRO E 136 22.72 -34.60 32.62
C PRO E 136 21.85 -33.37 32.73
N LEU E 137 20.90 -33.23 31.82
CA LEU E 137 19.73 -32.30 32.06
C LEU E 137 18.54 -33.19 32.27
N ALA E 138 18.39 -33.58 33.53
CA ALA E 138 17.32 -34.53 33.91
C ALA E 138 15.93 -33.92 33.77
N PRO E 139 14.94 -34.71 33.24
CA PRO E 139 13.52 -34.28 33.35
C PRO E 139 13.13 -34.23 34.80
N SER E 140 12.46 -33.15 35.17
CA SER E 140 11.84 -33.03 36.51
C SER E 140 10.32 -33.37 36.46
N SER E 141 9.64 -33.33 37.61
CA SER E 141 8.21 -33.76 37.67
C SER E 141 7.30 -32.75 36.95
N LYS E 142 7.73 -31.47 36.98
CA LYS E 142 7.07 -30.38 36.22
C LYS E 142 7.64 -30.29 34.79
N SER E 143 6.99 -31.18 34.02
CA SER E 143 7.13 -31.34 32.59
C SER E 143 6.25 -30.32 31.85
N THR E 144 6.49 -30.16 30.54
CA THR E 144 5.63 -29.34 29.65
C THR E 144 4.19 -29.90 29.57
N SER E 145 4.10 -31.22 29.40
CA SER E 145 2.85 -31.91 29.03
C SER E 145 2.70 -33.21 29.82
N GLY E 146 1.45 -33.63 30.12
CA GLY E 146 1.16 -34.94 30.76
C GLY E 146 1.82 -36.09 29.99
N GLY E 147 1.83 -35.97 28.66
CA GLY E 147 2.42 -36.95 27.74
C GLY E 147 3.93 -36.90 27.61
N THR E 148 4.49 -35.69 27.52
CA THR E 148 5.91 -35.50 27.04
C THR E 148 6.76 -34.65 27.96
N ALA E 149 8.05 -35.02 28.14
CA ALA E 149 9.13 -34.16 28.75
C ALA E 149 10.34 -34.05 27.85
N ALA E 150 11.05 -32.93 27.93
CA ALA E 150 12.39 -32.78 27.32
C ALA E 150 13.40 -33.17 28.37
N LEU E 151 14.40 -33.93 27.93
CA LEU E 151 15.57 -34.18 28.77
C LEU E 151 16.79 -33.90 27.94
N GLY E 152 17.96 -33.84 28.53
CA GLY E 152 19.15 -33.70 27.63
C GLY E 152 20.49 -33.77 28.30
N CYS E 153 21.50 -33.28 27.61
CA CYS E 153 22.80 -33.15 28.31
C CYS E 153 23.62 -31.96 27.85
N LEU E 154 24.30 -31.38 28.84
CA LEU E 154 24.96 -30.11 28.77
C LEU E 154 26.45 -30.55 28.64
N VAL E 155 27.09 -30.00 27.61
CA VAL E 155 28.45 -30.25 27.18
C VAL E 155 29.26 -28.99 27.41
N LYS E 156 30.00 -28.99 28.50
CA LYS E 156 30.52 -27.79 29.04
C LYS E 156 32.01 -27.65 28.92
N ASP E 157 32.46 -26.47 28.59
CA ASP E 157 33.84 -26.13 28.71
C ASP E 157 34.81 -26.96 27.88
N TYR E 158 34.67 -26.91 26.57
CA TYR E 158 35.57 -27.61 25.64
C TYR E 158 36.13 -26.68 24.61
N PHE E 159 37.23 -27.07 24.02
CA PHE E 159 37.96 -26.24 23.04
C PHE E 159 38.78 -27.19 22.19
N PRO E 160 38.82 -26.98 20.87
CA PRO E 160 37.98 -26.06 20.07
C PRO E 160 36.75 -26.79 19.55
N GLU E 161 35.86 -26.07 18.86
CA GLU E 161 34.78 -26.70 18.11
C GLU E 161 35.44 -27.74 17.13
N PRO E 162 34.74 -28.81 16.79
CA PRO E 162 33.32 -29.02 17.08
C PRO E 162 33.20 -30.21 17.93
N VAL E 163 32.04 -30.37 18.48
CA VAL E 163 31.67 -31.48 19.30
C VAL E 163 30.44 -32.05 18.61
N THR E 164 30.18 -33.31 18.85
CA THR E 164 29.11 -34.05 18.21
C THR E 164 28.28 -34.85 19.17
N VAL E 165 26.96 -34.66 19.09
CA VAL E 165 26.09 -35.43 19.97
C VAL E 165 25.11 -36.32 19.26
N SER E 166 25.09 -37.58 19.65
CA SER E 166 24.07 -38.51 19.24
C SER E 166 23.37 -39.05 20.48
N TRP E 167 22.21 -39.66 20.27
CA TRP E 167 21.46 -40.29 21.34
C TRP E 167 21.31 -41.77 21.07
N ASN E 168 21.38 -42.58 22.14
CA ASN E 168 21.28 -44.08 22.07
C ASN E 168 22.00 -44.73 20.90
N SER E 169 23.30 -44.45 20.84
CA SER E 169 24.16 -44.77 19.69
C SER E 169 23.63 -44.48 18.30
N GLY E 170 22.82 -43.45 18.12
CA GLY E 170 22.31 -43.05 16.79
C GLY E 170 20.91 -43.58 16.47
N ALA E 171 20.34 -44.35 17.41
CA ALA E 171 19.02 -44.98 17.28
C ALA E 171 17.91 -44.11 17.89
N LEU E 172 18.08 -42.80 17.73
CA LEU E 172 17.08 -41.85 18.15
C LEU E 172 17.32 -40.53 17.42
N THR E 173 16.74 -40.37 16.23
CA THR E 173 16.84 -39.10 15.47
C THR E 173 15.52 -38.32 15.51
N SER E 174 14.51 -38.86 16.14
CA SER E 174 13.28 -38.12 16.32
C SER E 174 13.26 -37.33 17.62
N GLY E 175 12.81 -36.07 17.55
CA GLY E 175 12.66 -35.22 18.75
C GLY E 175 13.96 -34.61 19.32
N VAL E 176 15.01 -34.60 18.52
CA VAL E 176 16.36 -34.33 19.00
C VAL E 176 16.83 -33.03 18.43
N HIS E 177 17.23 -32.05 19.27
CA HIS E 177 17.89 -30.82 18.74
C HIS E 177 19.23 -30.62 19.48
N THR E 178 20.27 -30.43 18.70
CA THR E 178 21.53 -30.08 19.24
C THR E 178 21.85 -28.64 18.87
N PHE E 179 22.02 -27.83 19.92
CA PHE E 179 22.07 -26.39 19.71
C PHE E 179 23.47 -26.01 19.28
N PRO E 180 23.65 -24.87 18.62
CA PRO E 180 24.97 -24.34 18.55
C PRO E 180 25.55 -24.08 19.92
N ALA E 181 26.86 -24.21 19.93
CA ALA E 181 27.72 -23.81 20.98
C ALA E 181 27.57 -22.34 21.25
N VAL E 182 28.05 -21.95 22.41
CA VAL E 182 28.15 -20.61 22.79
C VAL E 182 29.56 -20.53 23.22
N LEU E 183 30.16 -19.34 23.17
CA LEU E 183 31.56 -19.16 23.46
C LEU E 183 31.64 -18.28 24.64
N GLN E 184 32.34 -18.72 25.66
CA GLN E 184 32.41 -17.98 26.91
C GLN E 184 33.61 -16.97 27.00
N SER E 185 33.52 -16.04 27.95
CA SER E 185 34.63 -15.15 28.29
C SER E 185 35.90 -15.96 28.65
N SER E 186 35.76 -17.21 29.12
CA SER E 186 36.93 -18.08 29.29
C SER E 186 37.56 -18.53 27.97
N GLY E 187 36.94 -18.35 26.81
CA GLY E 187 37.40 -18.97 25.61
C GLY E 187 37.05 -20.44 25.41
N LEU E 188 36.24 -21.01 26.31
CA LEU E 188 35.78 -22.36 26.12
C LEU E 188 34.34 -22.40 25.55
N TYR E 189 34.03 -23.43 24.76
CA TYR E 189 32.73 -23.51 24.13
C TYR E 189 31.82 -24.32 25.09
N SER E 190 30.49 -24.04 25.08
CA SER E 190 29.51 -24.98 25.69
C SER E 190 28.29 -25.21 24.81
N LEU E 191 27.65 -26.36 24.97
CA LEU E 191 26.48 -26.65 24.17
C LEU E 191 25.55 -27.65 24.82
N SER E 192 24.33 -27.76 24.33
CA SER E 192 23.30 -28.67 24.93
C SER E 192 22.72 -29.50 23.83
N SER E 193 22.31 -30.68 24.16
CA SER E 193 21.57 -31.45 23.20
C SER E 193 20.37 -31.98 23.94
N VAL E 194 19.21 -31.80 23.32
CA VAL E 194 17.94 -32.09 23.97
C VAL E 194 17.13 -32.99 23.09
N VAL E 195 16.48 -33.92 23.73
CA VAL E 195 15.57 -34.78 23.03
C VAL E 195 14.20 -34.79 23.78
N THR E 196 13.14 -34.41 23.07
CA THR E 196 11.72 -34.40 23.58
C THR E 196 11.18 -35.79 23.50
N VAL E 197 10.83 -36.39 24.63
CA VAL E 197 10.21 -37.73 24.61
C VAL E 197 8.81 -37.82 25.28
N PRO E 198 8.08 -38.93 25.06
CA PRO E 198 6.96 -39.29 25.93
C PRO E 198 7.34 -39.55 27.40
N SER E 199 6.70 -38.82 28.31
CA SER E 199 6.92 -38.89 29.75
C SER E 199 6.58 -40.24 30.37
N SER E 200 5.70 -41.02 29.74
CA SER E 200 5.39 -42.40 30.18
C SER E 200 6.64 -43.32 30.23
N SER E 201 7.52 -43.18 29.22
CA SER E 201 8.74 -44.03 29.04
C SER E 201 9.86 -43.87 30.11
N LEU E 202 9.97 -42.66 30.70
CA LEU E 202 10.84 -42.42 31.87
C LEU E 202 10.65 -43.51 32.92
N GLY E 203 11.68 -43.88 33.65
CA GLY E 203 11.57 -44.99 34.60
C GLY E 203 11.95 -46.34 33.99
N THR E 204 11.74 -46.54 32.67
CA THR E 204 12.20 -47.77 31.97
C THR E 204 13.15 -47.53 30.77
N GLN E 205 12.65 -46.94 29.67
CA GLN E 205 13.51 -46.76 28.48
C GLN E 205 14.73 -45.82 28.75
N THR E 206 15.94 -46.33 28.47
CA THR E 206 17.17 -45.60 28.85
C THR E 206 17.54 -44.60 27.77
N TYR E 207 17.87 -43.38 28.16
CA TYR E 207 18.38 -42.36 27.21
C TYR E 207 19.87 -42.04 27.44
N ILE E 208 20.69 -42.23 26.43
CA ILE E 208 22.14 -42.04 26.58
C ILE E 208 22.66 -41.04 25.56
N CYS E 209 23.19 -39.89 26.00
CA CYS E 209 23.90 -39.06 25.03
C CYS E 209 25.33 -39.55 24.89
N ASN E 210 25.72 -39.71 23.63
CA ASN E 210 27.04 -40.04 23.24
C ASN E 210 27.65 -38.74 22.71
N VAL E 211 28.59 -38.18 23.46
CA VAL E 211 29.34 -36.99 23.03
C VAL E 211 30.71 -37.38 22.45
N ASN E 212 31.07 -36.71 21.36
CA ASN E 212 32.35 -36.94 20.73
C ASN E 212 33.00 -35.64 20.47
N HIS E 213 34.17 -35.39 21.06
CA HIS E 213 35.01 -34.21 20.76
C HIS E 213 36.32 -34.76 20.20
N LYS E 214 36.43 -34.83 18.87
CA LYS E 214 37.65 -35.35 18.16
C LYS E 214 38.86 -34.54 18.45
N PRO E 215 38.77 -33.20 18.43
CA PRO E 215 39.93 -32.42 18.71
C PRO E 215 40.73 -32.74 19.98
N SER E 216 40.10 -33.39 20.97
CA SER E 216 40.80 -33.82 22.18
C SER E 216 40.79 -35.32 22.37
N ASN E 217 40.26 -36.05 21.36
CA ASN E 217 40.10 -37.50 21.42
C ASN E 217 39.31 -37.97 22.67
N THR E 218 38.18 -37.30 22.91
CA THR E 218 37.38 -37.58 24.03
C THR E 218 36.00 -38.01 23.57
N LYS E 219 35.57 -39.19 24.06
CA LYS E 219 34.24 -39.70 23.91
C LYS E 219 33.60 -39.88 25.26
N VAL E 220 32.41 -39.28 25.43
CA VAL E 220 31.66 -39.56 26.62
C VAL E 220 30.27 -40.15 26.30
N ASP E 221 29.89 -41.16 27.07
CA ASP E 221 28.52 -41.69 27.03
C ASP E 221 27.92 -41.44 28.43
N LYS E 222 26.80 -40.69 28.48
CA LYS E 222 26.07 -40.49 29.74
C LYS E 222 24.54 -40.84 29.70
N LYS E 223 24.07 -41.60 30.68
CA LYS E 223 22.64 -41.91 30.83
C LYS E 223 22.07 -40.80 31.57
N VAL E 224 20.94 -40.32 31.08
CA VAL E 224 20.16 -39.32 31.75
C VAL E 224 18.92 -40.01 32.33
N GLU E 225 18.74 -39.81 33.63
CA GLU E 225 17.70 -40.46 34.43
C GLU E 225 16.88 -39.39 35.18
N PRO E 226 15.99 -39.77 36.14
CA PRO E 226 15.42 -38.67 36.95
C PRO E 226 15.61 -38.77 38.47
N CYS F 32 -14.49 9.05 -68.46
CA CYS F 32 -13.98 7.65 -68.53
C CYS F 32 -12.51 7.64 -68.10
N THR F 33 -11.55 7.66 -69.02
CA THR F 33 -10.14 7.37 -68.72
C THR F 33 -9.23 8.63 -68.84
N TRP F 34 -9.83 9.82 -68.85
CA TRP F 34 -9.08 11.10 -68.68
C TRP F 34 -8.25 11.06 -67.37
N ARG F 35 -8.82 10.48 -66.32
CA ARG F 35 -8.14 10.32 -65.06
C ARG F 35 -6.82 9.56 -65.11
N GLN F 36 -6.73 8.53 -65.96
CA GLN F 36 -5.49 7.72 -66.10
C GLN F 36 -4.23 8.56 -66.41
N ASN F 37 -4.39 9.54 -67.30
CA ASN F 37 -3.29 10.47 -67.63
C ASN F 37 -2.85 11.30 -66.39
N THR F 38 -3.86 11.76 -65.64
CA THR F 38 -3.64 12.55 -64.42
C THR F 38 -3.04 11.72 -63.27
N LYS F 39 -3.37 10.42 -63.26
CA LYS F 39 -2.89 9.45 -62.28
C LYS F 39 -1.35 9.41 -62.16
N SER F 40 -0.65 9.40 -63.28
CA SER F 40 0.81 9.45 -63.24
C SER F 40 1.34 10.72 -62.56
N SER F 41 0.71 11.88 -62.79
CA SER F 41 1.14 13.15 -62.19
C SER F 41 0.74 13.26 -60.71
N ARG F 42 -0.31 12.56 -60.29
CA ARG F 42 -0.63 12.48 -58.86
C ARG F 42 0.42 11.71 -58.06
N ILE F 43 0.92 10.62 -58.66
CA ILE F 43 2.00 9.85 -58.04
C ILE F 43 3.29 10.66 -57.96
N GLU F 44 3.59 11.45 -59.00
CA GLU F 44 4.78 12.31 -58.97
C GLU F 44 4.64 13.42 -57.89
N ALA F 45 3.42 13.90 -57.68
CA ALA F 45 3.13 14.87 -56.63
C ALA F 45 3.30 14.29 -55.23
N ILE F 46 2.81 13.06 -55.02
CA ILE F 46 2.96 12.39 -53.70
C ILE F 46 4.44 12.15 -53.40
N LYS F 47 5.22 11.78 -54.42
CA LYS F 47 6.67 11.67 -54.24
C LYS F 47 7.29 12.95 -53.68
N ILE F 48 6.92 14.07 -54.28
CA ILE F 48 7.39 15.38 -53.88
C ILE F 48 6.95 15.72 -52.45
N GLN F 49 5.71 15.39 -52.13
CA GLN F 49 5.17 15.66 -50.82
C GLN F 49 5.86 14.83 -49.75
N ILE F 50 6.18 13.58 -50.06
CA ILE F 50 6.88 12.66 -49.12
C ILE F 50 8.24 13.21 -48.74
N LEU F 51 9.02 13.63 -49.72
CA LEU F 51 10.31 14.27 -49.46
C LEU F 51 10.16 15.53 -48.56
N SER F 52 9.17 16.36 -48.85
CA SER F 52 8.88 17.52 -48.02
C SER F 52 8.44 17.17 -46.60
N LYS F 53 7.57 16.21 -46.41
CA LYS F 53 7.20 15.81 -45.05
C LYS F 53 8.35 15.18 -44.21
N LEU F 54 9.22 14.42 -44.86
CA LEU F 54 10.44 13.92 -44.26
C LEU F 54 11.30 15.10 -43.87
N ARG F 55 11.74 15.92 -44.78
CA ARG F 55 12.73 16.96 -44.38
C ARG F 55 13.92 16.68 -45.31
N LEU F 56 13.68 16.10 -46.49
CA LEU F 56 14.76 15.68 -47.36
C LEU F 56 14.70 16.47 -48.66
N GLU F 57 15.83 17.08 -49.01
CA GLU F 57 15.91 17.97 -50.17
C GLU F 57 15.88 17.13 -51.43
N THR F 58 16.52 15.97 -51.39
CA THR F 58 16.49 15.05 -52.51
C THR F 58 16.18 13.60 -52.05
N ALA F 59 15.67 12.79 -52.97
CA ALA F 59 15.49 11.37 -52.72
C ALA F 59 16.86 10.69 -52.51
N PRO F 60 17.00 9.91 -51.43
CA PRO F 60 18.23 9.16 -51.19
C PRO F 60 18.62 8.21 -52.32
N ASN F 61 19.91 8.21 -52.66
CA ASN F 61 20.44 7.38 -53.74
C ASN F 61 21.15 6.24 -53.06
N ILE F 62 20.46 5.11 -52.91
CA ILE F 62 21.06 3.92 -52.26
C ILE F 62 20.78 2.69 -53.10
N SER F 63 21.79 1.92 -53.51
CA SER F 63 21.53 0.70 -54.34
C SER F 63 20.83 -0.38 -53.49
N LYS F 64 20.09 -1.29 -54.13
CA LYS F 64 19.48 -2.45 -53.42
C LYS F 64 20.53 -3.33 -52.76
N ASP F 65 21.71 -3.44 -53.40
CA ASP F 65 22.86 -4.18 -52.83
C ASP F 65 23.34 -3.59 -51.51
N VAL F 66 23.53 -2.27 -51.51
CA VAL F 66 23.91 -1.52 -50.30
C VAL F 66 22.82 -1.62 -49.20
N ILE F 67 21.55 -1.56 -49.56
CA ILE F 67 20.47 -1.82 -48.60
C ILE F 67 20.64 -3.17 -47.94
N ARG F 68 20.95 -4.18 -48.75
CA ARG F 68 21.14 -5.54 -48.24
C ARG F 68 22.28 -5.60 -47.21
N GLN F 69 23.40 -4.94 -47.54
CA GLN F 69 24.54 -4.81 -46.62
C GLN F 69 24.18 -4.12 -45.30
N LEU F 70 23.44 -3.02 -45.36
CA LEU F 70 23.18 -2.18 -44.19
C LEU F 70 21.96 -2.57 -43.36
N LEU F 71 20.90 -3.07 -43.99
CA LEU F 71 19.72 -3.48 -43.23
C LEU F 71 20.16 -4.51 -42.19
N PRO F 72 19.99 -4.25 -40.88
CA PRO F 72 20.41 -5.23 -39.87
C PRO F 72 19.39 -6.30 -39.66
N LYS F 73 19.83 -7.55 -39.53
CA LYS F 73 18.91 -8.69 -39.32
C LYS F 73 18.69 -8.96 -37.84
N ALA F 74 18.27 -7.93 -37.11
CA ALA F 74 18.22 -7.96 -35.63
C ALA F 74 16.81 -7.81 -35.07
N PRO F 75 16.58 -8.24 -33.81
CA PRO F 75 15.22 -8.16 -33.26
C PRO F 75 14.44 -6.84 -33.45
N PRO F 76 15.06 -5.67 -33.17
CA PRO F 76 14.30 -4.43 -33.27
C PRO F 76 13.80 -4.12 -34.69
N LEU F 77 14.57 -4.53 -35.69
CA LEU F 77 14.15 -4.32 -37.07
C LEU F 77 13.14 -5.35 -37.51
N ARG F 78 13.31 -6.60 -37.11
CA ARG F 78 12.26 -7.60 -37.41
C ARG F 78 10.94 -7.26 -36.75
N GLU F 79 10.96 -6.77 -35.52
CA GLU F 79 9.76 -6.18 -34.89
C GLU F 79 9.12 -5.08 -35.75
N LEU F 80 9.87 -4.04 -36.12
CA LEU F 80 9.29 -2.98 -36.97
C LEU F 80 8.78 -3.45 -38.36
N ILE F 81 9.49 -4.38 -39.01
CA ILE F 81 9.12 -4.88 -40.34
C ILE F 81 7.92 -5.83 -40.28
N ASP F 82 7.93 -6.76 -39.34
CA ASP F 82 6.85 -7.77 -39.17
C ASP F 82 5.43 -7.22 -38.93
N GLN F 83 5.33 -6.02 -38.36
CA GLN F 83 4.04 -5.27 -38.18
C GLN F 83 3.22 -5.12 -39.49
N TYR F 84 3.92 -4.89 -40.59
CA TYR F 84 3.27 -4.62 -41.88
C TYR F 84 2.70 -5.90 -42.48
N ASP F 85 3.38 -7.02 -42.30
CA ASP F 85 3.03 -8.24 -43.06
C ASP F 85 2.30 -9.24 -42.21
N ASP F 99 2.51 21.20 -35.22
CA ASP F 99 3.00 20.75 -36.54
C ASP F 99 2.25 19.54 -37.11
N ASP F 100 1.14 19.78 -37.80
CA ASP F 100 0.40 18.75 -38.56
C ASP F 100 1.10 18.16 -39.78
N TYR F 101 1.93 18.93 -40.47
CA TYR F 101 2.41 18.59 -41.82
C TYR F 101 3.58 17.63 -41.79
N HIS F 102 4.55 17.91 -40.92
CA HIS F 102 5.86 17.21 -40.98
C HIS F 102 5.79 15.86 -40.28
N ALA F 103 6.66 14.96 -40.72
CA ALA F 103 6.73 13.62 -40.14
C ALA F 103 7.40 13.68 -38.77
N THR F 104 6.94 12.83 -37.85
CA THR F 104 7.50 12.80 -36.48
C THR F 104 8.37 11.52 -36.29
N THR F 105 9.66 11.70 -36.03
CA THR F 105 10.62 10.60 -35.80
C THR F 105 10.41 9.88 -34.45
N GLU F 106 10.09 8.58 -34.45
CA GLU F 106 10.01 7.82 -33.19
C GLU F 106 11.33 7.11 -32.84
N THR F 107 11.97 6.48 -33.81
CA THR F 107 13.13 5.63 -33.56
C THR F 107 14.20 5.87 -34.58
N ILE F 108 15.46 5.84 -34.19
CA ILE F 108 16.57 6.06 -35.13
C ILE F 108 17.61 4.96 -34.95
N ILE F 109 18.02 4.34 -36.06
CA ILE F 109 19.06 3.35 -36.10
C ILE F 109 20.26 4.01 -36.76
N THR F 110 21.40 4.08 -36.10
CA THR F 110 22.61 4.60 -36.73
C THR F 110 23.63 3.48 -36.91
N MET F 111 24.10 3.27 -38.14
CA MET F 111 25.18 2.32 -38.45
C MET F 111 26.53 3.04 -38.21
N PRO F 112 27.61 2.27 -38.11
CA PRO F 112 28.91 2.88 -37.98
C PRO F 112 29.39 3.68 -39.19
N THR F 113 29.92 4.88 -38.94
CA THR F 113 30.72 5.66 -39.90
C THR F 113 31.97 4.87 -40.29
N GLU F 114 32.30 4.87 -41.58
CA GLU F 114 33.23 3.89 -42.19
C GLU F 114 32.95 2.43 -41.72
N LYS F 126 38.91 -1.75 -38.36
CA LYS F 126 38.53 -0.65 -37.47
C LYS F 126 37.22 -0.96 -36.76
N CYS F 127 37.30 -1.11 -35.41
CA CYS F 127 36.11 -1.16 -34.52
C CYS F 127 35.37 0.21 -34.54
N CYS F 128 34.14 0.19 -34.08
CA CYS F 128 33.06 1.08 -34.60
C CYS F 128 33.02 2.54 -34.10
N PHE F 129 32.86 3.49 -35.01
CA PHE F 129 32.59 4.89 -34.66
C PHE F 129 31.19 5.26 -35.11
N PHE F 130 30.43 5.99 -34.29
CA PHE F 130 29.07 6.39 -34.66
C PHE F 130 29.00 7.91 -34.79
N LYS F 131 28.59 8.43 -35.96
CA LYS F 131 28.37 9.86 -36.13
C LYS F 131 26.93 10.13 -36.42
N PHE F 132 26.34 10.99 -35.61
CA PHE F 132 24.94 11.40 -35.74
C PHE F 132 24.96 12.91 -35.46
N SER F 133 24.30 13.65 -36.35
CA SER F 133 24.04 15.08 -36.19
C SER F 133 22.73 15.29 -35.44
N SER F 134 22.07 14.19 -35.00
CA SER F 134 21.00 14.19 -33.98
C SER F 134 21.14 15.36 -33.02
N LYS F 135 20.05 16.08 -32.85
CA LYS F 135 20.13 17.50 -32.41
C LYS F 135 19.73 17.60 -30.95
N ILE F 136 20.70 17.61 -30.02
CA ILE F 136 20.44 17.59 -28.55
C ILE F 136 19.39 16.48 -28.25
N GLN F 137 18.23 16.85 -27.64
CA GLN F 137 17.18 15.92 -27.27
C GLN F 137 17.62 14.87 -26.28
N TYR F 138 18.54 15.19 -25.37
CA TYR F 138 18.93 14.20 -24.32
C TYR F 138 17.69 14.88 -23.73
N ASN F 139 16.81 14.12 -23.09
CA ASN F 139 15.73 14.72 -22.22
C ASN F 139 14.69 13.92 -23.06
N LYS F 140 14.60 14.20 -24.36
CA LYS F 140 13.70 13.46 -25.26
C LYS F 140 14.22 12.08 -25.71
N VAL F 141 15.53 11.82 -25.65
CA VAL F 141 16.06 10.48 -25.91
C VAL F 141 15.53 9.52 -24.84
N VAL F 142 14.44 8.83 -25.17
CA VAL F 142 13.76 7.89 -24.26
C VAL F 142 14.60 6.64 -23.95
N LYS F 143 15.34 6.14 -24.94
CA LYS F 143 16.15 4.91 -24.79
C LYS F 143 17.25 4.93 -25.83
N ALA F 144 18.37 4.28 -25.50
CA ALA F 144 19.49 4.13 -26.40
C ALA F 144 20.12 2.78 -26.14
N GLN F 145 20.23 1.94 -27.17
CA GLN F 145 20.81 0.60 -27.03
C GLN F 145 21.81 0.33 -28.15
N LEU F 146 22.99 -0.21 -27.82
CA LEU F 146 23.94 -0.67 -28.82
C LEU F 146 23.63 -2.13 -29.07
N TRP F 147 23.35 -2.51 -30.30
CA TRP F 147 23.06 -3.92 -30.65
C TRP F 147 24.29 -4.53 -31.32
N ILE F 148 24.76 -5.68 -30.84
CA ILE F 148 25.89 -6.38 -31.50
C ILE F 148 25.59 -7.85 -31.64
N TYR F 149 26.06 -8.45 -32.74
CA TYR F 149 25.80 -9.86 -32.99
C TYR F 149 27.08 -10.61 -32.77
N LEU F 150 27.02 -11.66 -31.98
CA LEU F 150 28.18 -12.54 -31.72
C LEU F 150 28.02 -13.74 -32.61
N ARG F 151 29.02 -14.01 -33.43
CA ARG F 151 28.85 -15.10 -34.41
C ARG F 151 28.78 -16.47 -33.73
N PRO F 152 28.22 -17.47 -34.44
CA PRO F 152 28.17 -18.81 -33.85
C PRO F 152 29.55 -19.38 -33.60
N VAL F 153 29.67 -20.23 -32.60
CA VAL F 153 30.94 -20.92 -32.32
C VAL F 153 30.88 -22.39 -32.73
N GLU F 154 32.05 -23.02 -32.84
CA GLU F 154 32.17 -24.38 -33.33
C GLU F 154 31.94 -25.44 -32.25
N THR F 155 32.38 -25.13 -31.03
CA THR F 155 32.32 -25.98 -29.85
C THR F 155 31.71 -25.16 -28.75
N PRO F 156 31.10 -25.82 -27.73
CA PRO F 156 30.66 -24.98 -26.62
C PRO F 156 31.82 -24.19 -26.02
N THR F 157 31.72 -22.86 -25.99
CA THR F 157 32.78 -22.01 -25.42
C THR F 157 32.13 -20.85 -24.69
N THR F 158 32.81 -20.34 -23.67
CA THR F 158 32.34 -19.21 -22.92
C THR F 158 33.01 -18.03 -23.57
N VAL F 159 32.28 -16.96 -23.81
CA VAL F 159 32.75 -15.80 -24.54
C VAL F 159 32.71 -14.58 -23.64
N PHE F 160 33.82 -13.86 -23.59
CA PHE F 160 33.93 -12.72 -22.71
C PHE F 160 33.85 -11.53 -23.63
N VAL F 161 32.87 -10.64 -23.42
CA VAL F 161 32.72 -9.42 -24.23
C VAL F 161 33.00 -8.23 -23.38
N GLN F 162 33.83 -7.31 -23.88
CA GLN F 162 33.97 -5.98 -23.23
C GLN F 162 33.82 -4.86 -24.25
N ILE F 163 33.02 -3.86 -23.88
CA ILE F 163 32.75 -2.73 -24.75
C ILE F 163 33.21 -1.52 -24.00
N LEU F 164 34.11 -0.77 -24.64
CA LEU F 164 34.78 0.36 -24.01
C LEU F 164 34.48 1.65 -24.76
N ARG F 165 34.05 2.69 -24.05
CA ARG F 165 33.99 4.03 -24.64
C ARG F 165 35.41 4.62 -24.66
N LEU F 166 35.88 5.20 -25.74
CA LEU F 166 37.17 5.90 -25.70
C LEU F 166 37.01 7.28 -25.05
N ILE F 167 38.04 7.67 -24.29
CA ILE F 167 38.28 9.06 -23.85
C ILE F 167 39.72 9.45 -24.29
N LYS F 168 39.99 10.76 -24.40
CA LYS F 168 41.34 11.25 -24.77
C LYS F 168 42.43 10.68 -23.84
N PRO F 169 43.50 10.07 -24.41
CA PRO F 169 44.60 9.50 -23.61
C PRO F 169 45.17 10.45 -22.53
N MET F 170 45.31 9.98 -21.29
CA MET F 170 46.03 10.69 -20.22
C MET F 170 47.10 9.73 -19.64
N LYS F 171 47.98 10.27 -18.79
CA LYS F 171 48.91 9.45 -17.97
C LYS F 171 48.19 8.31 -17.21
N ASP F 172 47.15 8.67 -16.46
CA ASP F 172 46.33 7.74 -15.67
C ASP F 172 44.97 7.51 -16.39
N GLY F 173 44.47 6.27 -16.37
CA GLY F 173 43.25 5.90 -17.09
C GLY F 173 43.41 6.16 -18.57
N THR F 174 44.53 5.66 -19.14
CA THR F 174 44.83 5.83 -20.57
C THR F 174 43.84 5.07 -21.46
N ARG F 175 43.31 5.81 -22.45
CA ARG F 175 42.47 5.33 -23.56
C ARG F 175 40.99 5.10 -23.25
N TYR F 176 40.58 4.38 -22.19
CA TYR F 176 39.16 3.90 -22.16
C TYR F 176 38.40 3.96 -20.85
N THR F 177 37.08 3.81 -20.92
CA THR F 177 36.22 4.01 -19.75
C THR F 177 35.42 2.78 -19.31
N GLY F 178 34.75 2.04 -20.20
CA GLY F 178 33.93 0.91 -19.78
C GLY F 178 32.44 1.19 -19.79
N ILE F 179 31.67 0.32 -20.45
CA ILE F 179 30.22 0.51 -20.71
C ILE F 179 29.41 -0.74 -20.29
N ARG F 180 29.91 -1.89 -20.71
CA ARG F 180 29.37 -3.17 -20.34
C ARG F 180 30.45 -4.24 -20.56
N SER F 181 30.47 -5.21 -19.65
CA SER F 181 31.31 -6.41 -19.75
C SER F 181 30.37 -7.62 -19.57
N LEU F 182 30.50 -8.64 -20.40
CA LEU F 182 29.59 -9.81 -20.40
C LEU F 182 30.38 -11.08 -20.45
N LYS F 183 29.76 -12.15 -19.97
CA LYS F 183 30.36 -13.45 -19.99
C LYS F 183 29.21 -14.31 -20.37
N LEU F 184 29.36 -15.03 -21.45
CA LEU F 184 28.21 -15.63 -22.06
C LEU F 184 28.57 -17.03 -22.47
N ASP F 185 27.64 -17.96 -22.44
CA ASP F 185 27.95 -19.38 -22.80
C ASP F 185 27.32 -19.65 -24.12
N MET F 186 28.10 -20.03 -25.13
CA MET F 186 27.56 -20.21 -26.49
C MET F 186 27.73 -21.63 -26.89
N ASN F 187 26.70 -22.06 -27.62
CA ASN F 187 26.63 -23.38 -28.19
C ASN F 187 26.65 -23.28 -29.72
N PRO F 188 27.06 -24.40 -30.36
CA PRO F 188 27.31 -24.28 -31.79
C PRO F 188 26.08 -24.03 -32.60
N GLY F 189 26.29 -23.35 -33.72
CA GLY F 189 25.31 -23.26 -34.80
C GLY F 189 24.46 -22.02 -34.77
N THR F 190 24.37 -21.42 -33.60
CA THR F 190 23.55 -20.26 -33.34
C THR F 190 24.45 -19.12 -32.83
N GLY F 191 24.25 -17.94 -33.39
CA GLY F 191 24.90 -16.74 -32.91
C GLY F 191 23.84 -15.99 -32.16
N ILE F 192 24.20 -14.95 -31.41
CA ILE F 192 23.18 -14.26 -30.65
C ILE F 192 23.41 -12.75 -30.67
N TRP F 193 22.31 -12.00 -30.66
CA TRP F 193 22.32 -10.54 -30.63
C TRP F 193 22.26 -10.05 -29.16
N GLN F 194 23.11 -9.08 -28.80
CA GLN F 194 23.15 -8.52 -27.45
C GLN F 194 22.87 -7.03 -27.50
N SER F 195 22.02 -6.56 -26.59
CA SER F 195 21.57 -5.18 -26.54
C SER F 195 22.10 -4.49 -25.29
N ILE F 196 22.89 -3.44 -25.44
CA ILE F 196 23.56 -2.80 -24.32
C ILE F 196 23.04 -1.39 -24.12
N ASP F 197 22.53 -1.09 -22.92
CA ASP F 197 22.01 0.25 -22.61
C ASP F 197 23.16 1.27 -22.58
N VAL F 198 23.05 2.31 -23.38
CA VAL F 198 24.05 3.39 -23.46
C VAL F 198 23.37 4.76 -23.50
N LYS F 199 22.16 4.87 -22.94
CA LYS F 199 21.42 6.15 -22.90
C LYS F 199 22.25 7.33 -22.33
N THR F 200 22.78 7.16 -21.11
CA THR F 200 23.51 8.24 -20.44
C THR F 200 24.82 8.52 -21.19
N VAL F 201 25.46 7.48 -21.74
CA VAL F 201 26.69 7.63 -22.53
C VAL F 201 26.44 8.44 -23.81
N LEU F 202 25.42 8.03 -24.57
CA LEU F 202 25.08 8.71 -25.82
C LEU F 202 24.71 10.17 -25.59
N GLN F 203 23.97 10.47 -24.52
CA GLN F 203 23.68 11.87 -24.11
C GLN F 203 24.93 12.76 -23.89
N ASN F 204 25.90 12.25 -23.12
CA ASN F 204 27.19 12.93 -22.99
C ASN F 204 27.84 13.20 -24.36
N TRP F 205 27.73 12.27 -25.31
CA TRP F 205 28.29 12.48 -26.64
C TRP F 205 27.58 13.63 -27.39
N LEU F 206 26.27 13.67 -27.32
CA LEU F 206 25.51 14.75 -27.94
C LEU F 206 25.76 16.08 -27.28
N LYS F 207 25.78 16.07 -25.95
CA LYS F 207 26.08 17.28 -25.15
C LYS F 207 27.45 17.87 -25.50
N GLN F 208 28.46 17.03 -25.76
CA GLN F 208 29.81 17.49 -26.11
C GLN F 208 30.36 16.62 -27.22
N PRO F 209 30.29 17.05 -28.47
CA PRO F 209 31.01 16.28 -29.50
C PRO F 209 32.49 16.54 -29.33
N GLU F 210 33.33 15.64 -29.88
CA GLU F 210 34.78 15.52 -29.52
C GLU F 210 35.05 14.77 -28.17
N SER F 211 34.00 14.55 -27.36
CA SER F 211 34.02 13.56 -26.26
C SER F 211 33.66 12.16 -26.77
N ASN F 212 33.18 12.05 -28.02
CA ASN F 212 32.98 10.76 -28.68
C ASN F 212 34.11 10.47 -29.67
N LEU F 213 35.01 9.52 -29.34
CA LEU F 213 36.02 9.01 -30.28
C LEU F 213 35.67 7.61 -30.79
N GLY F 214 34.47 7.13 -30.47
CA GLY F 214 34.00 5.83 -30.92
C GLY F 214 34.15 4.84 -29.81
N ILE F 215 34.09 3.56 -30.12
CA ILE F 215 34.15 2.53 -29.11
C ILE F 215 34.96 1.39 -29.63
N GLU F 216 35.50 0.62 -28.71
CA GLU F 216 36.17 -0.64 -29.04
C GLU F 216 35.31 -1.81 -28.53
N ILE F 217 35.12 -2.84 -29.34
CA ILE F 217 34.45 -4.06 -28.85
C ILE F 217 35.40 -5.24 -28.94
N LYS F 218 35.63 -5.88 -27.78
CA LYS F 218 36.42 -7.10 -27.73
C LYS F 218 35.61 -8.28 -27.23
N ALA F 219 35.88 -9.42 -27.86
CA ALA F 219 35.19 -10.66 -27.64
C ALA F 219 36.23 -11.73 -27.65
N LEU F 220 36.36 -12.54 -26.61
CA LEU F 220 37.43 -13.53 -26.59
C LEU F 220 37.11 -14.68 -25.66
N ASP F 221 37.85 -15.76 -25.82
CA ASP F 221 37.66 -16.99 -25.06
C ASP F 221 38.47 -16.94 -23.77
N GLU F 222 38.44 -18.00 -22.97
CA GLU F 222 39.12 -17.99 -21.67
C GLU F 222 40.63 -17.78 -21.77
N ASN F 223 41.24 -18.19 -22.89
CA ASN F 223 42.68 -18.04 -23.03
C ASN F 223 43.10 -16.77 -23.75
N GLY F 224 42.18 -15.95 -24.16
CA GLY F 224 42.55 -14.68 -24.71
C GLY F 224 42.46 -14.64 -26.20
N HIS F 225 42.26 -15.80 -26.87
CA HIS F 225 42.20 -15.86 -28.34
C HIS F 225 40.95 -15.13 -28.78
N ASP F 226 41.01 -14.47 -29.95
CA ASP F 226 40.13 -13.35 -30.20
C ASP F 226 38.69 -13.62 -30.66
N LEU F 227 38.41 -14.57 -31.53
CA LEU F 227 37.02 -14.74 -32.00
C LEU F 227 36.14 -13.45 -32.24
N ALA F 228 36.43 -12.77 -33.34
CA ALA F 228 35.96 -11.39 -33.56
C ALA F 228 34.44 -11.27 -33.80
N VAL F 229 33.85 -10.23 -33.21
CA VAL F 229 32.52 -9.68 -33.59
C VAL F 229 32.45 -8.87 -34.96
N THR F 230 33.62 -8.66 -35.59
CA THR F 230 33.80 -7.87 -36.82
C THR F 230 33.96 -8.85 -38.02
N PHE F 231 33.10 -8.71 -39.02
CA PHE F 231 32.90 -9.77 -40.02
C PHE F 231 33.52 -9.33 -41.34
N PRO F 232 34.67 -9.93 -41.73
CA PRO F 232 35.35 -9.52 -42.97
C PRO F 232 34.96 -10.38 -44.21
N GLY F 233 33.68 -10.37 -44.59
CA GLY F 233 33.19 -11.16 -45.74
C GLY F 233 31.89 -10.69 -46.38
N PRO F 234 31.73 -10.93 -47.71
CA PRO F 234 30.48 -10.55 -48.42
C PRO F 234 29.24 -11.26 -47.86
N GLY F 235 29.41 -12.55 -47.54
CA GLY F 235 28.37 -13.39 -46.94
C GLY F 235 27.74 -12.92 -45.65
N GLU F 236 28.48 -12.12 -44.85
CA GLU F 236 27.90 -11.44 -43.70
C GLU F 236 27.21 -10.11 -44.06
N ASP F 237 25.88 -10.17 -44.01
CA ASP F 237 24.98 -9.08 -44.34
C ASP F 237 24.08 -8.84 -43.14
N GLY F 238 23.90 -7.57 -42.79
CA GLY F 238 23.01 -7.20 -41.71
C GLY F 238 23.53 -7.58 -40.35
N LEU F 239 24.82 -7.93 -40.27
CA LEU F 239 25.40 -8.44 -39.05
C LEU F 239 26.26 -7.41 -38.33
N ASN F 240 26.37 -6.19 -38.85
CA ASN F 240 27.18 -5.20 -38.17
C ASN F 240 26.51 -4.65 -36.92
N PRO F 241 27.28 -4.05 -36.04
CA PRO F 241 26.72 -3.35 -34.90
C PRO F 241 25.88 -2.15 -35.29
N PHE F 242 24.97 -1.73 -34.42
CA PHE F 242 24.17 -0.52 -34.65
C PHE F 242 23.58 0.06 -33.37
N LEU F 243 23.19 1.32 -33.43
CA LEU F 243 22.73 2.04 -32.27
C LEU F 243 21.22 2.32 -32.42
N GLU F 244 20.40 1.88 -31.48
CA GLU F 244 18.96 2.03 -31.57
C GLU F 244 18.54 3.08 -30.58
N VAL F 245 18.10 4.25 -31.05
CA VAL F 245 17.71 5.35 -30.16
C VAL F 245 16.23 5.70 -30.32
N LYS F 246 15.47 5.62 -29.24
CA LYS F 246 14.05 6.06 -29.24
C LYS F 246 13.92 7.48 -28.76
N VAL F 247 13.22 8.35 -29.49
CA VAL F 247 13.07 9.79 -29.13
C VAL F 247 11.60 10.26 -29.18
N THR F 248 11.23 11.31 -28.44
CA THR F 248 9.87 11.88 -28.61
C THR F 248 9.86 13.32 -29.14
N ASP F 249 10.05 13.44 -30.44
CA ASP F 249 10.03 14.75 -31.13
C ASP F 249 8.56 15.13 -31.48
N THR F 250 8.24 16.44 -31.49
CA THR F 250 6.84 16.93 -31.53
C THR F 250 6.27 16.82 -32.95
N LEU F 260 -0.93 33.30 -43.20
CA LEU F 260 -1.36 33.61 -44.58
C LEU F 260 -2.87 34.07 -44.59
N ASP F 261 -3.24 34.92 -43.63
CA ASP F 261 -4.56 35.51 -43.52
C ASP F 261 -4.69 36.69 -44.48
N CYS F 262 -5.91 37.03 -44.89
CA CYS F 262 -6.17 38.22 -45.67
C CYS F 262 -7.32 39.05 -45.08
N ASP F 263 -7.28 40.32 -45.44
CA ASP F 263 -8.37 41.26 -45.30
C ASP F 263 -9.50 40.96 -46.27
N GLU F 264 -10.71 41.34 -45.91
CA GLU F 264 -11.84 41.19 -46.84
C GLU F 264 -11.64 41.85 -48.22
N HIS F 265 -10.94 42.99 -48.24
CA HIS F 265 -10.63 43.73 -49.47
C HIS F 265 -9.26 43.42 -50.08
N SER F 266 -8.46 42.59 -49.44
CA SER F 266 -7.08 42.37 -49.91
C SER F 266 -7.08 41.60 -51.26
N THR F 267 -6.17 41.93 -52.17
CA THR F 267 -5.97 41.19 -53.43
C THR F 267 -4.94 40.10 -53.08
N GLU F 268 -5.32 38.84 -52.99
CA GLU F 268 -4.49 37.81 -52.32
C GLU F 268 -3.34 37.28 -53.14
N SER F 269 -2.36 36.67 -52.46
CA SER F 269 -1.42 35.67 -53.09
C SER F 269 -2.10 34.28 -53.45
N ARG F 270 -3.12 34.38 -54.33
CA ARG F 270 -4.08 33.28 -54.59
C ARG F 270 -4.47 32.66 -53.19
N CYS F 271 -4.01 31.48 -52.78
CA CYS F 271 -4.59 30.86 -51.61
C CYS F 271 -4.39 31.61 -50.33
N CYS F 272 -5.50 31.96 -49.68
CA CYS F 272 -5.48 32.76 -48.45
C CYS F 272 -6.73 32.50 -47.60
N ARG F 273 -6.66 32.80 -46.30
CA ARG F 273 -7.82 32.69 -45.38
C ARG F 273 -8.56 34.02 -45.30
N TYR F 274 -9.88 33.98 -45.51
CA TYR F 274 -10.72 35.19 -45.56
C TYR F 274 -11.75 35.11 -44.45
N PRO F 275 -12.02 36.22 -43.73
CA PRO F 275 -12.99 36.21 -42.60
C PRO F 275 -14.42 36.03 -43.00
N LEU F 276 -15.17 35.22 -42.25
CA LEU F 276 -16.61 34.99 -42.48
C LEU F 276 -17.34 34.76 -41.14
N THR F 277 -18.29 35.60 -40.80
CA THR F 277 -18.98 35.55 -39.50
C THR F 277 -20.40 35.01 -39.73
N VAL F 278 -20.78 33.99 -38.98
CA VAL F 278 -22.07 33.34 -39.14
C VAL F 278 -22.90 33.84 -38.00
N ASP F 279 -23.99 34.56 -38.29
CA ASP F 279 -24.88 35.13 -37.29
C ASP F 279 -26.21 34.44 -37.35
N PHE F 280 -26.46 33.57 -36.38
CA PHE F 280 -27.65 32.75 -36.33
C PHE F 280 -28.90 33.59 -36.08
N GLU F 281 -28.75 34.70 -35.36
CA GLU F 281 -29.85 35.62 -35.11
C GLU F 281 -30.32 36.29 -36.39
N ALA F 282 -29.39 36.55 -37.28
CA ALA F 282 -29.67 37.06 -38.63
C ALA F 282 -30.48 36.11 -39.50
N PHE F 283 -30.32 34.80 -39.34
CA PHE F 283 -31.12 33.84 -40.09
C PHE F 283 -32.40 33.55 -39.39
N GLY F 284 -32.66 34.15 -38.22
CA GLY F 284 -33.84 33.73 -37.38
C GLY F 284 -33.81 32.28 -36.86
N TRP F 285 -32.60 31.85 -36.52
CA TRP F 285 -32.33 30.57 -35.93
C TRP F 285 -32.12 30.89 -34.47
N ASP F 286 -33.22 31.27 -33.82
CA ASP F 286 -33.18 31.73 -32.44
C ASP F 286 -33.06 30.59 -31.45
N TRP F 287 -33.39 29.38 -31.90
CA TRP F 287 -33.10 28.18 -31.13
C TRP F 287 -31.67 27.98 -30.63
N ILE F 288 -30.69 28.62 -31.26
CA ILE F 288 -29.32 28.50 -30.82
C ILE F 288 -29.10 29.53 -29.76
N ILE F 289 -28.84 29.11 -28.53
CA ILE F 289 -28.72 30.06 -27.39
C ILE F 289 -27.33 30.68 -27.40
N ALA F 290 -26.34 29.85 -27.61
CA ALA F 290 -25.00 30.31 -27.63
C ALA F 290 -24.23 29.53 -28.66
N PRO F 291 -23.07 30.06 -29.04
CA PRO F 291 -22.88 31.37 -29.61
C PRO F 291 -23.99 31.99 -30.49
N LYS F 292 -24.30 33.27 -30.27
CA LYS F 292 -25.08 34.02 -31.23
C LYS F 292 -24.42 34.15 -32.59
N ARG F 293 -23.11 34.29 -32.59
CA ARG F 293 -22.30 34.30 -33.76
C ARG F 293 -20.99 33.63 -33.56
N TYR F 294 -20.35 33.26 -34.66
CA TYR F 294 -19.00 32.77 -34.60
C TYR F 294 -18.28 33.03 -35.93
N LYS F 295 -16.96 33.10 -35.87
CA LYS F 295 -16.14 33.24 -37.07
C LYS F 295 -15.81 31.90 -37.66
N ALA F 296 -16.38 31.64 -38.81
CA ALA F 296 -16.16 30.38 -39.50
C ALA F 296 -14.97 30.49 -40.41
N ASN F 297 -14.87 31.60 -41.16
CA ASN F 297 -13.82 31.82 -42.21
C ASN F 297 -13.98 30.91 -43.48
N TYR F 298 -13.17 31.14 -44.51
CA TYR F 298 -13.12 30.30 -45.72
C TYR F 298 -11.82 30.51 -46.47
N CYS F 299 -11.59 29.69 -47.50
CA CYS F 299 -10.35 29.73 -48.28
C CYS F 299 -10.59 30.12 -49.72
N SER F 300 -9.82 31.10 -50.23
CA SER F 300 -9.81 31.45 -51.68
C SER F 300 -8.54 32.20 -52.06
N CYS F 329 -5.81 23.18 -55.51
CA CYS F 329 -7.05 23.75 -54.92
C CYS F 329 -6.86 24.40 -53.53
N CYS F 330 -7.30 25.65 -53.39
CA CYS F 330 -7.15 26.39 -52.16
C CYS F 330 -8.29 26.05 -51.20
N THR F 331 -7.92 25.30 -50.16
CA THR F 331 -8.84 24.53 -49.27
C THR F 331 -8.30 24.56 -47.83
N PRO F 332 -9.19 24.43 -46.82
CA PRO F 332 -8.70 24.42 -45.43
C PRO F 332 -7.76 23.25 -45.10
N THR F 333 -6.68 23.61 -44.45
CA THR F 333 -5.65 22.66 -44.04
C THR F 333 -5.86 22.28 -42.57
N LYS F 334 -6.49 23.14 -41.78
CA LYS F 334 -6.66 22.92 -40.35
C LYS F 334 -7.94 23.61 -39.88
N MET F 335 -8.75 22.90 -39.09
CA MET F 335 -10.01 23.40 -38.57
C MET F 335 -10.12 23.22 -37.06
N SER F 336 -11.02 23.95 -36.40
CA SER F 336 -11.31 23.72 -34.99
C SER F 336 -12.82 23.63 -34.76
N PRO F 337 -13.21 23.13 -33.56
CA PRO F 337 -14.61 22.94 -33.31
C PRO F 337 -15.20 24.20 -32.67
N ILE F 338 -16.50 24.22 -32.48
CA ILE F 338 -17.12 25.14 -31.52
C ILE F 338 -18.06 24.36 -30.63
N ASN F 339 -18.31 24.92 -29.47
CA ASN F 339 -19.31 24.38 -28.58
C ASN F 339 -20.60 25.13 -28.86
N MET F 340 -21.74 24.47 -28.79
CA MET F 340 -23.03 25.12 -29.04
C MET F 340 -24.06 24.70 -28.02
N LEU F 341 -24.78 25.67 -27.47
CA LEU F 341 -25.91 25.45 -26.58
C LEU F 341 -27.13 25.75 -27.37
N TYR F 342 -27.96 24.76 -27.63
CA TYR F 342 -29.15 24.97 -28.48
C TYR F 342 -30.39 24.17 -28.10
N PHE F 343 -31.57 24.63 -28.50
CA PHE F 343 -32.78 23.84 -28.38
C PHE F 343 -32.82 22.86 -29.56
N ASN F 344 -33.10 21.59 -29.34
CA ASN F 344 -33.23 20.63 -30.45
C ASN F 344 -34.64 20.51 -30.94
N GLY F 345 -35.58 21.24 -30.33
CA GLY F 345 -37.00 21.17 -30.69
C GLY F 345 -37.74 19.90 -30.24
N LYS F 346 -37.15 19.17 -29.29
CA LYS F 346 -37.74 17.99 -28.65
C LYS F 346 -37.89 18.26 -27.13
N GLU F 347 -38.24 19.49 -26.72
CA GLU F 347 -38.28 19.88 -25.30
C GLU F 347 -36.90 19.71 -24.56
N GLN F 348 -35.78 19.68 -25.29
CA GLN F 348 -34.44 19.59 -24.68
C GLN F 348 -33.51 20.73 -25.14
N ILE F 349 -32.68 21.24 -24.24
CA ILE F 349 -31.59 22.12 -24.57
C ILE F 349 -30.35 21.21 -24.57
N ILE F 350 -29.53 21.23 -25.63
CA ILE F 350 -28.31 20.45 -25.64
C ILE F 350 -27.08 21.32 -25.66
N TYR F 351 -26.05 20.93 -24.94
CA TYR F 351 -24.75 21.53 -25.05
C TYR F 351 -23.82 20.51 -25.68
N GLY F 352 -23.20 20.85 -26.81
CA GLY F 352 -22.42 19.89 -27.61
C GLY F 352 -21.18 20.52 -28.22
N LYS F 353 -20.24 19.68 -28.63
CA LYS F 353 -19.02 20.09 -29.30
C LYS F 353 -19.15 19.71 -30.74
N ILE F 354 -19.15 20.70 -31.63
CA ILE F 354 -19.28 20.47 -33.07
C ILE F 354 -17.91 20.59 -33.74
N PRO F 355 -17.36 19.49 -34.22
CA PRO F 355 -16.04 19.49 -34.89
C PRO F 355 -16.01 20.23 -36.27
N ALA F 356 -14.82 20.70 -36.66
CA ALA F 356 -14.61 21.32 -38.02
C ALA F 356 -15.63 22.42 -38.45
N MET F 357 -15.78 23.40 -37.58
CA MET F 357 -16.68 24.53 -37.81
C MET F 357 -15.95 25.81 -38.23
N VAL F 358 -14.75 25.98 -37.71
CA VAL F 358 -13.92 27.12 -37.95
C VAL F 358 -12.69 26.71 -38.77
N VAL F 359 -12.44 27.40 -39.89
CA VAL F 359 -11.16 27.24 -40.60
C VAL F 359 -10.04 28.08 -39.97
N ASP F 360 -8.98 27.39 -39.53
CA ASP F 360 -7.83 28.02 -38.88
C ASP F 360 -6.71 28.41 -39.82
N ARG F 361 -6.43 27.52 -40.77
CA ARG F 361 -5.30 27.70 -41.74
C ARG F 361 -5.78 27.12 -43.06
N CYS F 362 -5.48 27.77 -44.18
CA CYS F 362 -5.64 27.05 -45.47
C CYS F 362 -4.35 26.82 -46.22
N GLY F 363 -4.41 25.85 -47.13
CA GLY F 363 -3.29 25.58 -48.01
C GLY F 363 -3.74 25.06 -49.35
N CYS F 364 -2.77 24.93 -50.26
CA CYS F 364 -3.06 24.44 -51.58
C CYS F 364 -2.99 22.91 -51.56
N SER F 365 -3.87 22.31 -52.38
CA SER F 365 -4.00 20.85 -52.53
C SER F 365 -3.90 20.47 -54.06
C1 GOL G . 54.22 -14.53 -0.09
O1 GOL G . 54.34 -15.96 0.10
C2 GOL G . 55.29 -13.85 -1.01
O2 GOL G . 55.67 -12.59 -0.39
C3 GOL G . 54.83 -13.57 -2.46
O3 GOL G . 55.34 -14.44 -3.51
#